data_2RRD
#
_entry.id   2RRD
#
_entity_poly.entity_id   1
_entity_poly.type   'polypeptide(L)'
_entity_poly.pdbx_seq_one_letter_code
;GIPEFKQKALVAKVSQREEMVKKCLGELTEVCKSLGKVFGVHYFNIFNTVTLKKLAESLSSDPEVLLQIDGVTEDKLEKY
GAEVISVLQKYSEWTSPAEDS
;
_entity_poly.pdbx_strand_id   A
#
# COMPACT_ATOMS: atom_id res chain seq x y z
N GLY A 1 -15.94 9.01 25.24
CA GLY A 1 -16.84 8.56 26.33
C GLY A 1 -17.08 7.05 26.31
N ILE A 2 -17.48 6.54 25.15
CA ILE A 2 -17.75 5.12 24.99
C ILE A 2 -16.70 4.46 24.10
N PRO A 3 -15.54 4.08 24.68
CA PRO A 3 -14.46 3.44 23.93
C PRO A 3 -14.80 2.00 23.53
N GLU A 4 -14.21 1.55 22.43
CA GLU A 4 -14.45 0.19 21.94
C GLU A 4 -13.27 -0.71 22.23
N PHE A 5 -13.52 -1.81 22.94
CA PHE A 5 -12.46 -2.75 23.29
C PHE A 5 -12.84 -4.17 22.87
N LYS A 6 -11.88 -5.08 22.97
CA LYS A 6 -12.10 -6.48 22.61
C LYS A 6 -12.26 -6.64 21.10
N GLN A 7 -11.97 -5.58 20.34
CA GLN A 7 -12.09 -5.62 18.89
C GLN A 7 -13.42 -6.23 18.45
N LYS A 8 -13.51 -6.57 17.17
CA LYS A 8 -14.73 -7.17 16.63
C LYS A 8 -14.47 -8.62 16.19
N ALA A 9 -13.56 -8.78 15.25
CA ALA A 9 -13.22 -10.11 14.75
C ALA A 9 -11.74 -10.42 14.95
N LEU A 10 -11.40 -11.00 16.09
CA LEU A 10 -10.03 -11.34 16.41
C LEU A 10 -9.53 -12.48 15.54
N VAL A 11 -8.29 -12.36 15.06
CA VAL A 11 -7.70 -13.38 14.21
C VAL A 11 -6.24 -13.05 13.89
N ALA A 12 -5.32 -13.80 14.51
CA ALA A 12 -3.90 -13.59 14.29
C ALA A 12 -3.49 -12.17 14.70
N LYS A 13 -2.19 -11.91 14.67
CA LYS A 13 -1.67 -10.60 15.04
C LYS A 13 -0.42 -10.26 14.22
N VAL A 14 0.65 -11.01 14.44
CA VAL A 14 1.90 -10.79 13.74
C VAL A 14 2.22 -11.97 12.81
N SER A 15 1.49 -12.08 11.72
CA SER A 15 1.69 -13.15 10.75
C SER A 15 1.03 -12.82 9.42
N GLN A 16 -0.25 -12.48 9.47
CA GLN A 16 -1.00 -12.13 8.26
C GLN A 16 -0.52 -10.81 7.68
N ARG A 17 -0.13 -9.89 8.57
CA ARG A 17 0.34 -8.57 8.15
C ARG A 17 1.68 -8.69 7.42
N GLU A 18 2.53 -9.59 7.90
CA GLU A 18 3.84 -9.80 7.30
C GLU A 18 3.71 -10.22 5.84
N GLU A 19 2.78 -11.12 5.58
CA GLU A 19 2.54 -11.60 4.22
C GLU A 19 1.80 -10.57 3.39
N MET A 20 1.12 -9.64 4.07
CA MET A 20 0.37 -8.59 3.39
C MET A 20 1.29 -7.47 2.89
N VAL A 21 2.25 -7.08 3.73
CA VAL A 21 3.19 -6.03 3.35
C VAL A 21 4.07 -6.47 2.19
N LYS A 22 4.44 -7.75 2.19
CA LYS A 22 5.27 -8.29 1.13
C LYS A 22 4.55 -8.23 -0.20
N LYS A 23 3.30 -8.66 -0.21
CA LYS A 23 2.48 -8.64 -1.42
C LYS A 23 2.38 -7.23 -1.98
N CYS A 24 2.39 -6.25 -1.09
CA CYS A 24 2.32 -4.85 -1.49
C CYS A 24 3.53 -4.47 -2.33
N LEU A 25 4.68 -5.01 -1.97
CA LEU A 25 5.92 -4.73 -2.68
C LEU A 25 5.80 -5.19 -4.14
N GLY A 26 5.19 -6.35 -4.34
CA GLY A 26 5.03 -6.89 -5.68
C GLY A 26 3.95 -6.18 -6.46
N GLU A 27 2.75 -6.10 -5.89
CA GLU A 27 1.62 -5.44 -6.54
C GLU A 27 1.99 -4.01 -6.95
N LEU A 28 2.61 -3.28 -6.03
CA LEU A 28 3.01 -1.90 -6.31
C LEU A 28 3.98 -1.84 -7.49
N THR A 29 4.76 -2.90 -7.66
CA THR A 29 5.73 -2.96 -8.75
C THR A 29 5.02 -2.84 -10.09
N GLU A 30 3.95 -3.61 -10.26
CA GLU A 30 3.18 -3.58 -11.50
C GLU A 30 2.65 -2.18 -11.80
N VAL A 31 1.85 -1.65 -10.88
CA VAL A 31 1.28 -0.31 -11.04
C VAL A 31 2.37 0.71 -11.36
N CYS A 32 3.51 0.58 -10.68
CA CYS A 32 4.62 1.50 -10.89
C CYS A 32 5.09 1.45 -12.35
N LYS A 33 5.34 0.25 -12.85
CA LYS A 33 5.78 0.06 -14.22
C LYS A 33 4.77 0.63 -15.21
N SER A 34 3.50 0.26 -15.01
CA SER A 34 2.43 0.73 -15.87
C SER A 34 2.36 2.26 -15.90
N LEU A 35 2.76 2.87 -14.79
CA LEU A 35 2.76 4.33 -14.67
C LEU A 35 3.93 4.93 -15.44
N GLY A 36 5.03 4.17 -15.52
CA GLY A 36 6.21 4.66 -16.23
C GLY A 36 6.02 4.66 -17.73
N LYS A 37 5.51 3.55 -18.26
CA LYS A 37 5.28 3.43 -19.70
C LYS A 37 4.33 4.51 -20.20
N VAL A 38 3.49 5.02 -19.31
CA VAL A 38 2.53 6.05 -19.66
C VAL A 38 3.09 7.45 -19.45
N PHE A 39 3.92 7.60 -18.42
CA PHE A 39 4.52 8.89 -18.12
C PHE A 39 5.93 9.01 -18.71
N GLY A 40 6.23 8.15 -19.69
CA GLY A 40 7.53 8.18 -20.33
C GLY A 40 8.68 8.15 -19.34
N VAL A 41 8.54 7.36 -18.28
CA VAL A 41 9.57 7.25 -17.26
C VAL A 41 9.86 5.80 -16.92
N HIS A 42 11.00 5.56 -16.29
CA HIS A 42 11.40 4.20 -15.90
C HIS A 42 10.73 3.78 -14.60
N TYR A 43 10.72 2.48 -14.35
CA TYR A 43 10.11 1.94 -13.13
C TYR A 43 10.66 2.63 -11.89
N PHE A 44 11.98 2.62 -11.75
CA PHE A 44 12.63 3.24 -10.60
C PHE A 44 12.28 4.74 -10.51
N ASN A 45 11.91 5.31 -11.64
CA ASN A 45 11.55 6.73 -11.68
C ASN A 45 10.32 7.01 -10.83
N ILE A 46 9.44 6.03 -10.72
CA ILE A 46 8.22 6.17 -9.93
C ILE A 46 8.53 6.20 -8.44
N PHE A 47 8.98 5.07 -7.91
CA PHE A 47 9.31 4.95 -6.49
C PHE A 47 10.61 4.18 -6.29
N ASN A 48 11.40 4.59 -5.29
CA ASN A 48 12.65 3.93 -4.99
C ASN A 48 12.44 2.73 -4.09
N THR A 49 13.45 1.87 -3.99
CA THR A 49 13.37 0.68 -3.15
C THR A 49 12.85 1.02 -1.75
N VAL A 50 13.37 2.10 -1.19
CA VAL A 50 12.96 2.53 0.15
C VAL A 50 11.48 2.90 0.18
N THR A 51 10.97 3.37 -0.96
CA THR A 51 9.58 3.77 -1.07
C THR A 51 8.67 2.54 -1.16
N LEU A 52 9.01 1.62 -2.06
CA LEU A 52 8.22 0.40 -2.25
C LEU A 52 8.02 -0.32 -0.92
N LYS A 53 9.10 -0.47 -0.15
CA LYS A 53 9.04 -1.14 1.14
C LYS A 53 8.19 -0.34 2.12
N LYS A 54 8.28 0.97 2.04
CA LYS A 54 7.52 1.85 2.92
C LYS A 54 6.02 1.63 2.74
N LEU A 55 5.55 1.78 1.50
CA LEU A 55 4.13 1.58 1.20
C LEU A 55 3.64 0.23 1.70
N ALA A 56 4.56 -0.72 1.83
CA ALA A 56 4.21 -2.06 2.30
C ALA A 56 4.28 -2.16 3.82
N GLU A 57 5.45 -1.89 4.38
CA GLU A 57 5.65 -1.95 5.83
C GLU A 57 4.49 -1.29 6.57
N SER A 58 3.88 -0.29 5.95
CA SER A 58 2.75 0.42 6.55
C SER A 58 1.44 -0.24 6.16
N LEU A 59 1.33 -0.64 4.89
CA LEU A 59 0.12 -1.28 4.39
C LEU A 59 -1.09 -0.38 4.55
N SER A 60 -0.87 0.93 4.58
CA SER A 60 -1.95 1.89 4.73
C SER A 60 -1.98 2.87 3.56
N SER A 61 -3.11 2.90 2.85
CA SER A 61 -3.26 3.79 1.70
C SER A 61 -3.69 5.18 2.15
N ASP A 62 -2.72 6.00 2.54
CA ASP A 62 -2.99 7.36 2.99
C ASP A 62 -2.18 8.37 2.18
N PRO A 63 -2.71 9.58 1.96
CA PRO A 63 -2.03 10.62 1.20
C PRO A 63 -0.91 11.28 2.02
N GLU A 64 -1.21 11.58 3.28
CA GLU A 64 -0.24 12.21 4.16
C GLU A 64 0.82 11.20 4.61
N VAL A 65 0.39 9.96 4.81
CA VAL A 65 1.29 8.89 5.24
C VAL A 65 2.27 8.54 4.14
N LEU A 66 1.76 8.44 2.91
CA LEU A 66 2.60 8.10 1.76
C LEU A 66 3.48 9.28 1.36
N LEU A 67 3.13 10.48 1.81
CA LEU A 67 3.90 11.67 1.50
C LEU A 67 5.20 11.70 2.28
N GLN A 68 5.15 11.23 3.53
CA GLN A 68 6.33 11.20 4.39
C GLN A 68 7.29 10.09 3.99
N ILE A 69 6.91 9.28 3.01
CA ILE A 69 7.75 8.18 2.55
C ILE A 69 9.06 8.70 1.95
N ASP A 70 10.14 7.94 2.15
CA ASP A 70 11.44 8.34 1.62
C ASP A 70 11.44 8.34 0.10
N GLY A 71 11.62 9.52 -0.48
CA GLY A 71 11.64 9.64 -1.93
C GLY A 71 10.35 10.19 -2.49
N VAL A 72 9.23 9.83 -1.86
CA VAL A 72 7.92 10.29 -2.31
C VAL A 72 7.71 11.77 -1.98
N THR A 73 7.08 12.48 -2.91
CA THR A 73 6.81 13.90 -2.72
C THR A 73 5.37 14.23 -3.05
N GLU A 74 5.01 15.50 -2.95
CA GLU A 74 3.65 15.94 -3.24
C GLU A 74 3.29 15.68 -4.70
N ASP A 75 4.29 15.72 -5.57
CA ASP A 75 4.08 15.49 -6.99
C ASP A 75 3.89 14.00 -7.28
N LYS A 76 4.50 13.15 -6.46
CA LYS A 76 4.41 11.71 -6.64
C LYS A 76 3.11 11.17 -6.05
N LEU A 77 2.65 11.79 -4.96
CA LEU A 77 1.42 11.37 -4.32
C LEU A 77 0.20 11.93 -5.03
N GLU A 78 0.39 13.00 -5.80
CA GLU A 78 -0.70 13.62 -6.53
C GLU A 78 -0.83 13.03 -7.93
N LYS A 79 0.28 12.55 -8.49
CA LYS A 79 0.27 11.96 -9.82
C LYS A 79 0.17 10.44 -9.75
N TYR A 80 1.13 9.82 -9.07
CA TYR A 80 1.16 8.37 -8.95
C TYR A 80 0.22 7.89 -7.83
N GLY A 81 0.00 8.74 -6.84
CA GLY A 81 -0.86 8.39 -5.73
C GLY A 81 -2.19 7.78 -6.18
N ALA A 82 -2.79 8.37 -7.20
CA ALA A 82 -4.05 7.88 -7.74
C ALA A 82 -3.94 6.43 -8.18
N GLU A 83 -2.73 6.02 -8.58
CA GLU A 83 -2.49 4.67 -9.03
C GLU A 83 -1.95 3.79 -7.92
N VAL A 84 -0.79 4.16 -7.38
CA VAL A 84 -0.16 3.38 -6.30
C VAL A 84 -1.14 3.12 -5.16
N ILE A 85 -1.89 4.16 -4.77
CA ILE A 85 -2.86 4.02 -3.69
C ILE A 85 -4.02 3.13 -4.11
N SER A 86 -4.32 3.11 -5.41
CA SER A 86 -5.41 2.28 -5.92
C SER A 86 -5.18 0.83 -5.55
N VAL A 87 -3.91 0.45 -5.45
CA VAL A 87 -3.53 -0.92 -5.11
C VAL A 87 -3.38 -1.08 -3.59
N LEU A 88 -3.20 0.03 -2.89
CA LEU A 88 -3.02 0.00 -1.44
C LEU A 88 -4.36 0.03 -0.70
N GLN A 89 -5.40 0.50 -1.36
CA GLN A 89 -6.72 0.58 -0.75
C GLN A 89 -7.12 -0.76 -0.16
N LYS A 90 -6.74 -1.84 -0.84
CA LYS A 90 -7.06 -3.19 -0.39
C LYS A 90 -6.46 -3.45 0.99
N TYR A 91 -5.20 -3.07 1.17
CA TYR A 91 -4.52 -3.27 2.44
C TYR A 91 -5.24 -2.52 3.56
N SER A 92 -5.72 -1.32 3.25
CA SER A 92 -6.44 -0.51 4.23
C SER A 92 -7.61 -1.29 4.82
N GLU A 93 -8.17 -2.20 4.02
CA GLU A 93 -9.29 -3.02 4.45
C GLU A 93 -8.82 -4.26 5.20
N TRP A 94 -7.61 -4.71 4.86
CA TRP A 94 -7.04 -5.89 5.50
C TRP A 94 -6.35 -5.53 6.81
N THR A 95 -5.82 -4.31 6.88
CA THR A 95 -5.14 -3.84 8.08
C THR A 95 -6.13 -3.59 9.21
N SER A 96 -7.28 -3.02 8.87
CA SER A 96 -8.31 -2.73 9.86
C SER A 96 -9.19 -3.95 10.11
N PRO A 97 -9.76 -4.05 11.32
CA PRO A 97 -10.63 -5.18 11.70
C PRO A 97 -11.96 -5.14 10.98
N ALA A 98 -12.73 -6.23 11.10
CA ALA A 98 -14.03 -6.33 10.45
C ALA A 98 -13.91 -6.17 8.95
N GLU A 99 -14.96 -6.56 8.23
CA GLU A 99 -14.98 -6.46 6.78
C GLU A 99 -16.40 -6.44 6.24
N ASP A 100 -17.07 -5.30 6.39
CA ASP A 100 -18.44 -5.14 5.93
C ASP A 100 -18.49 -4.34 4.63
N SER A 101 -19.62 -4.42 3.94
CA SER A 101 -19.80 -3.69 2.69
C SER A 101 -21.28 -3.41 2.42
N GLY A 1 -30.92 -26.20 0.66
CA GLY A 1 -31.15 -24.76 1.00
C GLY A 1 -30.02 -24.18 1.83
N ILE A 2 -28.80 -24.30 1.32
CA ILE A 2 -27.63 -23.78 2.02
C ILE A 2 -27.06 -22.56 1.30
N PRO A 3 -27.41 -21.35 1.77
CA PRO A 3 -26.92 -20.11 1.16
C PRO A 3 -25.42 -19.92 1.35
N GLU A 4 -24.93 -18.74 0.97
CA GLU A 4 -23.50 -18.43 1.10
C GLU A 4 -23.29 -17.19 1.97
N PHE A 5 -22.35 -17.29 2.90
CA PHE A 5 -22.04 -16.18 3.80
C PHE A 5 -20.55 -15.86 3.76
N LYS A 6 -20.23 -14.58 3.95
CA LYS A 6 -18.85 -14.12 3.94
C LYS A 6 -18.05 -14.78 5.06
N GLN A 7 -16.81 -15.15 4.76
CA GLN A 7 -15.94 -15.79 5.75
C GLN A 7 -15.27 -14.75 6.63
N LYS A 8 -15.41 -14.90 7.95
CA LYS A 8 -14.80 -13.98 8.90
C LYS A 8 -13.28 -13.99 8.78
N ALA A 9 -12.64 -13.11 9.54
CA ALA A 9 -11.18 -13.01 9.52
C ALA A 9 -10.66 -12.24 10.72
N LEU A 10 -10.31 -12.97 11.78
CA LEU A 10 -9.80 -12.35 12.99
C LEU A 10 -8.28 -12.37 13.02
N VAL A 11 -7.69 -11.56 13.90
CA VAL A 11 -6.24 -11.49 14.02
C VAL A 11 -5.78 -12.03 15.36
N ALA A 12 -4.60 -12.66 15.37
CA ALA A 12 -4.04 -13.23 16.59
C ALA A 12 -2.52 -13.26 16.52
N LYS A 13 -1.98 -13.77 15.42
CA LYS A 13 -0.54 -13.87 15.23
C LYS A 13 -0.06 -12.82 14.23
N VAL A 14 1.22 -12.47 14.32
CA VAL A 14 1.81 -11.49 13.42
C VAL A 14 2.45 -12.15 12.21
N SER A 15 1.74 -13.11 11.63
CA SER A 15 2.24 -13.83 10.46
C SER A 15 1.56 -13.35 9.19
N GLN A 16 0.26 -13.09 9.28
CA GLN A 16 -0.52 -12.62 8.14
C GLN A 16 -0.10 -11.21 7.75
N ARG A 17 0.23 -10.40 8.75
CA ARG A 17 0.64 -9.02 8.52
C ARG A 17 1.90 -8.97 7.66
N GLU A 18 2.91 -9.74 8.04
CA GLU A 18 4.17 -9.79 7.31
C GLU A 18 3.94 -10.23 5.87
N GLU A 19 2.92 -11.07 5.66
CA GLU A 19 2.60 -11.57 4.33
C GLU A 19 1.86 -10.52 3.51
N MET A 20 1.10 -9.67 4.20
CA MET A 20 0.33 -8.62 3.54
C MET A 20 1.26 -7.50 3.06
N VAL A 21 2.14 -7.04 3.95
CA VAL A 21 3.07 -5.98 3.62
C VAL A 21 3.93 -6.35 2.42
N LYS A 22 4.39 -7.61 2.40
CA LYS A 22 5.22 -8.10 1.31
C LYS A 22 4.46 -8.01 -0.01
N LYS A 23 3.17 -8.36 0.03
CA LYS A 23 2.33 -8.33 -1.16
C LYS A 23 2.28 -6.92 -1.74
N CYS A 24 2.40 -5.92 -0.86
CA CYS A 24 2.37 -4.53 -1.29
C CYS A 24 3.59 -4.20 -2.12
N LEU A 25 4.73 -4.80 -1.76
CA LEU A 25 5.98 -4.57 -2.47
C LEU A 25 5.86 -5.01 -3.92
N GLY A 26 5.25 -6.18 -4.13
CA GLY A 26 5.10 -6.71 -5.48
C GLY A 26 3.98 -6.02 -6.25
N GLU A 27 2.84 -5.84 -5.59
CA GLU A 27 1.69 -5.19 -6.23
C GLU A 27 2.04 -3.77 -6.68
N LEU A 28 2.62 -2.99 -5.77
CA LEU A 28 3.00 -1.62 -6.08
C LEU A 28 3.99 -1.57 -7.23
N THR A 29 4.78 -2.63 -7.39
CA THR A 29 5.76 -2.70 -8.46
C THR A 29 5.06 -2.65 -9.81
N GLU A 30 3.99 -3.40 -9.96
CA GLU A 30 3.23 -3.43 -11.20
C GLU A 30 2.71 -2.04 -11.55
N VAL A 31 1.90 -1.47 -10.65
CA VAL A 31 1.35 -0.14 -10.86
C VAL A 31 2.43 0.88 -11.16
N CYS A 32 3.59 0.68 -10.53
CA CYS A 32 4.73 1.57 -10.73
C CYS A 32 5.20 1.54 -12.19
N LYS A 33 5.47 0.33 -12.68
CA LYS A 33 5.93 0.16 -14.06
C LYS A 33 4.90 0.70 -15.04
N SER A 34 3.65 0.26 -14.88
CA SER A 34 2.57 0.70 -15.76
C SER A 34 2.46 2.22 -15.77
N LEU A 35 2.84 2.84 -14.65
CA LEU A 35 2.78 4.30 -14.54
C LEU A 35 3.87 4.96 -15.38
N GLY A 36 4.96 4.23 -15.60
CA GLY A 36 6.05 4.76 -16.39
C GLY A 36 5.78 4.72 -17.88
N LYS A 37 5.06 3.69 -18.32
CA LYS A 37 4.73 3.54 -19.74
C LYS A 37 3.63 4.52 -20.16
N VAL A 38 2.80 4.92 -19.19
CA VAL A 38 1.72 5.85 -19.47
C VAL A 38 2.18 7.30 -19.35
N PHE A 39 3.07 7.56 -18.40
CA PHE A 39 3.59 8.90 -18.18
C PHE A 39 4.88 9.12 -18.98
N GLY A 40 5.58 8.04 -19.28
CA GLY A 40 6.81 8.14 -20.04
C GLY A 40 8.04 8.20 -19.15
N VAL A 41 7.94 7.61 -17.97
CA VAL A 41 9.06 7.60 -17.03
C VAL A 41 9.52 6.17 -16.72
N HIS A 42 10.73 6.05 -16.21
CA HIS A 42 11.28 4.73 -15.88
C HIS A 42 10.63 4.16 -14.63
N TYR A 43 10.78 2.85 -14.43
CA TYR A 43 10.20 2.18 -13.28
C TYR A 43 10.74 2.78 -11.98
N PHE A 44 12.06 2.90 -11.89
CA PHE A 44 12.70 3.46 -10.71
C PHE A 44 12.31 4.92 -10.51
N ASN A 45 12.02 5.60 -11.62
CA ASN A 45 11.65 7.01 -11.57
C ASN A 45 10.41 7.22 -10.71
N ILE A 46 9.55 6.21 -10.65
CA ILE A 46 8.33 6.28 -9.86
C ILE A 46 8.65 6.29 -8.37
N PHE A 47 9.16 5.17 -7.88
CA PHE A 47 9.52 5.05 -6.47
C PHE A 47 10.84 4.31 -6.30
N ASN A 48 11.33 4.25 -5.06
CA ASN A 48 12.58 3.57 -4.77
C ASN A 48 12.34 2.35 -3.89
N THR A 49 13.34 1.47 -3.81
CA THR A 49 13.24 0.26 -3.01
C THR A 49 12.81 0.58 -1.58
N VAL A 50 13.26 1.73 -1.08
CA VAL A 50 12.92 2.16 0.28
C VAL A 50 11.47 2.63 0.36
N THR A 51 10.96 3.16 -0.75
CA THR A 51 9.59 3.64 -0.80
C THR A 51 8.59 2.48 -0.73
N LEU A 52 8.75 1.51 -1.64
CA LEU A 52 7.87 0.36 -1.67
C LEU A 52 7.80 -0.34 -0.32
N LYS A 53 8.97 -0.63 0.25
CA LYS A 53 9.04 -1.29 1.56
C LYS A 53 8.29 -0.49 2.61
N LYS A 54 8.27 0.83 2.45
CA LYS A 54 7.58 1.71 3.40
C LYS A 54 6.07 1.53 3.27
N LEU A 55 5.54 1.79 2.09
CA LEU A 55 4.10 1.64 1.85
C LEU A 55 3.63 0.23 2.21
N ALA A 56 4.54 -0.72 2.19
CA ALA A 56 4.22 -2.10 2.51
C ALA A 56 4.03 -2.30 4.01
N GLU A 57 5.08 -2.01 4.77
CA GLU A 57 5.04 -2.15 6.22
C GLU A 57 3.81 -1.43 6.80
N SER A 58 3.45 -0.31 6.20
CA SER A 58 2.30 0.46 6.64
C SER A 58 1.00 -0.29 6.37
N LEU A 59 0.83 -0.75 5.14
CA LEU A 59 -0.35 -1.50 4.75
C LEU A 59 -1.61 -0.62 4.85
N SER A 60 -1.48 0.63 4.44
CA SER A 60 -2.60 1.56 4.49
C SER A 60 -2.65 2.42 3.22
N SER A 61 -3.86 2.74 2.76
CA SER A 61 -4.02 3.55 1.56
C SER A 61 -4.28 5.01 1.92
N ASP A 62 -3.21 5.75 2.14
CA ASP A 62 -3.30 7.16 2.48
C ASP A 62 -2.46 8.00 1.53
N PRO A 63 -2.80 9.30 1.38
CA PRO A 63 -2.07 10.20 0.48
C PRO A 63 -0.88 10.87 1.15
N GLU A 64 -1.11 11.45 2.33
CA GLU A 64 -0.05 12.13 3.06
C GLU A 64 0.94 11.14 3.68
N VAL A 65 0.40 10.01 4.16
CA VAL A 65 1.23 8.98 4.77
C VAL A 65 2.39 8.58 3.85
N LEU A 66 2.19 8.75 2.55
CA LEU A 66 3.20 8.39 1.57
C LEU A 66 4.18 9.55 1.36
N LEU A 67 3.70 10.77 1.56
CA LEU A 67 4.53 11.96 1.38
C LEU A 67 5.75 11.90 2.30
N GLN A 68 5.55 11.39 3.51
CA GLN A 68 6.64 11.28 4.48
C GLN A 68 7.60 10.16 4.11
N ILE A 69 7.21 9.34 3.12
CA ILE A 69 8.05 8.23 2.68
C ILE A 69 9.23 8.73 1.87
N ASP A 70 10.41 8.16 2.12
CA ASP A 70 11.62 8.55 1.42
C ASP A 70 11.47 8.32 -0.09
N GLY A 71 11.71 9.37 -0.87
CA GLY A 71 11.59 9.26 -2.32
C GLY A 71 10.28 9.80 -2.83
N VAL A 72 9.23 9.69 -2.03
CA VAL A 72 7.91 10.17 -2.42
C VAL A 72 7.74 11.64 -2.09
N THR A 73 7.62 12.46 -3.13
CA THR A 73 7.46 13.90 -2.96
C THR A 73 6.01 14.32 -3.20
N GLU A 74 5.76 15.63 -3.13
CA GLU A 74 4.42 16.16 -3.34
C GLU A 74 3.97 15.97 -4.78
N ASP A 75 4.92 15.75 -5.69
CA ASP A 75 4.61 15.56 -7.10
C ASP A 75 4.39 14.09 -7.42
N LYS A 76 5.18 13.23 -6.79
CA LYS A 76 5.06 11.78 -7.02
C LYS A 76 3.74 11.24 -6.47
N LEU A 77 3.31 11.79 -5.33
CA LEU A 77 2.08 11.35 -4.70
C LEU A 77 0.86 11.95 -5.39
N GLU A 78 1.05 13.08 -6.07
CA GLU A 78 -0.05 13.75 -6.76
C GLU A 78 -0.22 13.21 -8.17
N LYS A 79 0.86 12.71 -8.76
CA LYS A 79 0.83 12.18 -10.12
C LYS A 79 0.65 10.66 -10.12
N TYR A 80 1.07 10.00 -9.05
CA TYR A 80 0.97 8.55 -8.95
C TYR A 80 -0.02 8.12 -7.86
N GLY A 81 -0.25 9.00 -6.89
CA GLY A 81 -1.18 8.68 -5.81
C GLY A 81 -2.47 8.05 -6.29
N ALA A 82 -2.99 8.56 -7.40
CA ALA A 82 -4.24 8.04 -7.97
C ALA A 82 -4.09 6.59 -8.40
N GLU A 83 -2.86 6.20 -8.74
CA GLU A 83 -2.59 4.84 -9.18
C GLU A 83 -2.09 3.97 -8.03
N VAL A 84 -0.96 4.36 -7.43
CA VAL A 84 -0.38 3.61 -6.33
C VAL A 84 -1.43 3.26 -5.28
N ILE A 85 -2.13 4.28 -4.77
CA ILE A 85 -3.15 4.07 -3.77
C ILE A 85 -4.23 3.13 -4.27
N SER A 86 -4.44 3.12 -5.58
CA SER A 86 -5.45 2.25 -6.18
C SER A 86 -5.17 0.79 -5.82
N VAL A 87 -3.89 0.46 -5.67
CA VAL A 87 -3.48 -0.89 -5.33
C VAL A 87 -3.37 -1.07 -3.82
N LEU A 88 -3.25 0.05 -3.09
CA LEU A 88 -3.13 0.00 -1.64
C LEU A 88 -4.50 -0.05 -0.95
N GLN A 89 -5.55 0.27 -1.69
CA GLN A 89 -6.90 0.26 -1.14
C GLN A 89 -7.20 -1.09 -0.49
N LYS A 90 -6.69 -2.16 -1.08
CA LYS A 90 -6.91 -3.51 -0.57
C LYS A 90 -6.29 -3.67 0.81
N TYR A 91 -5.06 -3.16 0.97
CA TYR A 91 -4.36 -3.26 2.25
C TYR A 91 -5.15 -2.56 3.35
N SER A 92 -5.70 -1.40 3.03
CA SER A 92 -6.50 -0.63 3.99
C SER A 92 -7.63 -1.48 4.54
N GLU A 93 -8.15 -2.38 3.72
CA GLU A 93 -9.23 -3.26 4.13
C GLU A 93 -8.70 -4.43 4.95
N TRP A 94 -7.45 -4.80 4.71
CA TRP A 94 -6.83 -5.91 5.43
C TRP A 94 -6.09 -5.43 6.67
N THR A 95 -5.99 -4.11 6.84
CA THR A 95 -5.30 -3.53 7.99
C THR A 95 -6.05 -3.84 9.28
N SER A 96 -7.38 -3.93 9.18
CA SER A 96 -8.21 -4.22 10.34
C SER A 96 -8.82 -5.62 10.25
N PRO A 97 -8.91 -6.34 11.39
CA PRO A 97 -9.47 -7.69 11.42
C PRO A 97 -10.97 -7.71 11.15
N ALA A 98 -11.69 -6.81 11.81
CA ALA A 98 -13.14 -6.73 11.65
C ALA A 98 -13.52 -5.48 10.85
N GLU A 99 -14.81 -5.35 10.55
CA GLU A 99 -15.30 -4.21 9.79
C GLU A 99 -15.61 -3.04 10.72
N ASP A 100 -16.01 -3.35 11.95
CA ASP A 100 -16.33 -2.31 12.92
C ASP A 100 -16.51 -2.92 14.31
N SER A 101 -15.69 -3.92 14.62
CA SER A 101 -15.76 -4.59 15.92
C SER A 101 -14.47 -4.37 16.71
N GLY A 1 -22.99 -8.74 32.57
CA GLY A 1 -22.22 -9.97 32.21
C GLY A 1 -21.40 -9.80 30.95
N ILE A 2 -20.41 -8.92 31.01
CA ILE A 2 -19.54 -8.68 29.86
C ILE A 2 -18.13 -9.20 30.11
N PRO A 3 -17.44 -9.66 29.06
CA PRO A 3 -16.07 -10.19 29.17
C PRO A 3 -15.05 -9.09 29.41
N GLU A 4 -14.05 -9.41 30.23
CA GLU A 4 -13.00 -8.44 30.55
C GLU A 4 -11.75 -8.69 29.70
N PHE A 5 -11.96 -9.19 28.48
CA PHE A 5 -10.86 -9.47 27.58
C PHE A 5 -10.83 -8.47 26.42
N LYS A 6 -9.65 -8.30 25.82
CA LYS A 6 -9.49 -7.37 24.71
C LYS A 6 -9.37 -8.13 23.39
N GLN A 7 -10.26 -7.83 22.45
CA GLN A 7 -10.26 -8.48 21.15
C GLN A 7 -9.23 -7.83 20.23
N LYS A 8 -8.39 -8.66 19.61
CA LYS A 8 -7.37 -8.16 18.69
C LYS A 8 -7.70 -8.53 17.26
N ALA A 9 -8.36 -9.67 17.07
CA ALA A 9 -8.74 -10.14 15.76
C ALA A 9 -9.83 -11.20 15.84
N LEU A 10 -10.47 -11.47 14.70
CA LEU A 10 -11.54 -12.47 14.65
C LEU A 10 -11.55 -13.18 13.31
N VAL A 11 -10.37 -13.34 12.71
CA VAL A 11 -10.26 -14.00 11.41
C VAL A 11 -9.01 -14.88 11.37
N ALA A 12 -7.84 -14.25 11.51
CA ALA A 12 -6.58 -14.97 11.49
C ALA A 12 -5.85 -14.88 12.82
N LYS A 13 -5.14 -15.94 13.19
CA LYS A 13 -4.41 -15.97 14.44
C LYS A 13 -2.92 -15.71 14.21
N VAL A 14 -2.39 -16.29 13.14
CA VAL A 14 -0.98 -16.13 12.80
C VAL A 14 -0.70 -14.73 12.27
N SER A 15 0.56 -14.30 12.36
CA SER A 15 0.96 -12.98 11.89
C SER A 15 0.85 -12.89 10.37
N GLN A 16 -0.30 -12.42 9.89
CA GLN A 16 -0.54 -12.29 8.46
C GLN A 16 -0.01 -10.95 7.94
N ARG A 17 0.15 -9.99 8.85
CA ARG A 17 0.64 -8.66 8.48
C ARG A 17 1.95 -8.76 7.71
N GLU A 18 2.73 -9.80 7.99
CA GLU A 18 4.01 -10.01 7.31
C GLU A 18 3.81 -10.22 5.82
N GLU A 19 3.00 -11.22 5.46
CA GLU A 19 2.73 -11.52 4.06
C GLU A 19 2.08 -10.33 3.35
N MET A 20 1.40 -9.49 4.11
CA MET A 20 0.74 -8.32 3.55
C MET A 20 1.74 -7.35 2.94
N VAL A 21 2.62 -6.80 3.76
CA VAL A 21 3.62 -5.84 3.28
C VAL A 21 4.42 -6.42 2.10
N LYS A 22 4.80 -7.69 2.21
CA LYS A 22 5.55 -8.34 1.14
C LYS A 22 4.73 -8.35 -0.15
N LYS A 23 3.48 -8.75 -0.04
CA LYS A 23 2.58 -8.80 -1.19
C LYS A 23 2.44 -7.40 -1.80
N CYS A 24 2.51 -6.39 -0.96
CA CYS A 24 2.39 -5.00 -1.41
C CYS A 24 3.60 -4.61 -2.26
N LEU A 25 4.76 -5.15 -1.90
CA LEU A 25 5.98 -4.85 -2.63
C LEU A 25 5.86 -5.31 -4.08
N GLY A 26 5.22 -6.46 -4.29
CA GLY A 26 5.05 -6.98 -5.62
C GLY A 26 3.92 -6.28 -6.38
N GLU A 27 2.80 -6.07 -5.71
CA GLU A 27 1.65 -5.41 -6.32
C GLU A 27 2.02 -4.00 -6.79
N LEU A 28 2.61 -3.22 -5.89
CA LEU A 28 3.01 -1.86 -6.21
C LEU A 28 3.98 -1.84 -7.39
N THR A 29 4.78 -2.89 -7.50
CA THR A 29 5.76 -2.98 -8.59
C THR A 29 5.06 -2.95 -9.94
N GLU A 30 3.88 -3.58 -10.00
CA GLU A 30 3.11 -3.62 -11.24
C GLU A 30 2.60 -2.23 -11.60
N VAL A 31 1.82 -1.63 -10.70
CA VAL A 31 1.28 -0.29 -10.93
C VAL A 31 2.38 0.69 -11.31
N CYS A 32 3.54 0.55 -10.67
CA CYS A 32 4.67 1.44 -10.94
C CYS A 32 5.07 1.36 -12.41
N LYS A 33 5.25 0.15 -12.91
CA LYS A 33 5.64 -0.05 -14.31
C LYS A 33 4.58 0.52 -15.25
N SER A 34 3.33 0.16 -15.00
CA SER A 34 2.22 0.65 -15.83
C SER A 34 2.20 2.17 -15.87
N LEU A 35 2.75 2.80 -14.84
CA LEU A 35 2.79 4.25 -14.76
C LEU A 35 3.95 4.81 -15.58
N GLY A 36 5.02 4.03 -15.69
CA GLY A 36 6.19 4.47 -16.44
C GLY A 36 5.97 4.40 -17.95
N LYS A 37 5.12 3.48 -18.38
CA LYS A 37 4.82 3.32 -19.81
C LYS A 37 3.88 4.41 -20.30
N VAL A 38 3.01 4.89 -19.40
CA VAL A 38 2.05 5.93 -19.76
C VAL A 38 2.68 7.32 -19.67
N PHE A 39 3.60 7.49 -18.72
CA PHE A 39 4.27 8.77 -18.53
C PHE A 39 5.55 8.84 -19.36
N GLY A 40 6.13 7.68 -19.65
CA GLY A 40 7.35 7.64 -20.43
C GLY A 40 8.60 7.60 -19.56
N VAL A 41 8.42 7.24 -18.30
CA VAL A 41 9.55 7.16 -17.37
C VAL A 41 9.91 5.71 -17.06
N HIS A 42 10.98 5.52 -16.30
CA HIS A 42 11.43 4.18 -15.94
C HIS A 42 10.77 3.72 -14.64
N TYR A 43 10.81 2.41 -14.42
CA TYR A 43 10.22 1.82 -13.21
C TYR A 43 10.77 2.49 -11.95
N PHE A 44 12.09 2.59 -11.88
CA PHE A 44 12.75 3.20 -10.73
C PHE A 44 12.38 4.68 -10.61
N ASN A 45 12.02 5.28 -11.73
CA ASN A 45 11.64 6.69 -11.75
C ASN A 45 10.40 6.94 -10.89
N ILE A 46 9.52 5.95 -10.82
CA ILE A 46 8.30 6.07 -10.03
C ILE A 46 8.59 6.11 -8.54
N PHE A 47 9.09 4.99 -8.01
CA PHE A 47 9.42 4.91 -6.59
C PHE A 47 10.76 4.19 -6.38
N ASN A 48 11.36 4.42 -5.22
CA ASN A 48 12.64 3.79 -4.90
C ASN A 48 12.44 2.59 -3.97
N THR A 49 13.47 1.77 -3.85
CA THR A 49 13.41 0.57 -3.00
C THR A 49 12.85 0.91 -1.62
N VAL A 50 13.30 2.03 -1.06
CA VAL A 50 12.83 2.47 0.25
C VAL A 50 11.35 2.82 0.22
N THR A 51 10.91 3.38 -0.89
CA THR A 51 9.51 3.77 -1.05
C THR A 51 8.61 2.55 -1.14
N LEU A 52 9.01 1.58 -1.96
CA LEU A 52 8.23 0.36 -2.14
C LEU A 52 8.03 -0.36 -0.81
N LYS A 53 9.11 -0.45 -0.02
CA LYS A 53 9.04 -1.11 1.27
C LYS A 53 8.20 -0.29 2.26
N LYS A 54 8.23 1.02 2.11
CA LYS A 54 7.47 1.91 2.98
C LYS A 54 5.97 1.73 2.76
N LEU A 55 5.54 1.89 1.51
CA LEU A 55 4.12 1.73 1.17
C LEU A 55 3.58 0.39 1.67
N ALA A 56 4.47 -0.58 1.81
CA ALA A 56 4.08 -1.91 2.27
C ALA A 56 4.16 -2.02 3.80
N GLU A 57 5.35 -1.76 4.34
CA GLU A 57 5.57 -1.84 5.79
C GLU A 57 4.39 -1.27 6.57
N SER A 58 3.74 -0.25 5.99
CA SER A 58 2.61 0.39 6.63
C SER A 58 1.31 -0.36 6.31
N LEU A 59 1.16 -0.77 5.05
CA LEU A 59 -0.03 -1.50 4.62
C LEU A 59 -1.28 -0.64 4.76
N SER A 60 -1.13 0.66 4.50
CA SER A 60 -2.26 1.59 4.60
C SER A 60 -2.23 2.59 3.44
N SER A 61 -3.37 2.75 2.79
CA SER A 61 -3.47 3.68 1.67
C SER A 61 -3.89 5.07 2.15
N ASP A 62 -2.90 5.85 2.58
CA ASP A 62 -3.16 7.21 3.05
C ASP A 62 -2.30 8.22 2.30
N PRO A 63 -2.81 9.46 2.12
CA PRO A 63 -2.08 10.50 1.42
C PRO A 63 -0.95 11.09 2.26
N GLU A 64 -1.28 11.51 3.48
CA GLU A 64 -0.30 12.09 4.39
C GLU A 64 0.74 11.05 4.78
N VAL A 65 0.32 9.79 4.87
CA VAL A 65 1.23 8.71 5.25
C VAL A 65 2.20 8.40 4.12
N LEU A 66 1.67 8.26 2.91
CA LEU A 66 2.49 7.96 1.75
C LEU A 66 3.35 9.16 1.35
N LEU A 67 2.99 10.34 1.83
CA LEU A 67 3.74 11.56 1.53
C LEU A 67 5.03 11.61 2.34
N GLN A 68 4.99 11.12 3.57
CA GLN A 68 6.15 11.11 4.45
C GLN A 68 7.15 10.02 4.06
N ILE A 69 6.79 9.21 3.06
CA ILE A 69 7.65 8.14 2.60
C ILE A 69 8.95 8.68 2.02
N ASP A 70 10.03 7.91 2.15
CA ASP A 70 11.33 8.32 1.65
C ASP A 70 11.34 8.35 0.12
N GLY A 71 11.53 9.53 -0.44
CA GLY A 71 11.56 9.67 -1.89
C GLY A 71 10.26 10.20 -2.45
N VAL A 72 9.15 9.90 -1.78
CA VAL A 72 7.84 10.36 -2.22
C VAL A 72 7.62 11.82 -1.84
N THR A 73 7.37 12.65 -2.84
CA THR A 73 7.13 14.08 -2.62
C THR A 73 5.66 14.42 -2.83
N GLU A 74 5.33 15.70 -2.70
CA GLU A 74 3.96 16.16 -2.88
C GLU A 74 3.48 15.92 -4.31
N ASP A 75 4.41 15.86 -5.25
CA ASP A 75 4.08 15.64 -6.65
C ASP A 75 3.90 14.15 -6.94
N LYS A 76 4.58 13.31 -6.17
CA LYS A 76 4.48 11.87 -6.35
C LYS A 76 3.15 11.32 -5.84
N LEU A 77 2.68 11.89 -4.73
CA LEU A 77 1.42 11.46 -4.14
C LEU A 77 0.23 12.07 -4.87
N GLU A 78 0.47 13.17 -5.58
CA GLU A 78 -0.59 13.84 -6.33
C GLU A 78 -0.68 13.32 -7.75
N LYS A 79 0.45 12.87 -8.29
CA LYS A 79 0.50 12.35 -9.65
C LYS A 79 0.38 10.84 -9.69
N TYR A 80 1.29 10.15 -9.01
CA TYR A 80 1.29 8.70 -8.97
C TYR A 80 0.31 8.18 -7.92
N GLY A 81 0.06 8.98 -6.89
CA GLY A 81 -0.85 8.57 -5.83
C GLY A 81 -2.17 8.04 -6.38
N ALA A 82 -2.56 8.49 -7.56
CA ALA A 82 -3.80 8.06 -8.18
C ALA A 82 -3.71 6.59 -8.60
N GLU A 83 -2.50 6.14 -8.90
CA GLU A 83 -2.28 4.76 -9.32
C GLU A 83 -1.85 3.88 -8.15
N VAL A 84 -0.71 4.20 -7.56
CA VAL A 84 -0.19 3.44 -6.42
C VAL A 84 -1.27 3.20 -5.37
N ILE A 85 -1.90 4.28 -4.90
CA ILE A 85 -2.94 4.17 -3.89
C ILE A 85 -4.08 3.26 -4.37
N SER A 86 -4.27 3.21 -5.69
CA SER A 86 -5.31 2.38 -6.26
C SER A 86 -5.11 0.92 -5.86
N VAL A 87 -3.85 0.54 -5.72
CA VAL A 87 -3.49 -0.82 -5.34
C VAL A 87 -3.37 -0.95 -3.82
N LEU A 88 -3.21 0.18 -3.14
CA LEU A 88 -3.06 0.18 -1.68
C LEU A 88 -4.42 0.24 -0.98
N GLN A 89 -5.46 0.57 -1.72
CA GLN A 89 -6.80 0.66 -1.13
C GLN A 89 -7.18 -0.64 -0.43
N LYS A 90 -6.79 -1.75 -1.02
CA LYS A 90 -7.09 -3.07 -0.46
C LYS A 90 -6.43 -3.24 0.90
N TYR A 91 -5.33 -2.55 1.13
CA TYR A 91 -4.61 -2.63 2.40
C TYR A 91 -5.40 -1.95 3.51
N SER A 92 -5.80 -0.70 3.27
CA SER A 92 -6.55 0.07 4.25
C SER A 92 -7.79 -0.69 4.71
N GLU A 93 -8.27 -1.60 3.87
CA GLU A 93 -9.45 -2.39 4.20
C GLU A 93 -9.05 -3.73 4.83
N TRP A 94 -7.87 -4.21 4.46
CA TRP A 94 -7.37 -5.49 4.99
C TRP A 94 -6.33 -5.26 6.09
N THR A 95 -6.24 -4.03 6.60
CA THR A 95 -5.28 -3.71 7.65
C THR A 95 -5.85 -4.06 9.02
N SER A 96 -7.16 -3.97 9.15
CA SER A 96 -7.83 -4.27 10.41
C SER A 96 -8.45 -5.66 10.40
N PRO A 97 -7.86 -6.63 11.12
CA PRO A 97 -8.37 -8.01 11.17
C PRO A 97 -9.72 -8.10 11.88
N ALA A 98 -9.86 -7.34 12.97
CA ALA A 98 -11.10 -7.33 13.73
C ALA A 98 -12.15 -6.44 13.07
N GLU A 99 -13.29 -6.28 13.73
CA GLU A 99 -14.37 -5.45 13.19
C GLU A 99 -15.26 -4.93 14.32
N ASP A 100 -15.26 -3.62 14.51
CA ASP A 100 -16.07 -3.00 15.55
C ASP A 100 -17.53 -2.87 15.11
N SER A 101 -18.31 -2.13 15.88
CA SER A 101 -19.72 -1.92 15.57
C SER A 101 -20.11 -0.46 15.71
N GLY A 1 -23.81 -27.51 -3.82
CA GLY A 1 -22.44 -26.96 -3.56
C GLY A 1 -22.26 -26.52 -2.12
N ILE A 2 -21.01 -26.25 -1.74
CA ILE A 2 -20.70 -25.82 -0.39
C ILE A 2 -19.95 -24.49 -0.39
N PRO A 3 -20.65 -23.38 -0.64
CA PRO A 3 -20.04 -22.04 -0.67
C PRO A 3 -19.23 -21.75 0.58
N GLU A 4 -19.76 -22.17 1.73
CA GLU A 4 -19.08 -21.94 3.00
C GLU A 4 -18.90 -20.46 3.27
N PHE A 5 -19.87 -19.87 3.96
CA PHE A 5 -19.82 -18.45 4.28
C PHE A 5 -18.76 -18.17 5.33
N LYS A 6 -17.61 -17.68 4.90
CA LYS A 6 -16.51 -17.37 5.80
C LYS A 6 -15.74 -16.15 5.33
N GLN A 7 -16.23 -14.96 5.67
CA GLN A 7 -15.59 -13.71 5.28
C GLN A 7 -15.59 -12.72 6.43
N LYS A 8 -14.47 -12.64 7.14
CA LYS A 8 -14.34 -11.72 8.27
C LYS A 8 -12.91 -11.76 8.84
N ALA A 9 -12.43 -12.97 9.11
CA ALA A 9 -11.09 -13.14 9.65
C ALA A 9 -10.61 -14.57 9.49
N LEU A 10 -9.47 -14.75 8.82
CA LEU A 10 -8.91 -16.07 8.60
C LEU A 10 -7.39 -16.02 8.59
N VAL A 11 -6.77 -16.88 9.38
CA VAL A 11 -5.31 -16.94 9.46
C VAL A 11 -4.80 -18.33 9.12
N ALA A 12 -5.42 -19.34 9.71
CA ALA A 12 -5.03 -20.73 9.47
C ALA A 12 -3.62 -21.00 10.00
N LYS A 13 -2.61 -20.59 9.23
CA LYS A 13 -1.22 -20.79 9.63
C LYS A 13 -0.37 -19.57 9.26
N VAL A 14 0.66 -19.32 10.06
CA VAL A 14 1.55 -18.19 9.81
C VAL A 14 0.79 -16.87 9.87
N SER A 15 1.51 -15.79 10.16
CA SER A 15 0.91 -14.47 10.24
C SER A 15 0.53 -13.95 8.86
N GLN A 16 -0.69 -13.47 8.73
CA GLN A 16 -1.18 -12.95 7.45
C GLN A 16 -0.69 -11.52 7.24
N ARG A 17 -0.49 -10.79 8.32
CA ARG A 17 -0.03 -9.40 8.25
C ARG A 17 1.31 -9.32 7.51
N GLU A 18 2.25 -10.18 7.88
CA GLU A 18 3.56 -10.20 7.25
C GLU A 18 3.44 -10.50 5.76
N GLU A 19 2.49 -11.36 5.41
CA GLU A 19 2.28 -11.73 4.02
C GLU A 19 1.60 -10.61 3.24
N MET A 20 0.89 -9.74 3.96
CA MET A 20 0.20 -8.63 3.34
C MET A 20 1.17 -7.51 2.96
N VAL A 21 2.00 -7.10 3.92
CA VAL A 21 2.98 -6.04 3.67
C VAL A 21 3.89 -6.40 2.50
N LYS A 22 4.30 -7.65 2.45
CA LYS A 22 5.16 -8.12 1.37
C LYS A 22 4.43 -8.05 0.03
N LYS A 23 3.17 -8.41 0.04
CA LYS A 23 2.35 -8.38 -1.17
C LYS A 23 2.27 -6.96 -1.73
N CYS A 24 2.37 -5.98 -0.83
CA CYS A 24 2.32 -4.57 -1.23
C CYS A 24 3.56 -4.20 -2.02
N LEU A 25 4.70 -4.75 -1.63
CA LEU A 25 5.97 -4.48 -2.31
C LEU A 25 5.90 -4.91 -3.78
N GLY A 26 5.37 -6.10 -4.02
CA GLY A 26 5.26 -6.60 -5.37
C GLY A 26 4.13 -5.96 -6.15
N GLU A 27 2.98 -5.81 -5.51
CA GLU A 27 1.82 -5.21 -6.15
C GLU A 27 2.13 -3.78 -6.62
N LEU A 28 2.66 -2.97 -5.72
CA LEU A 28 3.00 -1.59 -6.04
C LEU A 28 4.01 -1.53 -7.18
N THR A 29 4.83 -2.57 -7.29
CA THR A 29 5.84 -2.62 -8.35
C THR A 29 5.18 -2.61 -9.72
N GLU A 30 4.07 -3.33 -9.85
CA GLU A 30 3.34 -3.40 -11.11
C GLU A 30 2.76 -2.04 -11.47
N VAL A 31 1.93 -1.50 -10.58
CA VAL A 31 1.30 -0.20 -10.82
C VAL A 31 2.34 0.86 -11.13
N CYS A 32 3.53 0.72 -10.55
CA CYS A 32 4.61 1.66 -10.79
C CYS A 32 5.04 1.64 -12.25
N LYS A 33 5.39 0.46 -12.74
CA LYS A 33 5.81 0.30 -14.13
C LYS A 33 4.73 0.76 -15.09
N SER A 34 3.49 0.32 -14.83
CA SER A 34 2.36 0.70 -15.67
C SER A 34 2.22 2.22 -15.75
N LEU A 35 2.62 2.90 -14.68
CA LEU A 35 2.54 4.35 -14.63
C LEU A 35 3.68 4.98 -15.42
N GLY A 36 4.80 4.27 -15.51
CA GLY A 36 5.94 4.79 -16.25
C GLY A 36 5.78 4.66 -17.74
N LYS A 37 5.37 3.48 -18.20
CA LYS A 37 5.17 3.23 -19.62
C LYS A 37 4.19 4.23 -20.22
N VAL A 38 3.33 4.79 -19.38
CA VAL A 38 2.33 5.76 -19.83
C VAL A 38 2.85 7.19 -19.73
N PHE A 39 3.75 7.42 -18.77
CA PHE A 39 4.32 8.75 -18.58
C PHE A 39 5.75 8.83 -19.13
N GLY A 40 6.14 7.84 -19.92
CA GLY A 40 7.47 7.83 -20.49
C GLY A 40 8.56 7.94 -19.45
N VAL A 41 8.33 7.38 -18.27
CA VAL A 41 9.32 7.43 -17.20
C VAL A 41 9.65 6.02 -16.70
N HIS A 42 10.94 5.78 -16.45
CA HIS A 42 11.40 4.48 -15.98
C HIS A 42 10.70 4.08 -14.68
N TYR A 43 10.76 2.79 -14.37
CA TYR A 43 10.14 2.27 -13.14
C TYR A 43 10.67 3.00 -11.91
N PHE A 44 11.99 3.10 -11.81
CA PHE A 44 12.62 3.78 -10.67
C PHE A 44 12.16 5.23 -10.59
N ASN A 45 11.79 5.80 -11.72
CA ASN A 45 11.33 7.18 -11.77
C ASN A 45 10.10 7.38 -10.89
N ILE A 46 9.31 6.32 -10.74
CA ILE A 46 8.10 6.38 -9.93
C ILE A 46 8.43 6.40 -8.44
N PHE A 47 8.96 5.30 -7.94
CA PHE A 47 9.33 5.18 -6.54
C PHE A 47 10.68 4.49 -6.38
N ASN A 48 11.19 4.49 -5.14
CA ASN A 48 12.47 3.86 -4.84
C ASN A 48 12.28 2.67 -3.92
N THR A 49 13.32 1.84 -3.81
CA THR A 49 13.27 0.66 -2.96
C THR A 49 12.84 1.01 -1.54
N VAL A 50 13.19 2.22 -1.11
CA VAL A 50 12.85 2.68 0.23
C VAL A 50 11.37 3.03 0.32
N THR A 51 10.78 3.42 -0.81
CA THR A 51 9.37 3.78 -0.85
C THR A 51 8.48 2.55 -0.75
N LEU A 52 8.68 1.61 -1.67
CA LEU A 52 7.89 0.37 -1.68
C LEU A 52 7.93 -0.32 -0.32
N LYS A 53 9.13 -0.48 0.23
CA LYS A 53 9.30 -1.13 1.52
C LYS A 53 8.51 -0.39 2.60
N LYS A 54 8.40 0.92 2.46
CA LYS A 54 7.67 1.73 3.43
C LYS A 54 6.16 1.48 3.33
N LEU A 55 5.61 1.68 2.13
CA LEU A 55 4.19 1.46 1.91
C LEU A 55 3.79 0.01 2.21
N ALA A 56 4.77 -0.88 2.21
CA ALA A 56 4.50 -2.28 2.50
C ALA A 56 4.31 -2.52 3.99
N GLU A 57 5.29 -2.13 4.78
CA GLU A 57 5.23 -2.29 6.23
C GLU A 57 3.99 -1.61 6.80
N SER A 58 3.73 -0.39 6.33
CA SER A 58 2.57 0.37 6.79
C SER A 58 1.28 -0.36 6.47
N LEU A 59 1.11 -0.74 5.21
CA LEU A 59 -0.10 -1.44 4.78
C LEU A 59 -1.33 -0.54 4.90
N SER A 60 -1.15 0.74 4.63
CA SER A 60 -2.26 1.69 4.70
C SER A 60 -2.31 2.57 3.47
N SER A 61 -3.51 2.80 2.95
CA SER A 61 -3.69 3.63 1.76
C SER A 61 -3.97 5.08 2.15
N ASP A 62 -2.90 5.83 2.39
CA ASP A 62 -3.03 7.24 2.77
C ASP A 62 -2.22 8.13 1.83
N PRO A 63 -2.59 9.42 1.72
CA PRO A 63 -1.90 10.36 0.84
C PRO A 63 -0.73 11.07 1.55
N GLU A 64 -1.00 11.63 2.72
CA GLU A 64 0.03 12.32 3.49
C GLU A 64 1.07 11.34 4.03
N VAL A 65 0.59 10.21 4.56
CA VAL A 65 1.47 9.19 5.11
C VAL A 65 2.55 8.80 4.10
N LEU A 66 2.23 8.97 2.82
CA LEU A 66 3.15 8.63 1.74
C LEU A 66 4.12 9.77 1.46
N LEU A 67 3.68 10.99 1.72
CA LEU A 67 4.53 12.16 1.50
C LEU A 67 5.79 12.08 2.36
N GLN A 68 5.65 11.56 3.57
CA GLN A 68 6.78 11.42 4.49
C GLN A 68 7.71 10.29 4.05
N ILE A 69 7.19 9.38 3.22
CA ILE A 69 7.99 8.26 2.74
C ILE A 69 9.17 8.73 1.90
N ASP A 70 10.35 8.16 2.14
CA ASP A 70 11.55 8.54 1.41
C ASP A 70 11.38 8.27 -0.08
N GLY A 71 11.67 9.27 -0.89
CA GLY A 71 11.54 9.13 -2.33
C GLY A 71 10.21 9.62 -2.86
N VAL A 72 9.19 9.60 -2.00
CA VAL A 72 7.85 10.04 -2.38
C VAL A 72 7.68 11.53 -2.14
N THR A 73 7.49 12.28 -3.22
CA THR A 73 7.30 13.73 -3.13
C THR A 73 5.84 14.10 -3.33
N GLU A 74 5.56 15.40 -3.27
CA GLU A 74 4.20 15.89 -3.46
C GLU A 74 3.73 15.70 -4.89
N ASP A 75 4.67 15.73 -5.83
CA ASP A 75 4.35 15.55 -7.24
C ASP A 75 4.11 14.08 -7.56
N LYS A 76 4.85 13.20 -6.90
CA LYS A 76 4.72 11.76 -7.12
C LYS A 76 3.44 11.23 -6.48
N LEU A 77 3.04 11.85 -5.38
CA LEU A 77 1.83 11.44 -4.67
C LEU A 77 0.58 12.02 -5.34
N GLU A 78 0.74 13.13 -6.04
CA GLU A 78 -0.37 13.77 -6.72
C GLU A 78 -0.52 13.25 -8.15
N LYS A 79 0.57 12.72 -8.70
CA LYS A 79 0.55 12.20 -10.07
C LYS A 79 0.32 10.69 -10.09
N TYR A 80 1.02 9.97 -9.21
CA TYR A 80 0.89 8.52 -9.15
C TYR A 80 -0.08 8.07 -8.04
N GLY A 81 -0.28 8.94 -7.05
CA GLY A 81 -1.18 8.61 -5.95
C GLY A 81 -2.50 8.04 -6.41
N ALA A 82 -2.91 8.41 -7.62
CA ALA A 82 -4.17 7.93 -8.17
C ALA A 82 -4.08 6.45 -8.55
N GLU A 83 -2.89 6.00 -8.90
CA GLU A 83 -2.68 4.62 -9.28
C GLU A 83 -2.17 3.77 -8.11
N VAL A 84 -1.04 4.17 -7.54
CA VAL A 84 -0.46 3.44 -6.41
C VAL A 84 -1.50 3.17 -5.32
N ILE A 85 -2.21 4.21 -4.91
CA ILE A 85 -3.23 4.07 -3.88
C ILE A 85 -4.32 3.09 -4.32
N SER A 86 -4.59 3.06 -5.62
CA SER A 86 -5.61 2.16 -6.16
C SER A 86 -5.30 0.71 -5.75
N VAL A 87 -4.02 0.40 -5.62
CA VAL A 87 -3.58 -0.93 -5.23
C VAL A 87 -3.46 -1.05 -3.71
N LEU A 88 -3.34 0.09 -3.03
CA LEU A 88 -3.20 0.10 -1.58
C LEU A 88 -4.55 -0.02 -0.88
N GLN A 89 -5.62 0.40 -1.55
CA GLN A 89 -6.96 0.32 -0.97
C GLN A 89 -7.23 -1.05 -0.38
N LYS A 90 -6.70 -2.08 -1.03
CA LYS A 90 -6.87 -3.46 -0.57
C LYS A 90 -6.20 -3.67 0.78
N TYR A 91 -5.09 -2.96 0.99
CA TYR A 91 -4.36 -3.08 2.25
C TYR A 91 -5.10 -2.37 3.37
N SER A 92 -5.79 -1.28 3.03
CA SER A 92 -6.55 -0.52 4.00
C SER A 92 -7.61 -1.39 4.66
N GLU A 93 -8.19 -2.31 3.88
CA GLU A 93 -9.22 -3.20 4.40
C GLU A 93 -8.59 -4.36 5.17
N TRP A 94 -7.36 -4.73 4.79
CA TRP A 94 -6.65 -5.82 5.45
C TRP A 94 -5.76 -5.30 6.59
N THR A 95 -5.95 -4.04 6.96
CA THR A 95 -5.16 -3.44 8.03
C THR A 95 -5.54 -4.03 9.38
N SER A 96 -6.84 -4.17 9.62
CA SER A 96 -7.33 -4.72 10.88
C SER A 96 -8.27 -5.90 10.61
N PRO A 97 -8.28 -6.89 11.52
CA PRO A 97 -9.13 -8.07 11.38
C PRO A 97 -10.60 -7.76 11.66
N ALA A 98 -11.49 -8.55 11.07
CA ALA A 98 -12.93 -8.36 11.25
C ALA A 98 -13.35 -6.96 10.80
N GLU A 99 -13.65 -6.83 9.50
CA GLU A 99 -14.08 -5.55 8.95
C GLU A 99 -15.60 -5.51 8.77
N ASP A 100 -16.15 -6.59 8.27
CA ASP A 100 -17.59 -6.69 8.05
C ASP A 100 -18.08 -5.60 7.09
N SER A 101 -17.21 -5.23 6.15
CA SER A 101 -17.54 -4.20 5.17
C SER A 101 -18.20 -4.81 3.94
N GLY A 1 -35.36 -5.38 10.05
CA GLY A 1 -35.65 -5.79 11.45
C GLY A 1 -34.51 -5.47 12.39
N ILE A 2 -33.31 -5.90 12.04
CA ILE A 2 -32.12 -5.67 12.85
C ILE A 2 -30.94 -5.25 12.00
N PRO A 3 -30.84 -3.94 11.65
CA PRO A 3 -29.76 -3.42 10.83
C PRO A 3 -28.42 -3.41 11.58
N GLU A 4 -27.44 -2.73 11.01
CA GLU A 4 -26.12 -2.65 11.62
C GLU A 4 -26.00 -1.41 12.51
N PHE A 5 -25.78 -1.64 13.79
CA PHE A 5 -25.65 -0.53 14.75
C PHE A 5 -24.36 -0.68 15.57
N LYS A 6 -24.26 -1.79 16.31
CA LYS A 6 -23.09 -2.03 17.13
C LYS A 6 -22.69 -3.50 17.07
N GLN A 7 -21.55 -3.78 16.44
CA GLN A 7 -21.06 -5.15 16.32
C GLN A 7 -19.58 -5.16 15.94
N LYS A 8 -18.75 -5.67 16.85
CA LYS A 8 -17.31 -5.74 16.61
C LYS A 8 -16.80 -7.15 16.85
N ALA A 9 -15.72 -7.51 16.16
CA ALA A 9 -15.12 -8.84 16.28
C ALA A 9 -13.61 -8.75 16.47
N LEU A 10 -13.02 -9.82 16.98
CA LEU A 10 -11.58 -9.85 17.21
C LEU A 10 -10.87 -10.64 16.11
N VAL A 11 -11.49 -11.76 15.71
CA VAL A 11 -10.93 -12.63 14.67
C VAL A 11 -9.44 -12.86 14.87
N ALA A 12 -8.79 -13.47 13.88
CA ALA A 12 -7.36 -13.75 13.96
C ALA A 12 -6.63 -13.21 12.74
N LYS A 13 -5.49 -12.56 12.98
CA LYS A 13 -4.70 -11.99 11.91
C LYS A 13 -3.21 -12.17 12.19
N VAL A 14 -2.86 -13.25 12.87
CA VAL A 14 -1.47 -13.54 13.20
C VAL A 14 -0.71 -14.06 11.98
N SER A 15 0.46 -13.48 11.73
CA SER A 15 1.29 -13.88 10.60
C SER A 15 0.71 -13.40 9.27
N GLN A 16 -0.36 -12.61 9.33
CA GLN A 16 -1.00 -12.09 8.13
C GLN A 16 -0.42 -10.74 7.75
N ARG A 17 -0.04 -9.95 8.77
CA ARG A 17 0.52 -8.62 8.54
C ARG A 17 1.81 -8.72 7.73
N GLU A 18 2.72 -9.58 8.16
CA GLU A 18 3.99 -9.77 7.49
C GLU A 18 3.78 -10.15 6.03
N GLU A 19 2.73 -10.93 5.77
CA GLU A 19 2.41 -11.35 4.42
C GLU A 19 1.77 -10.23 3.60
N MET A 20 1.28 -9.21 4.30
CA MET A 20 0.63 -8.08 3.64
C MET A 20 1.67 -7.05 3.18
N VAL A 21 2.72 -6.86 3.97
CA VAL A 21 3.77 -5.91 3.63
C VAL A 21 4.60 -6.42 2.46
N LYS A 22 4.82 -7.73 2.42
CA LYS A 22 5.59 -8.34 1.35
C LYS A 22 4.86 -8.26 0.03
N LYS A 23 3.63 -8.79 -0.01
CA LYS A 23 2.82 -8.77 -1.21
C LYS A 23 2.61 -7.34 -1.70
N CYS A 24 2.57 -6.41 -0.75
CA CYS A 24 2.38 -5.00 -1.09
C CYS A 24 3.53 -4.50 -1.96
N LEU A 25 4.75 -4.87 -1.59
CA LEU A 25 5.93 -4.46 -2.35
C LEU A 25 5.85 -4.92 -3.79
N GLY A 26 5.35 -6.15 -3.99
CA GLY A 26 5.23 -6.69 -5.33
C GLY A 26 4.10 -6.04 -6.12
N GLU A 27 2.97 -5.81 -5.45
CA GLU A 27 1.81 -5.20 -6.10
C GLU A 27 2.14 -3.80 -6.60
N LEU A 28 2.65 -2.95 -5.71
CA LEU A 28 3.00 -1.59 -6.07
C LEU A 28 4.04 -1.56 -7.19
N THR A 29 4.84 -2.63 -7.28
CA THR A 29 5.86 -2.72 -8.31
C THR A 29 5.21 -2.76 -9.70
N GLU A 30 4.07 -3.43 -9.79
CA GLU A 30 3.34 -3.54 -11.05
C GLU A 30 2.81 -2.19 -11.48
N VAL A 31 2.00 -1.58 -10.61
CA VAL A 31 1.42 -0.27 -10.89
C VAL A 31 2.51 0.76 -11.19
N CYS A 32 3.68 0.57 -10.58
CA CYS A 32 4.80 1.47 -10.79
C CYS A 32 5.30 1.42 -12.23
N LYS A 33 5.36 0.20 -12.78
CA LYS A 33 5.81 0.01 -14.15
C LYS A 33 4.77 0.52 -15.15
N SER A 34 3.50 0.18 -14.90
CA SER A 34 2.41 0.60 -15.77
C SER A 34 2.40 2.13 -15.91
N LEU A 35 2.55 2.82 -14.79
CA LEU A 35 2.55 4.27 -14.79
C LEU A 35 3.69 4.81 -15.66
N GLY A 36 4.79 4.08 -15.69
CA GLY A 36 5.94 4.50 -16.49
C GLY A 36 5.71 4.31 -17.97
N LYS A 37 4.77 3.45 -18.32
CA LYS A 37 4.46 3.17 -19.73
C LYS A 37 3.46 4.18 -20.27
N VAL A 38 2.61 4.70 -19.38
CA VAL A 38 1.59 5.67 -19.78
C VAL A 38 2.11 7.09 -19.66
N PHE A 39 2.88 7.37 -18.61
CA PHE A 39 3.42 8.70 -18.39
C PHE A 39 4.71 8.90 -19.18
N GLY A 40 5.42 7.79 -19.44
CA GLY A 40 6.65 7.87 -20.20
C GLY A 40 7.87 7.99 -19.30
N VAL A 41 7.75 7.51 -18.06
CA VAL A 41 8.85 7.56 -17.12
C VAL A 41 9.39 6.16 -16.83
N HIS A 42 10.48 6.11 -16.06
CA HIS A 42 11.10 4.83 -15.72
C HIS A 42 10.45 4.22 -14.49
N TYR A 43 10.67 2.91 -14.30
CA TYR A 43 10.12 2.20 -13.16
C TYR A 43 10.52 2.86 -11.85
N PHE A 44 11.82 2.94 -11.61
CA PHE A 44 12.34 3.56 -10.39
C PHE A 44 11.90 5.01 -10.27
N ASN A 45 11.52 5.61 -11.40
CA ASN A 45 11.07 7.00 -11.42
C ASN A 45 9.88 7.20 -10.49
N ILE A 46 8.95 6.27 -10.51
CA ILE A 46 7.75 6.35 -9.66
C ILE A 46 8.14 6.36 -8.18
N PHE A 47 8.66 5.23 -7.71
CA PHE A 47 9.05 5.10 -6.31
C PHE A 47 10.39 4.37 -6.19
N ASN A 48 11.05 4.55 -5.05
CA ASN A 48 12.33 3.91 -4.81
C ASN A 48 12.17 2.67 -3.93
N THR A 49 13.19 1.84 -3.89
CA THR A 49 13.16 0.61 -3.10
C THR A 49 12.71 0.90 -1.66
N VAL A 50 13.23 1.96 -1.08
CA VAL A 50 12.88 2.35 0.28
C VAL A 50 11.42 2.77 0.38
N THR A 51 10.89 3.29 -0.72
CA THR A 51 9.50 3.74 -0.77
C THR A 51 8.54 2.55 -0.70
N LEU A 52 8.66 1.64 -1.65
CA LEU A 52 7.81 0.46 -1.71
C LEU A 52 7.80 -0.28 -0.38
N LYS A 53 8.99 -0.55 0.16
CA LYS A 53 9.13 -1.26 1.42
C LYS A 53 8.44 -0.50 2.55
N LYS A 54 8.52 0.83 2.50
CA LYS A 54 7.91 1.68 3.52
C LYS A 54 6.39 1.56 3.48
N LEU A 55 5.79 1.91 2.36
CA LEU A 55 4.34 1.83 2.21
C LEU A 55 3.81 0.44 2.57
N ALA A 56 4.68 -0.57 2.46
CA ALA A 56 4.29 -1.94 2.78
C ALA A 56 4.37 -2.18 4.29
N GLU A 57 5.53 -1.91 4.87
CA GLU A 57 5.73 -2.11 6.30
C GLU A 57 4.57 -1.50 7.11
N SER A 58 3.96 -0.46 6.56
CA SER A 58 2.85 0.20 7.22
C SER A 58 1.53 -0.49 6.91
N LEU A 59 1.36 -0.89 5.64
CA LEU A 59 0.15 -1.58 5.21
C LEU A 59 -1.07 -0.69 5.34
N SER A 60 -0.93 0.56 4.91
CA SER A 60 -2.04 1.52 4.98
C SER A 60 -2.09 2.38 3.72
N SER A 61 -3.30 2.68 3.26
CA SER A 61 -3.49 3.49 2.06
C SER A 61 -3.76 4.95 2.44
N ASP A 62 -2.70 5.71 2.64
CA ASP A 62 -2.82 7.11 3.00
C ASP A 62 -2.03 7.99 2.02
N PRO A 63 -2.41 9.27 1.89
CA PRO A 63 -1.74 10.19 0.98
C PRO A 63 -0.52 10.88 1.61
N GLU A 64 -0.71 11.40 2.82
CA GLU A 64 0.38 12.09 3.53
C GLU A 64 1.38 11.10 4.11
N VAL A 65 0.87 9.96 4.57
CA VAL A 65 1.72 8.93 5.16
C VAL A 65 2.84 8.53 4.21
N LEU A 66 2.63 8.75 2.91
CA LEU A 66 3.63 8.40 1.91
C LEU A 66 4.62 9.55 1.72
N LEU A 67 4.13 10.78 1.87
CA LEU A 67 4.96 11.96 1.72
C LEU A 67 6.20 11.89 2.64
N GLN A 68 5.99 11.37 3.84
CA GLN A 68 7.07 11.24 4.81
C GLN A 68 8.03 10.13 4.40
N ILE A 69 7.55 9.21 3.58
CA ILE A 69 8.37 8.09 3.11
C ILE A 69 9.54 8.59 2.27
N ASP A 70 10.66 7.87 2.36
CA ASP A 70 11.86 8.22 1.61
C ASP A 70 11.66 7.98 0.11
N GLY A 71 11.89 9.03 -0.69
CA GLY A 71 11.74 8.91 -2.12
C GLY A 71 10.44 9.50 -2.62
N VAL A 72 9.43 9.53 -1.77
CA VAL A 72 8.12 10.08 -2.12
C VAL A 72 8.12 11.60 -2.00
N THR A 73 7.27 12.26 -2.79
CA THR A 73 7.18 13.71 -2.77
C THR A 73 5.73 14.16 -2.97
N GLU A 74 5.53 15.48 -3.00
CA GLU A 74 4.19 16.04 -3.20
C GLU A 74 3.72 15.84 -4.64
N ASP A 75 4.68 15.80 -5.57
CA ASP A 75 4.37 15.63 -6.98
C ASP A 75 4.11 14.16 -7.30
N LYS A 76 4.80 13.28 -6.60
CA LYS A 76 4.65 11.84 -6.82
C LYS A 76 3.28 11.37 -6.36
N LEU A 77 2.85 11.85 -5.20
CA LEU A 77 1.54 11.48 -4.65
C LEU A 77 0.41 12.15 -5.41
N GLU A 78 0.74 13.17 -6.20
CA GLU A 78 -0.26 13.89 -6.98
C GLU A 78 -0.43 13.28 -8.37
N LYS A 79 0.69 12.90 -8.99
CA LYS A 79 0.65 12.30 -10.31
C LYS A 79 0.33 10.81 -10.25
N TYR A 80 1.07 10.08 -9.44
CA TYR A 80 0.86 8.65 -9.28
C TYR A 80 0.02 8.35 -8.05
N GLY A 81 -0.86 9.28 -7.69
CA GLY A 81 -1.69 9.08 -6.51
C GLY A 81 -3.02 8.42 -6.84
N ALA A 82 -3.33 8.31 -8.13
CA ALA A 82 -4.59 7.70 -8.56
C ALA A 82 -4.41 6.24 -8.96
N GLU A 83 -3.20 5.87 -9.36
CA GLU A 83 -2.93 4.50 -9.79
C GLU A 83 -2.34 3.65 -8.67
N VAL A 84 -1.10 3.93 -8.29
CA VAL A 84 -0.44 3.16 -7.24
C VAL A 84 -1.25 3.14 -5.94
N ILE A 85 -1.98 4.23 -5.69
CA ILE A 85 -2.81 4.31 -4.49
C ILE A 85 -3.99 3.34 -4.59
N SER A 86 -4.53 3.20 -5.80
CA SER A 86 -5.64 2.30 -6.04
C SER A 86 -5.27 0.89 -5.60
N VAL A 87 -4.00 0.55 -5.72
CA VAL A 87 -3.51 -0.77 -5.32
C VAL A 87 -3.33 -0.84 -3.81
N LEU A 88 -3.18 0.31 -3.17
CA LEU A 88 -3.01 0.38 -1.73
C LEU A 88 -4.35 0.27 -1.00
N GLN A 89 -5.42 0.67 -1.68
CA GLN A 89 -6.76 0.61 -1.10
C GLN A 89 -7.05 -0.77 -0.52
N LYS A 90 -6.39 -1.79 -1.07
CA LYS A 90 -6.59 -3.16 -0.61
C LYS A 90 -5.78 -3.45 0.66
N TYR A 91 -4.68 -2.72 0.83
CA TYR A 91 -3.82 -2.91 2.01
C TYR A 91 -4.49 -2.35 3.26
N SER A 92 -5.31 -1.31 3.08
CA SER A 92 -6.00 -0.69 4.20
C SER A 92 -7.35 -1.36 4.45
N GLU A 93 -7.96 -1.89 3.40
CA GLU A 93 -9.25 -2.55 3.52
C GLU A 93 -9.09 -3.98 4.02
N TRP A 94 -7.96 -4.61 3.69
CA TRP A 94 -7.68 -5.97 4.10
C TRP A 94 -7.27 -6.03 5.57
N THR A 95 -6.55 -5.00 6.02
CA THR A 95 -6.10 -4.94 7.41
C THR A 95 -7.27 -4.78 8.36
N SER A 96 -8.34 -4.14 7.87
CA SER A 96 -9.52 -3.91 8.70
C SER A 96 -10.47 -5.11 8.63
N PRO A 97 -10.57 -5.89 9.72
CA PRO A 97 -11.44 -7.07 9.78
C PRO A 97 -12.92 -6.69 9.77
N ALA A 98 -13.77 -7.66 10.08
CA ALA A 98 -15.21 -7.44 10.11
C ALA A 98 -15.74 -7.06 8.73
N GLU A 99 -16.74 -7.81 8.27
CA GLU A 99 -17.34 -7.56 6.96
C GLU A 99 -18.14 -6.26 6.97
N ASP A 100 -18.61 -5.85 5.80
CA ASP A 100 -19.39 -4.62 5.66
C ASP A 100 -19.88 -4.44 4.23
N SER A 101 -20.88 -3.58 4.05
CA SER A 101 -21.43 -3.31 2.73
C SER A 101 -21.67 -1.82 2.54
N GLY A 1 5.30 -6.92 19.18
CA GLY A 1 4.68 -5.67 19.70
C GLY A 1 4.08 -4.81 18.60
N ILE A 2 2.76 -4.74 18.56
CA ILE A 2 2.05 -3.95 17.55
C ILE A 2 1.10 -2.95 18.21
N PRO A 3 1.60 -1.75 18.55
CA PRO A 3 0.79 -0.71 19.18
C PRO A 3 -0.24 -0.13 18.24
N GLU A 4 -1.49 -0.59 18.36
CA GLU A 4 -2.57 -0.10 17.50
C GLU A 4 -3.33 1.03 18.19
N PHE A 5 -4.09 1.79 17.39
CA PHE A 5 -4.87 2.89 17.92
C PHE A 5 -6.35 2.56 17.95
N LYS A 6 -6.66 1.28 18.13
CA LYS A 6 -8.05 0.81 18.17
C LYS A 6 -8.26 -0.16 19.32
N GLN A 7 -9.51 -0.58 19.52
CA GLN A 7 -9.84 -1.52 20.57
C GLN A 7 -11.18 -2.20 20.29
N LYS A 8 -11.11 -3.34 19.59
CA LYS A 8 -12.31 -4.09 19.25
C LYS A 8 -12.08 -5.59 19.42
N ALA A 9 -11.19 -6.13 18.59
CA ALA A 9 -10.88 -7.56 18.64
C ALA A 9 -9.54 -7.84 17.97
N LEU A 10 -9.10 -9.09 18.06
CA LEU A 10 -7.83 -9.51 17.46
C LEU A 10 -7.69 -11.02 17.47
N VAL A 11 -7.22 -11.58 16.35
CA VAL A 11 -7.04 -13.02 16.23
C VAL A 11 -5.56 -13.37 16.05
N ALA A 12 -5.09 -14.33 16.84
CA ALA A 12 -3.70 -14.77 16.77
C ALA A 12 -3.60 -16.23 16.37
N LYS A 13 -3.49 -16.47 15.06
CA LYS A 13 -3.38 -17.83 14.55
C LYS A 13 -2.23 -17.95 13.57
N VAL A 14 -2.18 -17.05 12.60
CA VAL A 14 -1.11 -17.06 11.61
C VAL A 14 -0.68 -15.64 11.25
N SER A 15 0.62 -15.47 10.98
CA SER A 15 1.15 -14.16 10.62
C SER A 15 0.69 -13.73 9.24
N GLN A 16 -0.52 -13.17 9.17
CA GLN A 16 -1.08 -12.71 7.91
C GLN A 16 -0.48 -11.37 7.49
N ARG A 17 -0.13 -10.56 8.49
CA ARG A 17 0.45 -9.25 8.23
C ARG A 17 1.79 -9.37 7.52
N GLU A 18 2.49 -10.47 7.77
CA GLU A 18 3.79 -10.71 7.16
C GLU A 18 3.68 -10.76 5.63
N GLU A 19 2.88 -11.69 5.14
CA GLU A 19 2.69 -11.84 3.70
C GLU A 19 2.00 -10.61 3.11
N MET A 20 1.29 -9.86 3.95
CA MET A 20 0.60 -8.66 3.50
C MET A 20 1.57 -7.61 2.99
N VAL A 21 2.46 -7.14 3.87
CA VAL A 21 3.44 -6.13 3.50
C VAL A 21 4.27 -6.58 2.30
N LYS A 22 4.64 -7.85 2.29
CA LYS A 22 5.42 -8.40 1.19
C LYS A 22 4.67 -8.30 -0.12
N LYS A 23 3.40 -8.70 -0.10
CA LYS A 23 2.55 -8.66 -1.29
C LYS A 23 2.43 -7.23 -1.81
N CYS A 24 2.53 -6.27 -0.91
CA CYS A 24 2.44 -4.86 -1.28
C CYS A 24 3.62 -4.44 -2.15
N LEU A 25 4.80 -4.94 -1.80
CA LEU A 25 6.01 -4.62 -2.55
C LEU A 25 5.90 -5.10 -3.99
N GLY A 26 5.28 -6.27 -4.17
CA GLY A 26 5.12 -6.82 -5.50
C GLY A 26 4.00 -6.15 -6.29
N GLU A 27 2.86 -5.96 -5.64
CA GLU A 27 1.72 -5.32 -6.28
C GLU A 27 2.06 -3.91 -6.72
N LEU A 28 2.61 -3.12 -5.82
CA LEU A 28 2.98 -1.73 -6.12
C LEU A 28 3.98 -1.68 -7.27
N THR A 29 4.78 -2.74 -7.41
CA THR A 29 5.77 -2.79 -8.48
C THR A 29 5.09 -2.79 -9.84
N GLU A 30 3.96 -3.48 -9.94
CA GLU A 30 3.20 -3.55 -11.18
C GLU A 30 2.66 -2.17 -11.56
N VAL A 31 1.86 -1.58 -10.68
CA VAL A 31 1.28 -0.26 -10.93
C VAL A 31 2.38 0.77 -11.18
N CYS A 32 3.53 0.58 -10.54
CA CYS A 32 4.65 1.51 -10.69
C CYS A 32 5.11 1.54 -12.14
N LYS A 33 5.22 0.37 -12.76
CA LYS A 33 5.65 0.27 -14.16
C LYS A 33 4.60 0.85 -15.09
N SER A 34 3.34 0.51 -14.83
CA SER A 34 2.23 0.99 -15.65
C SER A 34 2.22 2.52 -15.69
N LEU A 35 2.61 3.14 -14.59
CA LEU A 35 2.65 4.60 -14.50
C LEU A 35 3.88 5.16 -15.22
N GLY A 36 4.95 4.38 -15.24
CA GLY A 36 6.17 4.80 -15.89
C GLY A 36 6.09 4.72 -17.40
N LYS A 37 5.25 3.81 -17.90
CA LYS A 37 5.09 3.63 -19.34
C LYS A 37 4.23 4.75 -19.93
N VAL A 38 3.38 5.35 -19.11
CA VAL A 38 2.50 6.43 -19.55
C VAL A 38 3.14 7.79 -19.35
N PHE A 39 3.98 7.90 -18.32
CA PHE A 39 4.65 9.16 -18.02
C PHE A 39 6.04 9.22 -18.64
N GLY A 40 6.29 8.35 -19.61
CA GLY A 40 7.59 8.32 -20.28
C GLY A 40 8.75 8.27 -19.31
N VAL A 41 8.64 7.43 -18.30
CA VAL A 41 9.71 7.28 -17.30
C VAL A 41 9.99 5.82 -17.00
N HIS A 42 11.04 5.56 -16.24
CA HIS A 42 11.42 4.20 -15.89
C HIS A 42 10.81 3.78 -14.56
N TYR A 43 10.77 2.47 -14.32
CA TYR A 43 10.22 1.92 -13.08
C TYR A 43 10.94 2.50 -11.86
N PHE A 44 12.16 2.97 -12.07
CA PHE A 44 12.95 3.55 -10.98
C PHE A 44 12.73 5.06 -10.87
N ASN A 45 11.68 5.56 -11.53
CA ASN A 45 11.37 6.97 -11.50
C ASN A 45 10.17 7.25 -10.59
N ILE A 46 9.28 6.28 -10.49
CA ILE A 46 8.09 6.41 -9.65
C ILE A 46 8.46 6.38 -8.18
N PHE A 47 8.94 5.23 -7.71
CA PHE A 47 9.33 5.07 -6.31
C PHE A 47 10.68 4.37 -6.21
N ASN A 48 11.35 4.56 -5.08
CA ASN A 48 12.65 3.93 -4.84
C ASN A 48 12.51 2.62 -4.09
N THR A 49 13.57 1.82 -4.08
CA THR A 49 13.56 0.54 -3.39
C THR A 49 13.11 0.70 -1.95
N VAL A 50 13.66 1.70 -1.26
CA VAL A 50 13.30 1.96 0.13
C VAL A 50 11.89 2.54 0.24
N THR A 51 11.44 3.20 -0.82
CA THR A 51 10.12 3.80 -0.84
C THR A 51 9.04 2.73 -0.88
N LEU A 52 9.18 1.78 -1.80
CA LEU A 52 8.22 0.69 -1.96
C LEU A 52 8.07 -0.09 -0.65
N LYS A 53 9.19 -0.52 -0.09
CA LYS A 53 9.18 -1.28 1.15
C LYS A 53 8.45 -0.52 2.25
N LYS A 54 8.52 0.80 2.18
CA LYS A 54 7.87 1.66 3.17
C LYS A 54 6.36 1.45 3.13
N LEU A 55 5.77 1.64 1.96
CA LEU A 55 4.33 1.47 1.78
C LEU A 55 3.89 0.05 2.14
N ALA A 56 4.82 -0.89 2.08
CA ALA A 56 4.52 -2.28 2.40
C ALA A 56 4.60 -2.52 3.90
N GLU A 57 5.68 -2.08 4.52
CA GLU A 57 5.87 -2.26 5.96
C GLU A 57 4.70 -1.65 6.72
N SER A 58 4.15 -0.56 6.20
CA SER A 58 3.02 0.12 6.83
C SER A 58 1.71 -0.54 6.41
N LEU A 59 1.55 -0.75 5.11
CA LEU A 59 0.35 -1.37 4.57
C LEU A 59 -0.89 -0.52 4.84
N SER A 60 -0.79 0.77 4.49
CA SER A 60 -1.89 1.70 4.68
C SER A 60 -2.02 2.63 3.48
N SER A 61 -3.22 2.68 2.90
CA SER A 61 -3.48 3.53 1.74
C SER A 61 -3.85 4.95 2.18
N ASP A 62 -2.84 5.77 2.43
CA ASP A 62 -3.06 7.15 2.85
C ASP A 62 -2.30 8.11 1.94
N PRO A 63 -2.83 9.32 1.71
CA PRO A 63 -2.20 10.32 0.86
C PRO A 63 -1.07 11.06 1.58
N GLU A 64 -1.29 11.39 2.84
CA GLU A 64 -0.30 12.10 3.64
C GLU A 64 0.80 11.16 4.13
N VAL A 65 0.41 9.94 4.49
CA VAL A 65 1.36 8.95 4.99
C VAL A 65 2.47 8.71 3.98
N LEU A 66 2.12 8.69 2.70
CA LEU A 66 3.09 8.46 1.64
C LEU A 66 4.01 9.67 1.46
N LEU A 67 3.47 10.85 1.72
CA LEU A 67 4.24 12.08 1.60
C LEU A 67 5.47 12.05 2.49
N GLN A 68 5.31 11.46 3.67
CA GLN A 68 6.41 11.35 4.63
C GLN A 68 7.41 10.27 4.23
N ILE A 69 6.97 9.36 3.36
CA ILE A 69 7.83 8.28 2.90
C ILE A 69 9.02 8.83 2.11
N ASP A 70 10.20 8.24 2.33
CA ASP A 70 11.41 8.67 1.63
C ASP A 70 11.32 8.36 0.15
N GLY A 71 11.45 9.39 -0.68
CA GLY A 71 11.38 9.20 -2.12
C GLY A 71 10.09 9.72 -2.71
N VAL A 72 9.03 9.70 -1.91
CA VAL A 72 7.72 10.16 -2.36
C VAL A 72 7.59 11.67 -2.17
N THR A 73 7.10 12.35 -3.21
CA THR A 73 6.93 13.80 -3.17
C THR A 73 5.49 14.18 -3.45
N GLU A 74 5.22 15.48 -3.48
CA GLU A 74 3.88 15.99 -3.75
C GLU A 74 3.43 15.61 -5.16
N ASP A 75 4.34 15.74 -6.12
CA ASP A 75 4.03 15.41 -7.50
C ASP A 75 3.79 13.92 -7.67
N LYS A 76 4.63 13.11 -7.04
CA LYS A 76 4.49 11.66 -7.11
C LYS A 76 3.14 11.21 -6.58
N LEU A 77 2.80 11.63 -5.37
CA LEU A 77 1.54 11.27 -4.75
C LEU A 77 0.36 11.95 -5.47
N GLU A 78 0.66 12.91 -6.34
CA GLU A 78 -0.38 13.62 -7.07
C GLU A 78 -0.86 12.82 -8.28
N LYS A 79 0.05 12.55 -9.22
CA LYS A 79 -0.30 11.81 -10.43
C LYS A 79 -0.33 10.31 -10.19
N TYR A 80 0.64 9.80 -9.44
CA TYR A 80 0.72 8.37 -9.15
C TYR A 80 -0.23 7.98 -8.02
N GLY A 81 -0.50 8.93 -7.12
CA GLY A 81 -1.39 8.65 -6.00
C GLY A 81 -2.68 7.99 -6.43
N ALA A 82 -3.10 8.24 -7.66
CA ALA A 82 -4.33 7.66 -8.18
C ALA A 82 -4.14 6.20 -8.57
N GLU A 83 -2.90 5.82 -8.85
CA GLU A 83 -2.59 4.45 -9.24
C GLU A 83 -2.11 3.63 -8.05
N VAL A 84 -0.99 4.05 -7.45
CA VAL A 84 -0.43 3.34 -6.30
C VAL A 84 -1.50 3.09 -5.23
N ILE A 85 -2.16 4.15 -4.80
CA ILE A 85 -3.20 4.04 -3.78
C ILE A 85 -4.33 3.11 -4.25
N SER A 86 -4.49 3.00 -5.56
CA SER A 86 -5.52 2.12 -6.12
C SER A 86 -5.30 0.68 -5.69
N VAL A 87 -4.02 0.32 -5.54
CA VAL A 87 -3.66 -1.02 -5.13
C VAL A 87 -3.53 -1.13 -3.61
N LEU A 88 -3.37 0.01 -2.94
CA LEU A 88 -3.22 0.04 -1.49
C LEU A 88 -4.57 0.10 -0.78
N GLN A 89 -5.62 0.49 -1.51
CA GLN A 89 -6.95 0.60 -0.93
C GLN A 89 -7.36 -0.70 -0.25
N LYS A 90 -6.78 -1.81 -0.69
CA LYS A 90 -7.10 -3.12 -0.11
C LYS A 90 -6.43 -3.30 1.24
N TYR A 91 -5.29 -2.64 1.43
CA TYR A 91 -4.56 -2.74 2.68
C TYR A 91 -5.29 -2.03 3.82
N SER A 92 -5.67 -0.78 3.59
CA SER A 92 -6.39 -0.01 4.59
C SER A 92 -7.74 -0.62 4.92
N GLU A 93 -8.26 -1.41 3.99
CA GLU A 93 -9.56 -2.07 4.18
C GLU A 93 -9.40 -3.41 4.87
N TRP A 94 -8.20 -3.97 4.82
CA TRP A 94 -7.93 -5.27 5.44
C TRP A 94 -7.02 -5.14 6.66
N THR A 95 -6.45 -3.95 6.85
CA THR A 95 -5.55 -3.71 7.98
C THR A 95 -6.32 -3.78 9.30
N SER A 96 -7.58 -3.37 9.27
CA SER A 96 -8.41 -3.38 10.47
C SER A 96 -9.05 -4.76 10.67
N PRO A 97 -8.83 -5.39 11.84
CA PRO A 97 -9.41 -6.71 12.13
C PRO A 97 -10.91 -6.65 12.37
N ALA A 98 -11.38 -5.55 12.94
CA ALA A 98 -12.79 -5.37 13.22
C ALA A 98 -13.57 -5.06 11.94
N GLU A 99 -12.91 -4.42 10.98
CA GLU A 99 -13.54 -4.07 9.71
C GLU A 99 -14.02 -5.32 8.99
N ASP A 100 -13.08 -6.19 8.63
CA ASP A 100 -13.39 -7.42 7.92
C ASP A 100 -13.13 -8.63 8.81
N SER A 101 -14.20 -9.23 9.33
CA SER A 101 -14.08 -10.40 10.19
C SER A 101 -15.34 -11.26 10.13
N GLY A 1 -16.95 -9.70 26.07
CA GLY A 1 -17.45 -8.48 26.77
C GLY A 1 -18.73 -7.94 26.15
N ILE A 2 -18.83 -8.02 24.83
CA ILE A 2 -20.02 -7.55 24.12
C ILE A 2 -20.11 -8.18 22.74
N PRO A 3 -20.83 -9.32 22.63
CA PRO A 3 -21.01 -10.03 21.35
C PRO A 3 -21.53 -9.11 20.25
N GLU A 4 -22.20 -8.04 20.65
CA GLU A 4 -22.76 -7.09 19.69
C GLU A 4 -21.70 -6.61 18.71
N PHE A 5 -20.46 -6.52 19.18
CA PHE A 5 -19.36 -6.07 18.33
C PHE A 5 -18.09 -6.89 18.61
N LYS A 6 -17.53 -7.48 17.56
CA LYS A 6 -16.33 -8.29 17.69
C LYS A 6 -15.08 -7.44 17.49
N GLN A 7 -13.93 -8.00 17.84
CA GLN A 7 -12.67 -7.29 17.70
C GLN A 7 -11.51 -8.27 17.48
N LYS A 8 -10.64 -7.95 16.52
CA LYS A 8 -9.49 -8.80 16.22
C LYS A 8 -9.96 -10.19 15.78
N ALA A 9 -9.01 -11.11 15.66
CA ALA A 9 -9.31 -12.47 15.24
C ALA A 9 -8.62 -13.49 16.15
N LEU A 10 -9.34 -14.54 16.50
CA LEU A 10 -8.80 -15.59 17.37
C LEU A 10 -8.41 -16.81 16.56
N VAL A 11 -9.33 -17.28 15.73
CA VAL A 11 -9.08 -18.46 14.90
C VAL A 11 -8.04 -18.16 13.82
N ALA A 12 -7.22 -19.15 13.51
CA ALA A 12 -6.18 -18.99 12.49
C ALA A 12 -5.20 -17.88 12.88
N LYS A 13 -4.26 -18.21 13.76
CA LYS A 13 -3.26 -17.25 14.22
C LYS A 13 -1.95 -17.41 13.46
N VAL A 14 -1.84 -16.72 12.34
CA VAL A 14 -0.63 -16.79 11.51
C VAL A 14 -0.10 -15.39 11.19
N SER A 15 1.20 -15.31 10.92
CA SER A 15 1.83 -14.03 10.59
C SER A 15 1.31 -13.50 9.26
N GLN A 16 0.10 -12.96 9.27
CA GLN A 16 -0.50 -12.42 8.06
C GLN A 16 0.01 -11.01 7.76
N ARG A 17 0.52 -10.34 8.80
CA ARG A 17 1.04 -8.98 8.65
C ARG A 17 2.33 -8.99 7.83
N GLU A 18 3.07 -10.10 7.89
CA GLU A 18 4.33 -10.22 7.17
C GLU A 18 4.07 -10.47 5.68
N GLU A 19 3.00 -11.21 5.39
CA GLU A 19 2.65 -11.53 4.01
C GLU A 19 1.90 -10.37 3.36
N MET A 20 1.17 -9.62 4.17
CA MET A 20 0.40 -8.48 3.68
C MET A 20 1.33 -7.37 3.19
N VAL A 21 2.36 -7.08 3.97
CA VAL A 21 3.32 -6.05 3.62
C VAL A 21 4.13 -6.43 2.39
N LYS A 22 4.59 -7.67 2.36
CA LYS A 22 5.39 -8.17 1.24
C LYS A 22 4.58 -8.11 -0.05
N LYS A 23 3.30 -8.48 0.04
CA LYS A 23 2.42 -8.47 -1.12
C LYS A 23 2.35 -7.07 -1.74
N CYS A 24 2.48 -6.06 -0.90
CA CYS A 24 2.44 -4.67 -1.37
C CYS A 24 3.67 -4.34 -2.20
N LEU A 25 4.80 -4.94 -1.84
CA LEU A 25 6.05 -4.70 -2.57
C LEU A 25 5.92 -5.16 -4.02
N GLY A 26 5.29 -6.32 -4.21
CA GLY A 26 5.10 -6.85 -5.54
C GLY A 26 3.97 -6.17 -6.29
N GLU A 27 2.84 -5.98 -5.61
CA GLU A 27 1.67 -5.35 -6.22
C GLU A 27 2.02 -3.94 -6.72
N LEU A 28 2.65 -3.16 -5.85
CA LEU A 28 3.02 -1.80 -6.19
C LEU A 28 4.00 -1.79 -7.37
N THR A 29 4.79 -2.84 -7.49
CA THR A 29 5.76 -2.94 -8.58
C THR A 29 5.03 -2.94 -9.92
N GLU A 30 3.83 -3.50 -9.94
CA GLU A 30 3.03 -3.56 -11.15
C GLU A 30 2.51 -2.18 -11.52
N VAL A 31 1.75 -1.57 -10.62
CA VAL A 31 1.19 -0.24 -10.85
C VAL A 31 2.29 0.75 -11.24
N CYS A 32 3.45 0.61 -10.60
CA CYS A 32 4.57 1.49 -10.87
C CYS A 32 5.01 1.37 -12.32
N LYS A 33 5.07 0.14 -12.81
CA LYS A 33 5.47 -0.11 -14.20
C LYS A 33 4.54 0.60 -15.17
N SER A 34 3.24 0.35 -15.03
CA SER A 34 2.24 0.97 -15.90
C SER A 34 2.34 2.49 -15.83
N LEU A 35 2.75 3.00 -14.67
CA LEU A 35 2.90 4.44 -14.47
C LEU A 35 4.10 4.98 -15.24
N GLY A 36 5.04 4.09 -15.57
CA GLY A 36 6.23 4.50 -16.29
C GLY A 36 5.98 4.61 -17.79
N LYS A 37 5.18 3.70 -18.32
CA LYS A 37 4.88 3.70 -19.75
C LYS A 37 3.92 4.82 -20.11
N VAL A 38 3.11 5.25 -19.14
CA VAL A 38 2.15 6.32 -19.37
C VAL A 38 2.78 7.68 -19.15
N PHE A 39 3.79 7.74 -18.29
CA PHE A 39 4.47 9.00 -18.00
C PHE A 39 5.86 9.03 -18.61
N GLY A 40 6.11 8.14 -19.56
CA GLY A 40 7.41 8.09 -20.22
C GLY A 40 8.57 8.05 -19.24
N VAL A 41 8.41 7.28 -18.16
CA VAL A 41 9.46 7.16 -17.16
C VAL A 41 9.72 5.71 -16.81
N HIS A 42 10.92 5.42 -16.31
CA HIS A 42 11.30 4.05 -15.95
C HIS A 42 10.64 3.63 -14.64
N TYR A 43 10.61 2.33 -14.41
CA TYR A 43 10.01 1.77 -13.20
C TYR A 43 10.66 2.37 -11.94
N PHE A 44 11.98 2.39 -11.93
CA PHE A 44 12.73 2.94 -10.80
C PHE A 44 12.48 4.44 -10.65
N ASN A 45 12.00 5.07 -11.71
CA ASN A 45 11.72 6.50 -11.69
C ASN A 45 10.49 6.82 -10.83
N ILE A 46 9.55 5.88 -10.79
CA ILE A 46 8.33 6.06 -10.01
C ILE A 46 8.63 6.11 -8.51
N PHE A 47 9.06 4.98 -7.97
CA PHE A 47 9.38 4.88 -6.55
C PHE A 47 10.66 4.08 -6.32
N ASN A 48 11.38 4.42 -5.26
CA ASN A 48 12.62 3.72 -4.93
C ASN A 48 12.36 2.56 -3.98
N THR A 49 13.34 1.68 -3.84
CA THR A 49 13.23 0.52 -2.96
C THR A 49 12.77 0.94 -1.57
N VAL A 50 13.26 2.09 -1.10
CA VAL A 50 12.91 2.58 0.22
C VAL A 50 11.44 2.99 0.28
N THR A 51 10.88 3.36 -0.87
CA THR A 51 9.48 3.77 -0.95
C THR A 51 8.55 2.56 -0.83
N LEU A 52 8.74 1.58 -1.70
CA LEU A 52 7.92 0.37 -1.70
C LEU A 52 7.95 -0.32 -0.34
N LYS A 53 9.14 -0.49 0.20
CA LYS A 53 9.30 -1.14 1.50
C LYS A 53 8.51 -0.41 2.57
N LYS A 54 8.45 0.92 2.45
CA LYS A 54 7.71 1.74 3.41
C LYS A 54 6.21 1.47 3.31
N LEU A 55 5.65 1.70 2.14
CA LEU A 55 4.23 1.48 1.91
C LEU A 55 3.83 0.03 2.19
N ALA A 56 4.82 -0.87 2.17
CA ALA A 56 4.56 -2.28 2.42
C ALA A 56 4.41 -2.55 3.92
N GLU A 57 5.38 -2.08 4.70
CA GLU A 57 5.36 -2.28 6.14
C GLU A 57 4.06 -1.77 6.75
N SER A 58 3.66 -0.56 6.36
CA SER A 58 2.43 0.04 6.87
C SER A 58 1.20 -0.67 6.28
N LEU A 59 1.20 -0.83 4.97
CA LEU A 59 0.09 -1.48 4.28
C LEU A 59 -1.19 -0.66 4.42
N SER A 60 -1.11 0.64 4.11
CA SER A 60 -2.26 1.52 4.19
C SER A 60 -2.30 2.47 2.99
N SER A 61 -3.50 2.81 2.55
CA SER A 61 -3.67 3.71 1.41
C SER A 61 -3.98 5.13 1.88
N ASP A 62 -2.93 5.89 2.19
CA ASP A 62 -3.08 7.26 2.65
C ASP A 62 -2.26 8.21 1.79
N PRO A 63 -2.64 9.51 1.76
CA PRO A 63 -1.94 10.51 0.97
C PRO A 63 -0.77 11.14 1.74
N GLU A 64 -1.09 11.76 2.87
CA GLU A 64 -0.07 12.40 3.70
C GLU A 64 0.96 11.39 4.19
N VAL A 65 0.49 10.26 4.69
CA VAL A 65 1.36 9.20 5.19
C VAL A 65 2.41 8.83 4.14
N LEU A 66 2.07 9.02 2.88
CA LEU A 66 2.95 8.70 1.78
C LEU A 66 3.90 9.86 1.45
N LEU A 67 3.55 11.05 1.93
CA LEU A 67 4.37 12.24 1.68
C LEU A 67 5.66 12.18 2.50
N GLN A 68 5.55 11.66 3.73
CA GLN A 68 6.70 11.56 4.61
C GLN A 68 7.63 10.41 4.21
N ILE A 69 7.17 9.58 3.27
CA ILE A 69 7.97 8.45 2.80
C ILE A 69 9.20 8.93 2.04
N ASP A 70 10.26 8.11 2.06
CA ASP A 70 11.49 8.45 1.37
C ASP A 70 11.32 8.33 -0.15
N GLY A 71 11.58 9.44 -0.85
CA GLY A 71 11.45 9.44 -2.29
C GLY A 71 10.10 9.96 -2.75
N VAL A 72 9.06 9.66 -2.00
CA VAL A 72 7.71 10.09 -2.33
C VAL A 72 7.50 11.56 -1.98
N THR A 73 7.12 12.35 -2.98
CA THR A 73 6.87 13.77 -2.78
C THR A 73 5.44 14.13 -3.14
N GLU A 74 5.10 15.42 -3.04
CA GLU A 74 3.76 15.89 -3.36
C GLU A 74 3.42 15.57 -4.81
N ASP A 75 4.35 15.84 -5.71
CA ASP A 75 4.14 15.58 -7.13
C ASP A 75 3.94 14.10 -7.40
N LYS A 76 4.60 13.27 -6.61
CA LYS A 76 4.50 11.81 -6.77
C LYS A 76 3.17 11.31 -6.23
N LEU A 77 2.69 11.92 -5.16
CA LEU A 77 1.43 11.52 -4.54
C LEU A 77 0.24 12.15 -5.27
N GLU A 78 0.49 13.20 -6.05
CA GLU A 78 -0.56 13.87 -6.80
C GLU A 78 -0.69 13.27 -8.20
N LYS A 79 0.42 12.76 -8.72
CA LYS A 79 0.43 12.16 -10.05
C LYS A 79 0.26 10.64 -9.99
N TYR A 80 1.17 9.98 -9.27
CA TYR A 80 1.13 8.53 -9.13
C TYR A 80 0.15 8.10 -8.04
N GLY A 81 -0.04 8.96 -7.05
CA GLY A 81 -0.94 8.64 -5.95
C GLY A 81 -2.26 8.05 -6.40
N ALA A 82 -2.82 8.60 -7.47
CA ALA A 82 -4.09 8.11 -8.00
C ALA A 82 -3.99 6.64 -8.42
N GLU A 83 -2.78 6.20 -8.78
CA GLU A 83 -2.56 4.83 -9.20
C GLU A 83 -2.07 3.96 -8.06
N VAL A 84 -0.89 4.29 -7.52
CA VAL A 84 -0.32 3.53 -6.41
C VAL A 84 -1.35 3.26 -5.32
N ILE A 85 -2.02 4.30 -4.86
CA ILE A 85 -3.04 4.17 -3.82
C ILE A 85 -4.16 3.24 -4.29
N SER A 86 -4.37 3.19 -5.60
CA SER A 86 -5.41 2.33 -6.16
C SER A 86 -5.17 0.88 -5.77
N VAL A 87 -3.90 0.52 -5.61
CA VAL A 87 -3.52 -0.83 -5.23
C VAL A 87 -3.44 -0.99 -3.71
N LEU A 88 -3.30 0.13 -3.01
CA LEU A 88 -3.20 0.12 -1.56
C LEU A 88 -4.56 0.13 -0.89
N GLN A 89 -5.59 0.58 -1.61
CA GLN A 89 -6.94 0.64 -1.07
C GLN A 89 -7.33 -0.69 -0.43
N LYS A 90 -6.83 -1.79 -0.98
CA LYS A 90 -7.12 -3.11 -0.46
C LYS A 90 -6.53 -3.29 0.94
N TYR A 91 -5.30 -2.83 1.13
CA TYR A 91 -4.64 -2.95 2.43
C TYR A 91 -5.44 -2.24 3.51
N SER A 92 -5.90 -1.03 3.21
CA SER A 92 -6.68 -0.24 4.16
C SER A 92 -7.95 -0.98 4.57
N GLU A 93 -8.38 -1.94 3.73
CA GLU A 93 -9.57 -2.72 4.01
C GLU A 93 -9.23 -4.06 4.65
N TRP A 94 -7.97 -4.47 4.55
CA TRP A 94 -7.52 -5.74 5.12
C TRP A 94 -6.58 -5.53 6.31
N THR A 95 -6.22 -4.28 6.58
CA THR A 95 -5.33 -3.96 7.68
C THR A 95 -5.98 -4.27 9.03
N SER A 96 -7.31 -4.25 9.05
CA SER A 96 -8.05 -4.54 10.28
C SER A 96 -8.21 -6.04 10.49
N PRO A 97 -7.87 -6.54 11.69
CA PRO A 97 -7.98 -7.98 12.00
C PRO A 97 -9.43 -8.43 12.15
N ALA A 98 -10.29 -7.50 12.58
CA ALA A 98 -11.70 -7.80 12.77
C ALA A 98 -12.50 -7.49 11.51
N GLU A 99 -12.88 -8.53 10.77
CA GLU A 99 -13.65 -8.36 9.55
C GLU A 99 -15.10 -8.00 9.86
N ASP A 100 -15.73 -7.27 8.95
CA ASP A 100 -17.12 -6.84 9.13
C ASP A 100 -17.91 -7.04 7.84
N SER A 101 -19.15 -7.51 7.99
CA SER A 101 -20.02 -7.74 6.84
C SER A 101 -21.48 -7.73 7.25
N GLY A 1 -27.79 -14.46 26.88
CA GLY A 1 -26.72 -14.12 25.89
C GLY A 1 -26.05 -15.35 25.32
N ILE A 2 -26.66 -15.95 24.30
CA ILE A 2 -26.12 -17.14 23.67
C ILE A 2 -24.94 -16.79 22.76
N PRO A 3 -25.08 -15.77 21.89
CA PRO A 3 -24.01 -15.37 20.97
C PRO A 3 -22.94 -14.54 21.68
N GLU A 4 -21.73 -14.57 21.13
CA GLU A 4 -20.62 -13.82 21.70
C GLU A 4 -19.36 -13.95 20.84
N PHE A 5 -19.12 -15.16 20.34
CA PHE A 5 -17.96 -15.41 19.50
C PHE A 5 -18.03 -14.61 18.21
N LYS A 6 -17.54 -13.38 18.26
CA LYS A 6 -17.55 -12.51 17.09
C LYS A 6 -16.38 -11.52 17.13
N GLN A 7 -16.32 -10.65 16.13
CA GLN A 7 -15.24 -9.65 16.05
C GLN A 7 -13.89 -10.33 15.94
N LYS A 8 -13.41 -10.49 14.71
CA LYS A 8 -12.11 -11.11 14.46
C LYS A 8 -11.00 -10.33 15.14
N ALA A 9 -10.70 -9.16 14.62
CA ALA A 9 -9.64 -8.31 15.18
C ALA A 9 -8.29 -9.01 15.12
N LEU A 10 -7.55 -8.78 14.04
CA LEU A 10 -6.24 -9.39 13.86
C LEU A 10 -6.34 -10.91 13.76
N VAL A 11 -6.55 -11.57 14.89
CA VAL A 11 -6.67 -13.03 14.93
C VAL A 11 -5.33 -13.69 14.69
N ALA A 12 -4.75 -13.47 13.51
CA ALA A 12 -3.47 -14.06 13.16
C ALA A 12 -3.57 -15.58 13.03
N LYS A 13 -2.56 -16.17 12.39
CA LYS A 13 -2.54 -17.62 12.21
C LYS A 13 -1.19 -18.07 11.65
N VAL A 14 -0.67 -17.31 10.69
CA VAL A 14 0.61 -17.64 10.07
C VAL A 14 1.20 -16.40 9.37
N SER A 15 1.72 -15.47 10.17
CA SER A 15 2.31 -14.25 9.64
C SER A 15 1.38 -13.57 8.63
N GLN A 16 0.19 -13.19 9.10
CA GLN A 16 -0.80 -12.54 8.26
C GLN A 16 -0.31 -11.15 7.83
N ARG A 17 -0.03 -10.30 8.81
CA ARG A 17 0.45 -8.94 8.53
C ARG A 17 1.76 -8.97 7.79
N GLU A 18 2.56 -10.01 8.02
CA GLU A 18 3.86 -10.15 7.36
C GLU A 18 3.68 -10.46 5.88
N GLU A 19 2.73 -11.34 5.58
CA GLU A 19 2.46 -11.73 4.20
C GLU A 19 1.71 -10.64 3.45
N MET A 20 1.00 -9.79 4.20
CA MET A 20 0.23 -8.71 3.61
C MET A 20 1.15 -7.60 3.10
N VAL A 21 2.12 -7.21 3.92
CA VAL A 21 3.07 -6.17 3.56
C VAL A 21 3.91 -6.59 2.36
N LYS A 22 4.25 -7.87 2.31
CA LYS A 22 5.05 -8.40 1.22
C LYS A 22 4.32 -8.27 -0.11
N LYS A 23 3.04 -8.64 -0.11
CA LYS A 23 2.22 -8.57 -1.32
C LYS A 23 2.16 -7.13 -1.84
N CYS A 24 2.28 -6.17 -0.94
CA CYS A 24 2.24 -4.77 -1.31
C CYS A 24 3.46 -4.40 -2.17
N LEU A 25 4.62 -4.92 -1.79
CA LEU A 25 5.85 -4.65 -2.53
C LEU A 25 5.74 -5.13 -3.96
N GLY A 26 5.13 -6.30 -4.15
CA GLY A 26 4.99 -6.85 -5.49
C GLY A 26 3.90 -6.15 -6.29
N GLU A 27 2.71 -6.03 -5.70
CA GLU A 27 1.59 -5.38 -6.37
C GLU A 27 1.95 -3.97 -6.81
N LEU A 28 2.51 -3.20 -5.89
CA LEU A 28 2.90 -1.82 -6.19
C LEU A 28 3.91 -1.77 -7.32
N THR A 29 4.70 -2.83 -7.47
CA THR A 29 5.71 -2.88 -8.52
C THR A 29 5.04 -2.82 -9.89
N GLU A 30 3.93 -3.54 -10.03
CA GLU A 30 3.19 -3.57 -11.29
C GLU A 30 2.68 -2.17 -11.64
N VAL A 31 1.87 -1.60 -10.75
CA VAL A 31 1.31 -0.27 -10.96
C VAL A 31 2.42 0.74 -11.23
N CYS A 32 3.56 0.57 -10.57
CA CYS A 32 4.70 1.47 -10.75
C CYS A 32 5.16 1.47 -12.21
N LYS A 33 5.41 0.28 -12.75
CA LYS A 33 5.85 0.15 -14.13
C LYS A 33 4.84 0.76 -15.10
N SER A 34 3.58 0.36 -14.94
CA SER A 34 2.51 0.88 -15.80
C SER A 34 2.46 2.40 -15.76
N LEU A 35 2.85 2.96 -14.62
CA LEU A 35 2.85 4.41 -14.45
C LEU A 35 3.98 5.05 -15.25
N GLY A 36 5.06 4.30 -15.45
CA GLY A 36 6.18 4.80 -16.20
C GLY A 36 5.96 4.77 -17.70
N LYS A 37 5.06 3.90 -18.15
CA LYS A 37 4.74 3.78 -19.57
C LYS A 37 3.84 4.92 -20.03
N VAL A 38 2.88 5.28 -19.19
CA VAL A 38 1.94 6.35 -19.51
C VAL A 38 2.59 7.73 -19.36
N PHE A 39 3.52 7.83 -18.41
CA PHE A 39 4.21 9.08 -18.16
C PHE A 39 5.52 9.16 -18.94
N GLY A 40 6.09 8.00 -19.23
CA GLY A 40 7.34 7.96 -19.98
C GLY A 40 8.56 7.92 -19.07
N VAL A 41 8.35 7.61 -17.80
CA VAL A 41 9.44 7.54 -16.84
C VAL A 41 9.85 6.09 -16.58
N HIS A 42 10.99 5.90 -15.92
CA HIS A 42 11.49 4.57 -15.62
C HIS A 42 10.81 3.99 -14.38
N TYR A 43 10.89 2.68 -14.22
CA TYR A 43 10.29 2.00 -13.08
C TYR A 43 10.78 2.62 -11.77
N PHE A 44 12.10 2.69 -11.60
CA PHE A 44 12.69 3.25 -10.40
C PHE A 44 12.30 4.71 -10.23
N ASN A 45 12.00 5.38 -11.34
CA ASN A 45 11.61 6.78 -11.32
C ASN A 45 10.38 7.00 -10.45
N ILE A 46 9.50 6.01 -10.43
CA ILE A 46 8.28 6.09 -9.63
C ILE A 46 8.59 6.07 -8.14
N PHE A 47 9.08 4.92 -7.66
CA PHE A 47 9.42 4.76 -6.26
C PHE A 47 10.73 3.99 -6.11
N ASN A 48 11.56 4.43 -5.16
CA ASN A 48 12.84 3.78 -4.90
C ASN A 48 12.65 2.48 -4.12
N THR A 49 13.69 1.66 -4.09
CA THR A 49 13.63 0.38 -3.38
C THR A 49 13.19 0.58 -1.93
N VAL A 50 13.72 1.63 -1.30
CA VAL A 50 13.38 1.93 0.08
C VAL A 50 11.96 2.49 0.19
N THR A 51 11.51 3.16 -0.86
CA THR A 51 10.18 3.74 -0.89
C THR A 51 9.11 2.66 -0.93
N LEU A 52 9.27 1.69 -1.82
CA LEU A 52 8.32 0.60 -1.97
C LEU A 52 8.16 -0.16 -0.66
N LYS A 53 9.29 -0.57 -0.08
CA LYS A 53 9.27 -1.32 1.17
C LYS A 53 8.53 -0.54 2.26
N LYS A 54 8.56 0.79 2.15
CA LYS A 54 7.88 1.64 3.11
C LYS A 54 6.37 1.42 3.07
N LEU A 55 5.79 1.61 1.88
CA LEU A 55 4.35 1.43 1.70
C LEU A 55 3.93 0.01 2.06
N ALA A 56 4.87 -0.92 2.03
CA ALA A 56 4.59 -2.32 2.36
C ALA A 56 4.42 -2.50 3.87
N GLU A 57 5.46 -2.14 4.62
CA GLU A 57 5.43 -2.27 6.07
C GLU A 57 4.23 -1.52 6.66
N SER A 58 3.91 -0.38 6.05
CA SER A 58 2.78 0.43 6.52
C SER A 58 1.46 -0.29 6.28
N LEU A 59 1.24 -0.71 5.04
CA LEU A 59 0.02 -1.42 4.68
C LEU A 59 -1.20 -0.51 4.77
N SER A 60 -1.03 0.75 4.40
CA SER A 60 -2.12 1.72 4.44
C SER A 60 -2.09 2.62 3.20
N SER A 61 -3.27 2.87 2.64
CA SER A 61 -3.37 3.71 1.45
C SER A 61 -3.82 5.12 1.82
N ASP A 62 -2.86 5.96 2.21
CA ASP A 62 -3.14 7.34 2.57
C ASP A 62 -2.27 8.31 1.77
N PRO A 63 -2.71 9.56 1.60
CA PRO A 63 -1.95 10.56 0.84
C PRO A 63 -0.81 11.15 1.65
N GLU A 64 -1.09 11.49 2.91
CA GLU A 64 -0.09 12.06 3.79
C GLU A 64 0.96 11.03 4.15
N VAL A 65 0.50 9.86 4.58
CA VAL A 65 1.38 8.77 4.98
C VAL A 65 2.49 8.55 3.96
N LEU A 66 2.12 8.48 2.69
CA LEU A 66 3.10 8.26 1.62
C LEU A 66 4.00 9.49 1.44
N LEU A 67 3.47 10.67 1.79
CA LEU A 67 4.24 11.90 1.67
C LEU A 67 5.50 11.84 2.52
N GLN A 68 5.40 11.22 3.68
CA GLN A 68 6.53 11.09 4.59
C GLN A 68 7.54 10.07 4.07
N ILE A 69 7.08 9.17 3.21
CA ILE A 69 7.95 8.15 2.64
C ILE A 69 9.04 8.77 1.78
N ASP A 70 10.28 8.30 1.97
CA ASP A 70 11.41 8.82 1.22
C ASP A 70 11.20 8.63 -0.28
N GLY A 71 11.42 9.69 -1.06
CA GLY A 71 11.26 9.62 -2.49
C GLY A 71 9.89 10.10 -2.94
N VAL A 72 8.87 9.83 -2.13
CA VAL A 72 7.51 10.25 -2.45
C VAL A 72 7.26 11.68 -2.01
N THR A 73 7.03 12.56 -2.99
CA THR A 73 6.77 13.97 -2.70
C THR A 73 5.30 14.32 -2.97
N GLU A 74 4.96 15.58 -2.78
CA GLU A 74 3.60 16.04 -3.00
C GLU A 74 3.17 15.84 -4.45
N ASP A 75 4.15 15.86 -5.36
CA ASP A 75 3.87 15.67 -6.78
C ASP A 75 3.69 14.19 -7.12
N LYS A 76 4.59 13.36 -6.60
CA LYS A 76 4.53 11.92 -6.84
C LYS A 76 3.19 11.34 -6.38
N LEU A 77 2.71 11.81 -5.23
CA LEU A 77 1.45 11.35 -4.68
C LEU A 77 0.26 11.98 -5.40
N GLU A 78 0.53 13.00 -6.21
CA GLU A 78 -0.52 13.70 -6.95
C GLU A 78 -0.82 13.00 -8.27
N LYS A 79 0.23 12.52 -8.94
CA LYS A 79 0.08 11.86 -10.22
C LYS A 79 0.02 10.34 -10.07
N TYR A 80 0.97 9.79 -9.31
CA TYR A 80 1.02 8.35 -9.09
C TYR A 80 0.03 7.91 -8.02
N GLY A 81 -0.26 8.82 -7.09
CA GLY A 81 -1.20 8.51 -6.01
C GLY A 81 -2.47 7.84 -6.50
N ALA A 82 -3.06 8.39 -7.56
CA ALA A 82 -4.29 7.84 -8.12
C ALA A 82 -4.10 6.40 -8.56
N GLU A 83 -2.86 6.03 -8.86
CA GLU A 83 -2.56 4.66 -9.29
C GLU A 83 -2.08 3.80 -8.13
N VAL A 84 -0.97 4.20 -7.52
CA VAL A 84 -0.41 3.46 -6.39
C VAL A 84 -1.47 3.16 -5.34
N ILE A 85 -2.14 4.20 -4.84
CA ILE A 85 -3.18 4.04 -3.83
C ILE A 85 -4.29 3.13 -4.33
N SER A 86 -4.48 3.08 -5.64
CA SER A 86 -5.52 2.24 -6.22
C SER A 86 -5.29 0.78 -5.86
N VAL A 87 -4.01 0.41 -5.75
CA VAL A 87 -3.64 -0.96 -5.41
C VAL A 87 -3.50 -1.13 -3.89
N LEU A 88 -3.31 -0.02 -3.18
CA LEU A 88 -3.14 -0.06 -1.73
C LEU A 88 -4.48 -0.07 -1.00
N GLN A 89 -5.53 0.37 -1.68
CA GLN A 89 -6.86 0.41 -1.07
C GLN A 89 -7.20 -0.94 -0.44
N LYS A 90 -6.70 -2.01 -1.04
CA LYS A 90 -6.95 -3.35 -0.54
C LYS A 90 -6.31 -3.54 0.84
N TYR A 91 -5.07 -3.07 0.98
CA TYR A 91 -4.36 -3.18 2.24
C TYR A 91 -5.09 -2.41 3.34
N SER A 92 -5.65 -1.26 2.97
CA SER A 92 -6.38 -0.42 3.90
C SER A 92 -7.52 -1.20 4.55
N GLU A 93 -8.06 -2.16 3.81
CA GLU A 93 -9.16 -2.98 4.30
C GLU A 93 -8.65 -4.12 5.18
N TRP A 94 -7.40 -4.51 4.95
CA TRP A 94 -6.79 -5.60 5.72
C TRP A 94 -6.19 -5.08 7.03
N THR A 95 -5.60 -3.89 6.97
CA THR A 95 -4.98 -3.28 8.15
C THR A 95 -6.04 -2.91 9.19
N SER A 96 -7.26 -2.66 8.73
CA SER A 96 -8.34 -2.29 9.63
C SER A 96 -8.99 -3.53 10.24
N PRO A 97 -9.34 -3.48 11.54
CA PRO A 97 -9.97 -4.60 12.24
C PRO A 97 -11.44 -4.75 11.89
N ALA A 98 -11.89 -5.99 11.76
CA ALA A 98 -13.28 -6.28 11.43
C ALA A 98 -13.67 -5.64 10.10
N GLU A 99 -13.02 -6.08 9.02
CA GLU A 99 -13.29 -5.55 7.69
C GLU A 99 -12.95 -6.58 6.62
N ASP A 100 -11.71 -7.06 6.65
CA ASP A 100 -11.26 -8.05 5.67
C ASP A 100 -11.85 -9.43 5.97
N SER A 101 -12.06 -10.21 4.93
CA SER A 101 -12.62 -11.55 5.09
C SER A 101 -14.00 -11.50 5.71
N GLY A 1 1.84 -5.04 25.34
CA GLY A 1 0.39 -4.77 25.48
C GLY A 1 -0.47 -5.93 25.04
N ILE A 2 -0.68 -6.88 25.94
CA ILE A 2 -1.49 -8.05 25.64
C ILE A 2 -2.99 -7.75 25.80
N PRO A 3 -3.38 -7.09 26.90
CA PRO A 3 -4.79 -6.75 27.14
C PRO A 3 -5.41 -5.98 25.97
N GLU A 4 -6.65 -6.34 25.64
CA GLU A 4 -7.35 -5.69 24.54
C GLU A 4 -8.86 -5.72 24.76
N PHE A 5 -9.52 -4.59 24.53
CA PHE A 5 -10.96 -4.49 24.71
C PHE A 5 -11.69 -5.30 23.64
N LYS A 6 -11.13 -5.33 22.44
CA LYS A 6 -11.74 -6.08 21.34
C LYS A 6 -11.08 -7.43 21.18
N GLN A 7 -11.59 -8.23 20.24
CA GLN A 7 -11.05 -9.57 19.99
C GLN A 7 -10.78 -9.77 18.51
N LYS A 8 -10.26 -10.94 18.15
CA LYS A 8 -9.96 -11.27 16.76
C LYS A 8 -11.06 -12.13 16.15
N ALA A 9 -11.87 -11.52 15.29
CA ALA A 9 -12.96 -12.25 14.65
C ALA A 9 -12.43 -13.29 13.66
N LEU A 10 -11.27 -12.98 13.07
CA LEU A 10 -10.65 -13.89 12.11
C LEU A 10 -9.30 -14.39 12.62
N VAL A 11 -9.13 -15.70 12.63
CA VAL A 11 -7.88 -16.30 13.11
C VAL A 11 -7.05 -16.83 11.94
N ALA A 12 -5.84 -17.28 12.25
CA ALA A 12 -4.95 -17.81 11.23
C ALA A 12 -3.77 -18.55 11.86
N LYS A 13 -2.92 -19.12 11.01
CA LYS A 13 -1.75 -19.85 11.48
C LYS A 13 -0.52 -19.52 10.66
N VAL A 14 -0.47 -18.31 10.13
CA VAL A 14 0.65 -17.86 9.32
C VAL A 14 0.83 -16.35 9.41
N SER A 15 2.06 -15.89 9.19
CA SER A 15 2.37 -14.47 9.24
C SER A 15 1.57 -13.70 8.19
N GLN A 16 0.36 -13.31 8.55
CA GLN A 16 -0.51 -12.57 7.63
C GLN A 16 -0.03 -11.14 7.46
N ARG A 17 0.49 -10.57 8.54
CA ARG A 17 0.98 -9.19 8.51
C ARG A 17 2.27 -9.10 7.70
N GLU A 18 3.05 -10.17 7.73
CA GLU A 18 4.31 -10.21 7.00
C GLU A 18 4.08 -10.53 5.52
N GLU A 19 3.01 -11.27 5.25
CA GLU A 19 2.68 -11.65 3.87
C GLU A 19 1.98 -10.50 3.15
N MET A 20 1.09 -9.82 3.86
CA MET A 20 0.35 -8.71 3.28
C MET A 20 1.29 -7.58 2.88
N VAL A 21 2.21 -7.23 3.78
CA VAL A 21 3.16 -6.15 3.53
C VAL A 21 4.03 -6.49 2.32
N LYS A 22 4.51 -7.73 2.26
CA LYS A 22 5.35 -8.16 1.16
C LYS A 22 4.59 -8.07 -0.16
N LYS A 23 3.32 -8.47 -0.13
CA LYS A 23 2.47 -8.43 -1.32
C LYS A 23 2.37 -7.00 -1.86
N CYS A 24 2.46 -6.03 -0.96
CA CYS A 24 2.38 -4.62 -1.35
C CYS A 24 3.60 -4.23 -2.18
N LEU A 25 4.76 -4.76 -1.81
CA LEU A 25 6.00 -4.46 -2.51
C LEU A 25 5.90 -4.89 -3.98
N GLY A 26 5.36 -6.08 -4.21
CA GLY A 26 5.23 -6.59 -5.57
C GLY A 26 4.08 -5.94 -6.32
N GLU A 27 2.96 -5.76 -5.65
CA GLU A 27 1.78 -5.15 -6.27
C GLU A 27 2.09 -3.73 -6.74
N LEU A 28 2.61 -2.91 -5.83
CA LEU A 28 2.95 -1.54 -6.15
C LEU A 28 3.95 -1.47 -7.31
N THR A 29 4.78 -2.49 -7.43
CA THR A 29 5.76 -2.54 -8.50
C THR A 29 5.08 -2.52 -9.86
N GLU A 30 4.01 -3.29 -9.99
CA GLU A 30 3.25 -3.36 -11.24
C GLU A 30 2.69 -2.00 -11.60
N VAL A 31 1.87 -1.44 -10.71
CA VAL A 31 1.27 -0.13 -10.94
C VAL A 31 2.33 0.92 -11.26
N CYS A 32 3.49 0.79 -10.62
CA CYS A 32 4.60 1.73 -10.85
C CYS A 32 5.01 1.73 -12.32
N LYS A 33 5.29 0.54 -12.85
CA LYS A 33 5.70 0.40 -14.24
C LYS A 33 4.58 0.86 -15.17
N SER A 34 3.35 0.46 -14.86
CA SER A 34 2.20 0.82 -15.67
C SER A 34 2.07 2.34 -15.78
N LEU A 35 2.61 3.05 -14.81
CA LEU A 35 2.57 4.51 -14.79
C LEU A 35 3.73 5.10 -15.58
N GLY A 36 4.84 4.37 -15.63
CA GLY A 36 6.00 4.84 -16.35
C GLY A 36 5.90 4.62 -17.84
N LYS A 37 5.15 3.59 -18.23
CA LYS A 37 4.97 3.27 -19.64
C LYS A 37 4.03 4.27 -20.32
N VAL A 38 3.13 4.86 -19.53
CA VAL A 38 2.17 5.82 -20.06
C VAL A 38 2.76 7.23 -20.05
N PHE A 39 3.56 7.53 -19.02
CA PHE A 39 4.19 8.84 -18.90
C PHE A 39 5.55 8.87 -19.59
N GLY A 40 6.17 7.71 -19.70
CA GLY A 40 7.48 7.62 -20.33
C GLY A 40 8.63 7.72 -19.34
N VAL A 41 8.36 7.37 -18.09
CA VAL A 41 9.37 7.40 -17.05
C VAL A 41 9.74 6.00 -16.59
N HIS A 42 11.02 5.80 -16.27
CA HIS A 42 11.50 4.51 -15.83
C HIS A 42 10.78 4.05 -14.57
N TYR A 43 10.83 2.75 -14.30
CA TYR A 43 10.18 2.17 -13.12
C TYR A 43 10.69 2.84 -11.85
N PHE A 44 12.01 2.99 -11.76
CA PHE A 44 12.63 3.61 -10.59
C PHE A 44 12.20 5.07 -10.45
N ASN A 45 11.86 5.69 -11.58
CA ASN A 45 11.43 7.08 -11.58
C ASN A 45 10.22 7.29 -10.69
N ILE A 46 9.35 6.28 -10.64
CA ILE A 46 8.14 6.37 -9.81
C ILE A 46 8.48 6.35 -8.33
N PHE A 47 8.99 5.22 -7.85
CA PHE A 47 9.36 5.07 -6.46
C PHE A 47 10.68 4.33 -6.32
N ASN A 48 11.19 4.28 -5.09
CA ASN A 48 12.45 3.59 -4.81
C ASN A 48 12.23 2.41 -3.88
N THR A 49 13.23 1.54 -3.79
CA THR A 49 13.15 0.36 -2.92
C THR A 49 12.76 0.75 -1.51
N VAL A 50 13.14 1.95 -1.10
CA VAL A 50 12.83 2.43 0.24
C VAL A 50 11.35 2.82 0.36
N THR A 51 10.77 3.25 -0.75
CA THR A 51 9.37 3.65 -0.77
C THR A 51 8.45 2.43 -0.71
N LEU A 52 8.70 1.47 -1.59
CA LEU A 52 7.91 0.25 -1.65
C LEU A 52 7.91 -0.47 -0.30
N LYS A 53 9.08 -0.63 0.28
CA LYS A 53 9.22 -1.30 1.58
C LYS A 53 8.41 -0.57 2.65
N LYS A 54 8.38 0.76 2.57
CA LYS A 54 7.64 1.56 3.53
C LYS A 54 6.15 1.33 3.39
N LEU A 55 5.62 1.57 2.19
CA LEU A 55 4.19 1.38 1.92
C LEU A 55 3.78 -0.07 2.19
N ALA A 56 4.74 -0.98 2.19
CA ALA A 56 4.45 -2.38 2.43
C ALA A 56 4.26 -2.66 3.92
N GLU A 57 5.25 -2.26 4.71
CA GLU A 57 5.18 -2.46 6.15
C GLU A 57 3.96 -1.76 6.74
N SER A 58 3.69 -0.55 6.24
CA SER A 58 2.55 0.23 6.72
C SER A 58 1.23 -0.48 6.39
N LEU A 59 1.08 -0.87 5.13
CA LEU A 59 -0.13 -1.58 4.69
C LEU A 59 -1.34 -0.66 4.77
N SER A 60 -1.18 0.59 4.37
CA SER A 60 -2.27 1.56 4.39
C SER A 60 -2.25 2.43 3.14
N SER A 61 -3.44 2.86 2.70
CA SER A 61 -3.54 3.69 1.51
C SER A 61 -3.91 5.13 1.89
N ASP A 62 -2.90 5.92 2.22
CA ASP A 62 -3.09 7.31 2.59
C ASP A 62 -2.24 8.23 1.72
N PRO A 63 -2.63 9.51 1.59
CA PRO A 63 -1.90 10.47 0.78
C PRO A 63 -0.77 11.16 1.56
N GLU A 64 -1.09 11.67 2.75
CA GLU A 64 -0.10 12.35 3.57
C GLU A 64 0.90 11.35 4.16
N VAL A 65 0.42 10.16 4.48
CA VAL A 65 1.27 9.12 5.05
C VAL A 65 2.40 8.77 4.08
N LEU A 66 2.11 8.89 2.80
CA LEU A 66 3.10 8.58 1.77
C LEU A 66 4.02 9.76 1.51
N LEU A 67 3.59 10.96 1.91
CA LEU A 67 4.39 12.16 1.73
C LEU A 67 5.62 12.12 2.62
N GLN A 68 5.47 11.57 3.82
CA GLN A 68 6.57 11.47 4.77
C GLN A 68 7.52 10.32 4.42
N ILE A 69 7.06 9.41 3.56
CA ILE A 69 7.87 8.27 3.16
C ILE A 69 9.11 8.72 2.41
N ASP A 70 10.16 7.89 2.46
CA ASP A 70 11.42 8.21 1.79
C ASP A 70 11.29 8.01 0.28
N GLY A 71 11.76 9.00 -0.48
CA GLY A 71 11.70 8.92 -1.92
C GLY A 71 10.34 9.33 -2.48
N VAL A 72 9.41 9.64 -1.60
CA VAL A 72 8.06 10.04 -2.00
C VAL A 72 7.88 11.55 -1.85
N THR A 73 7.16 12.16 -2.79
CA THR A 73 6.91 13.59 -2.76
C THR A 73 5.46 13.90 -3.11
N GLU A 74 5.11 15.18 -3.09
CA GLU A 74 3.75 15.61 -3.41
C GLU A 74 3.42 15.29 -4.87
N ASP A 75 4.35 15.57 -5.77
CA ASP A 75 4.16 15.30 -7.19
C ASP A 75 3.90 13.82 -7.43
N LYS A 76 4.67 12.97 -6.76
CA LYS A 76 4.52 11.53 -6.90
C LYS A 76 3.17 11.06 -6.39
N LEU A 77 2.72 11.67 -5.29
CA LEU A 77 1.43 11.32 -4.69
C LEU A 77 0.28 12.02 -5.40
N GLU A 78 0.61 13.00 -6.24
CA GLU A 78 -0.42 13.73 -6.98
C GLU A 78 -0.68 13.08 -8.33
N LYS A 79 0.36 12.57 -8.95
CA LYS A 79 0.24 11.92 -10.26
C LYS A 79 0.12 10.41 -10.10
N TYR A 80 1.11 9.79 -9.48
CA TYR A 80 1.13 8.35 -9.27
C TYR A 80 0.18 7.95 -8.14
N GLY A 81 -0.07 8.87 -7.22
CA GLY A 81 -0.95 8.59 -6.10
C GLY A 81 -2.25 7.92 -6.53
N ALA A 82 -2.89 8.49 -7.54
CA ALA A 82 -4.15 7.94 -8.04
C ALA A 82 -3.99 6.49 -8.48
N GLU A 83 -2.75 6.09 -8.78
CA GLU A 83 -2.47 4.72 -9.21
C GLU A 83 -2.01 3.86 -8.05
N VAL A 84 -0.88 4.22 -7.44
CA VAL A 84 -0.34 3.46 -6.31
C VAL A 84 -1.41 3.19 -5.27
N ILE A 85 -2.05 4.25 -4.78
CA ILE A 85 -3.09 4.12 -3.77
C ILE A 85 -4.22 3.20 -4.25
N SER A 86 -4.41 3.15 -5.58
CA SER A 86 -5.45 2.31 -6.15
C SER A 86 -5.22 0.85 -5.78
N VAL A 87 -3.95 0.48 -5.67
CA VAL A 87 -3.56 -0.88 -5.32
C VAL A 87 -3.43 -1.06 -3.80
N LEU A 88 -3.28 0.06 -3.09
CA LEU A 88 -3.13 0.02 -1.63
C LEU A 88 -4.48 0.03 -0.93
N GLN A 89 -5.53 0.44 -1.63
CA GLN A 89 -6.87 0.49 -1.05
C GLN A 89 -7.22 -0.83 -0.38
N LYS A 90 -6.78 -1.93 -0.99
CA LYS A 90 -7.04 -3.26 -0.46
C LYS A 90 -6.40 -3.43 0.91
N TYR A 91 -5.15 -3.02 1.04
CA TYR A 91 -4.42 -3.13 2.30
C TYR A 91 -5.18 -2.41 3.41
N SER A 92 -5.69 -1.22 3.09
CA SER A 92 -6.44 -0.43 4.07
C SER A 92 -7.59 -1.23 4.65
N GLU A 93 -8.15 -2.13 3.84
CA GLU A 93 -9.26 -2.97 4.27
C GLU A 93 -8.77 -4.09 5.18
N TRP A 94 -7.52 -4.50 4.99
CA TRP A 94 -6.93 -5.58 5.79
C TRP A 94 -6.15 -5.01 6.98
N THR A 95 -6.01 -3.69 7.04
CA THR A 95 -5.28 -3.04 8.12
C THR A 95 -6.08 -3.10 9.42
N SER A 96 -7.37 -2.79 9.34
CA SER A 96 -8.24 -2.81 10.51
C SER A 96 -8.76 -4.22 10.79
N PRO A 97 -9.05 -4.53 12.06
CA PRO A 97 -9.56 -5.84 12.45
C PRO A 97 -10.93 -6.15 11.86
N ALA A 98 -11.45 -7.33 12.15
CA ALA A 98 -12.76 -7.73 11.65
C ALA A 98 -12.77 -7.77 10.13
N GLU A 99 -13.91 -8.16 9.55
CA GLU A 99 -14.05 -8.24 8.11
C GLU A 99 -15.19 -7.36 7.63
N ASP A 100 -16.34 -7.46 8.28
CA ASP A 100 -17.51 -6.67 7.92
C ASP A 100 -18.50 -6.61 9.08
N SER A 101 -19.36 -5.60 9.05
CA SER A 101 -20.37 -5.43 10.09
C SER A 101 -21.75 -5.22 9.49
N GLY A 1 -25.79 0.91 31.95
CA GLY A 1 -24.75 0.80 33.02
C GLY A 1 -24.27 -0.62 33.21
N ILE A 2 -23.91 -1.28 32.11
CA ILE A 2 -23.42 -2.65 32.17
C ILE A 2 -22.12 -2.80 31.40
N PRO A 3 -21.32 -3.84 31.73
CA PRO A 3 -20.04 -4.08 31.06
C PRO A 3 -20.17 -4.13 29.54
N GLU A 4 -19.40 -3.29 28.86
CA GLU A 4 -19.44 -3.24 27.40
C GLU A 4 -18.03 -3.06 26.83
N PHE A 5 -17.18 -4.07 27.04
CA PHE A 5 -15.81 -4.01 26.55
C PHE A 5 -15.39 -5.38 25.99
N LYS A 6 -15.45 -5.50 24.67
CA LYS A 6 -15.07 -6.75 24.02
C LYS A 6 -14.40 -6.47 22.67
N GLN A 7 -13.60 -7.43 22.20
CA GLN A 7 -12.90 -7.28 20.93
C GLN A 7 -12.48 -8.64 20.39
N LYS A 8 -13.32 -9.24 19.55
CA LYS A 8 -13.03 -10.54 18.96
C LYS A 8 -11.76 -10.48 18.11
N ALA A 9 -11.88 -9.86 16.93
CA ALA A 9 -10.76 -9.73 16.02
C ALA A 9 -10.21 -11.10 15.62
N LEU A 10 -11.11 -12.06 15.46
CA LEU A 10 -10.72 -13.42 15.07
C LEU A 10 -10.94 -13.64 13.57
N VAL A 11 -10.75 -12.59 12.79
CA VAL A 11 -10.93 -12.68 11.34
C VAL A 11 -9.59 -12.59 10.62
N ALA A 12 -8.55 -13.06 11.27
CA ALA A 12 -7.20 -13.03 10.69
C ALA A 12 -6.36 -14.21 11.20
N LYS A 13 -5.11 -14.25 10.76
CA LYS A 13 -4.20 -15.32 11.16
C LYS A 13 -2.89 -14.75 11.67
N VAL A 14 -2.12 -15.58 12.38
CA VAL A 14 -0.83 -15.15 12.93
C VAL A 14 0.11 -14.70 11.82
N SER A 15 0.83 -13.61 12.08
CA SER A 15 1.78 -13.06 11.11
C SER A 15 1.06 -12.69 9.82
N GLN A 16 -0.19 -12.28 9.94
CA GLN A 16 -0.99 -11.88 8.78
C GLN A 16 -0.45 -10.59 8.16
N ARG A 17 0.02 -9.68 9.02
CA ARG A 17 0.56 -8.41 8.56
C ARG A 17 1.87 -8.61 7.81
N GLU A 18 2.61 -9.65 8.18
CA GLU A 18 3.89 -9.94 7.54
C GLU A 18 3.70 -10.18 6.04
N GLU A 19 2.99 -11.26 5.70
CA GLU A 19 2.74 -11.60 4.31
C GLU A 19 2.02 -10.49 3.58
N MET A 20 1.36 -9.61 4.34
CA MET A 20 0.62 -8.50 3.76
C MET A 20 1.56 -7.43 3.20
N VAL A 21 2.62 -7.13 3.95
CA VAL A 21 3.59 -6.13 3.52
C VAL A 21 4.37 -6.59 2.31
N LYS A 22 4.59 -7.90 2.20
CA LYS A 22 5.32 -8.47 1.08
C LYS A 22 4.53 -8.33 -0.21
N LYS A 23 3.24 -8.68 -0.15
CA LYS A 23 2.36 -8.59 -1.31
C LYS A 23 2.32 -7.17 -1.85
N CYS A 24 2.56 -6.20 -0.99
CA CYS A 24 2.54 -4.80 -1.38
C CYS A 24 3.78 -4.45 -2.21
N LEU A 25 4.91 -5.05 -1.88
CA LEU A 25 6.14 -4.80 -2.59
C LEU A 25 6.01 -5.23 -4.06
N GLY A 26 5.39 -6.38 -4.27
CA GLY A 26 5.21 -6.88 -5.61
C GLY A 26 4.07 -6.21 -6.34
N GLU A 27 2.96 -5.99 -5.63
CA GLU A 27 1.79 -5.36 -6.22
C GLU A 27 2.11 -3.94 -6.70
N LEU A 28 2.64 -3.12 -5.78
CA LEU A 28 2.99 -1.75 -6.10
C LEU A 28 4.00 -1.69 -7.26
N THR A 29 4.82 -2.73 -7.37
CA THR A 29 5.82 -2.79 -8.43
C THR A 29 5.13 -2.78 -9.80
N GLU A 30 4.00 -3.46 -9.89
CA GLU A 30 3.25 -3.53 -11.13
C GLU A 30 2.69 -2.16 -11.51
N VAL A 31 1.90 -1.58 -10.62
CA VAL A 31 1.32 -0.26 -10.86
C VAL A 31 2.40 0.77 -11.19
N CYS A 32 3.56 0.60 -10.57
CA CYS A 32 4.68 1.51 -10.80
C CYS A 32 5.05 1.56 -12.28
N LYS A 33 5.42 0.40 -12.82
CA LYS A 33 5.79 0.30 -14.23
C LYS A 33 4.68 0.82 -15.14
N SER A 34 3.46 0.36 -14.88
CA SER A 34 2.30 0.77 -15.67
C SER A 34 2.17 2.30 -15.68
N LEU A 35 2.63 2.93 -14.60
CA LEU A 35 2.58 4.38 -14.49
C LEU A 35 3.69 5.04 -15.29
N GLY A 36 4.80 4.33 -15.44
CA GLY A 36 5.93 4.87 -16.18
C GLY A 36 5.70 4.82 -17.69
N LYS A 37 4.85 3.90 -18.13
CA LYS A 37 4.55 3.76 -19.55
C LYS A 37 3.56 4.83 -20.01
N VAL A 38 2.69 5.26 -19.09
CA VAL A 38 1.71 6.29 -19.41
C VAL A 38 2.28 7.69 -19.24
N PHE A 39 3.19 7.85 -18.28
CA PHE A 39 3.81 9.14 -18.02
C PHE A 39 5.07 9.33 -18.87
N GLY A 40 5.70 8.21 -19.24
CA GLY A 40 6.90 8.27 -20.05
C GLY A 40 8.16 8.25 -19.21
N VAL A 41 8.08 7.65 -18.02
CA VAL A 41 9.23 7.57 -17.13
C VAL A 41 9.64 6.12 -16.90
N HIS A 42 10.74 5.93 -16.18
CA HIS A 42 11.25 4.59 -15.90
C HIS A 42 10.65 4.04 -14.61
N TYR A 43 10.73 2.73 -14.44
CA TYR A 43 10.20 2.07 -13.26
C TYR A 43 10.76 2.69 -11.99
N PHE A 44 12.08 2.86 -11.94
CA PHE A 44 12.74 3.46 -10.78
C PHE A 44 12.33 4.92 -10.61
N ASN A 45 11.95 5.56 -11.72
CA ASN A 45 11.54 6.96 -11.69
C ASN A 45 10.31 7.15 -10.81
N ILE A 46 9.46 6.13 -10.76
CA ILE A 46 8.25 6.19 -9.96
C ILE A 46 8.57 6.25 -8.46
N PHE A 47 9.12 5.16 -7.95
CA PHE A 47 9.49 5.09 -6.54
C PHE A 47 10.85 4.41 -6.36
N ASN A 48 11.37 4.46 -5.13
CA ASN A 48 12.66 3.86 -4.83
C ASN A 48 12.47 2.64 -3.92
N THR A 49 13.53 1.83 -3.81
CA THR A 49 13.49 0.64 -2.98
C THR A 49 13.06 0.97 -1.55
N VAL A 50 13.37 2.19 -1.11
CA VAL A 50 13.01 2.63 0.23
C VAL A 50 11.53 2.96 0.33
N THR A 51 10.95 3.41 -0.78
CA THR A 51 9.54 3.77 -0.82
C THR A 51 8.66 2.53 -0.73
N LEU A 52 8.89 1.58 -1.65
CA LEU A 52 8.12 0.34 -1.69
C LEU A 52 8.14 -0.37 -0.34
N LYS A 53 9.34 -0.57 0.20
CA LYS A 53 9.50 -1.24 1.49
C LYS A 53 8.75 -0.49 2.59
N LYS A 54 8.60 0.81 2.42
CA LYS A 54 7.91 1.64 3.40
C LYS A 54 6.39 1.45 3.30
N LEU A 55 5.83 1.76 2.15
CA LEU A 55 4.39 1.60 1.93
C LEU A 55 3.93 0.18 2.23
N ALA A 56 4.85 -0.77 2.15
CA ALA A 56 4.54 -2.16 2.41
C ALA A 56 4.53 -2.45 3.92
N GLU A 57 5.55 -1.97 4.61
CA GLU A 57 5.65 -2.18 6.05
C GLU A 57 4.39 -1.68 6.77
N SER A 58 3.80 -0.64 6.23
CA SER A 58 2.59 -0.05 6.81
C SER A 58 1.34 -0.76 6.28
N LEU A 59 1.28 -0.94 4.97
CA LEU A 59 0.15 -1.61 4.35
C LEU A 59 -1.15 -0.81 4.55
N SER A 60 -1.09 0.48 4.24
CA SER A 60 -2.24 1.36 4.37
C SER A 60 -2.33 2.32 3.18
N SER A 61 -3.48 2.31 2.51
CA SER A 61 -3.70 3.17 1.35
C SER A 61 -3.95 4.61 1.79
N ASP A 62 -2.88 5.36 2.02
CA ASP A 62 -2.99 6.75 2.44
C ASP A 62 -2.18 7.65 1.50
N PRO A 63 -2.60 8.92 1.35
CA PRO A 63 -1.92 9.87 0.48
C PRO A 63 -0.79 10.62 1.18
N GLU A 64 -1.06 11.10 2.40
CA GLU A 64 -0.06 11.84 3.17
C GLU A 64 0.95 10.88 3.81
N VAL A 65 0.46 9.72 4.25
CA VAL A 65 1.33 8.73 4.88
C VAL A 65 2.52 8.41 3.99
N LEU A 66 2.36 8.59 2.69
CA LEU A 66 3.43 8.33 1.74
C LEU A 66 4.38 9.52 1.64
N LEU A 67 3.81 10.72 1.76
CA LEU A 67 4.59 11.94 1.69
C LEU A 67 5.79 11.88 2.65
N GLN A 68 5.57 11.33 3.83
CA GLN A 68 6.62 11.21 4.83
C GLN A 68 7.63 10.14 4.42
N ILE A 69 7.20 9.20 3.58
CA ILE A 69 8.06 8.13 3.11
C ILE A 69 9.22 8.67 2.28
N ASP A 70 10.36 8.00 2.35
CA ASP A 70 11.55 8.42 1.61
C ASP A 70 11.36 8.19 0.11
N GLY A 71 11.63 9.22 -0.68
CA GLY A 71 11.49 9.12 -2.11
C GLY A 71 10.19 9.69 -2.62
N VAL A 72 9.13 9.55 -1.83
CA VAL A 72 7.82 10.06 -2.21
C VAL A 72 7.70 11.55 -1.91
N THR A 73 7.26 12.31 -2.91
CA THR A 73 7.11 13.75 -2.76
C THR A 73 5.66 14.16 -2.99
N GLU A 74 5.41 15.47 -2.95
CA GLU A 74 4.07 16.00 -3.16
C GLU A 74 3.61 15.80 -4.61
N ASP A 75 4.57 15.76 -5.52
CA ASP A 75 4.28 15.59 -6.94
C ASP A 75 4.06 14.11 -7.27
N LYS A 76 4.97 13.27 -6.79
CA LYS A 76 4.87 11.82 -7.04
C LYS A 76 3.55 11.27 -6.52
N LEU A 77 3.04 11.86 -5.44
CA LEU A 77 1.78 11.42 -4.86
C LEU A 77 0.59 12.07 -5.54
N GLU A 78 0.84 13.10 -6.34
CA GLU A 78 -0.23 13.80 -7.05
C GLU A 78 -0.47 13.17 -8.41
N LYS A 79 0.58 12.63 -9.00
CA LYS A 79 0.48 12.00 -10.32
C LYS A 79 0.31 10.48 -10.20
N TYR A 80 1.02 9.87 -9.26
CA TYR A 80 0.95 8.43 -9.07
C TYR A 80 -0.04 8.06 -7.96
N GLY A 81 -0.23 8.96 -7.00
CA GLY A 81 -1.15 8.69 -5.91
C GLY A 81 -2.49 8.13 -6.36
N ALA A 82 -2.89 8.48 -7.58
CA ALA A 82 -4.16 8.01 -8.13
C ALA A 82 -4.06 6.54 -8.54
N GLU A 83 -2.85 6.11 -8.89
CA GLU A 83 -2.64 4.73 -9.31
C GLU A 83 -2.15 3.87 -8.14
N VAL A 84 -1.04 4.26 -7.53
CA VAL A 84 -0.48 3.52 -6.40
C VAL A 84 -1.57 3.19 -5.38
N ILE A 85 -2.23 4.21 -4.86
CA ILE A 85 -3.29 4.03 -3.88
C ILE A 85 -4.37 3.09 -4.41
N SER A 86 -4.49 3.01 -5.73
CA SER A 86 -5.48 2.13 -6.34
C SER A 86 -5.21 0.68 -5.96
N VAL A 87 -3.94 0.35 -5.80
CA VAL A 87 -3.54 -1.00 -5.43
C VAL A 87 -3.45 -1.16 -3.91
N LEU A 88 -3.33 -0.03 -3.21
CA LEU A 88 -3.22 -0.06 -1.75
C LEU A 88 -4.59 -0.09 -1.08
N GLN A 89 -5.63 0.29 -1.81
CA GLN A 89 -6.98 0.31 -1.28
C GLN A 89 -7.35 -1.04 -0.64
N LYS A 90 -6.74 -2.11 -1.14
CA LYS A 90 -6.99 -3.44 -0.61
C LYS A 90 -6.37 -3.62 0.77
N TYR A 91 -5.24 -2.96 1.00
CA TYR A 91 -4.55 -3.04 2.28
C TYR A 91 -5.38 -2.41 3.39
N SER A 92 -5.81 -1.17 3.19
CA SER A 92 -6.60 -0.45 4.17
C SER A 92 -7.87 -1.23 4.53
N GLU A 93 -8.35 -2.02 3.57
CA GLU A 93 -9.55 -2.83 3.78
C GLU A 93 -9.28 -4.00 4.72
N TRP A 94 -8.03 -4.47 4.73
CA TRP A 94 -7.64 -5.59 5.58
C TRP A 94 -6.84 -5.11 6.80
N THR A 95 -6.40 -3.87 6.76
CA THR A 95 -5.61 -3.31 7.86
C THR A 95 -6.46 -3.18 9.12
N SER A 96 -7.78 -3.06 8.95
CA SER A 96 -8.68 -2.92 10.08
C SER A 96 -9.24 -4.29 10.50
N PRO A 97 -8.79 -4.83 11.64
CA PRO A 97 -9.25 -6.12 12.14
C PRO A 97 -10.61 -6.04 12.83
N ALA A 98 -11.61 -5.55 12.10
CA ALA A 98 -12.95 -5.42 12.64
C ALA A 98 -13.93 -5.00 11.56
N GLU A 99 -13.72 -3.82 10.98
CA GLU A 99 -14.59 -3.31 9.93
C GLU A 99 -14.54 -4.20 8.69
N ASP A 100 -15.30 -5.29 8.72
CA ASP A 100 -15.33 -6.23 7.61
C ASP A 100 -16.77 -6.66 7.31
N SER A 101 -17.36 -7.40 8.25
CA SER A 101 -18.73 -7.88 8.09
C SER A 101 -19.73 -6.77 8.35
N GLY A 1 -31.75 -9.33 -2.23
CA GLY A 1 -30.99 -10.39 -1.52
C GLY A 1 -30.40 -9.91 -0.21
N ILE A 2 -29.68 -8.80 -0.27
CA ILE A 2 -29.06 -8.23 0.92
C ILE A 2 -28.01 -9.17 1.51
N PRO A 3 -26.81 -9.22 0.90
CA PRO A 3 -25.73 -10.08 1.36
C PRO A 3 -25.14 -9.61 2.69
N GLU A 4 -24.88 -10.55 3.59
CA GLU A 4 -24.31 -10.23 4.89
C GLU A 4 -23.82 -11.50 5.60
N PHE A 5 -22.51 -11.60 5.77
CA PHE A 5 -21.91 -12.75 6.42
C PHE A 5 -20.81 -12.33 7.39
N LYS A 6 -19.93 -11.45 6.92
CA LYS A 6 -18.83 -10.96 7.74
C LYS A 6 -18.91 -9.45 7.92
N GLN A 7 -19.43 -9.02 9.06
CA GLN A 7 -19.56 -7.59 9.35
C GLN A 7 -18.57 -7.16 10.43
N LYS A 8 -18.24 -8.08 11.33
CA LYS A 8 -17.30 -7.80 12.40
C LYS A 8 -15.93 -8.40 12.12
N ALA A 9 -14.98 -7.57 11.75
CA ALA A 9 -13.63 -8.03 11.44
C ALA A 9 -13.64 -9.01 10.28
N LEU A 10 -12.44 -9.42 9.85
CA LEU A 10 -12.32 -10.36 8.75
C LEU A 10 -11.28 -11.43 9.06
N VAL A 11 -10.05 -11.00 9.34
CA VAL A 11 -8.97 -11.92 9.65
C VAL A 11 -8.64 -11.89 11.15
N ALA A 12 -8.46 -13.08 11.72
CA ALA A 12 -8.15 -13.20 13.14
C ALA A 12 -6.73 -13.71 13.34
N LYS A 13 -5.80 -13.24 12.50
CA LYS A 13 -4.41 -13.64 12.59
C LYS A 13 -3.49 -12.43 12.52
N VAL A 14 -2.29 -12.57 13.08
CA VAL A 14 -1.31 -11.49 13.07
C VAL A 14 -0.16 -11.78 12.10
N SER A 15 0.19 -13.06 11.98
CA SER A 15 1.26 -13.47 11.09
C SER A 15 0.98 -13.04 9.65
N GLN A 16 -0.31 -12.96 9.31
CA GLN A 16 -0.72 -12.57 7.97
C GLN A 16 -0.15 -11.20 7.60
N ARG A 17 0.19 -10.40 8.61
CA ARG A 17 0.75 -9.07 8.38
C ARG A 17 2.06 -9.16 7.61
N GLU A 18 2.82 -10.23 7.83
CA GLU A 18 4.09 -10.42 7.15
C GLU A 18 3.89 -10.61 5.65
N GLU A 19 2.89 -11.40 5.29
CA GLU A 19 2.59 -11.67 3.89
C GLU A 19 1.85 -10.50 3.24
N MET A 20 1.17 -9.71 4.07
CA MET A 20 0.41 -8.55 3.58
C MET A 20 1.36 -7.44 3.11
N VAL A 21 2.39 -7.17 3.90
CA VAL A 21 3.35 -6.13 3.56
C VAL A 21 4.18 -6.51 2.35
N LYS A 22 4.66 -7.76 2.34
CA LYS A 22 5.48 -8.24 1.23
C LYS A 22 4.69 -8.19 -0.08
N LYS A 23 3.43 -8.61 -0.03
CA LYS A 23 2.58 -8.59 -1.21
C LYS A 23 2.49 -7.19 -1.81
N CYS A 24 2.59 -6.19 -0.95
CA CYS A 24 2.52 -4.80 -1.40
C CYS A 24 3.74 -4.44 -2.22
N LEU A 25 4.89 -5.01 -1.86
CA LEU A 25 6.12 -4.75 -2.57
C LEU A 25 6.01 -5.20 -4.03
N GLY A 26 5.37 -6.34 -4.23
CA GLY A 26 5.19 -6.87 -5.58
C GLY A 26 4.09 -6.17 -6.34
N GLU A 27 2.94 -5.97 -5.68
CA GLU A 27 1.80 -5.31 -6.31
C GLU A 27 2.16 -3.89 -6.75
N LEU A 28 2.73 -3.12 -5.83
CA LEU A 28 3.12 -1.74 -6.13
C LEU A 28 4.11 -1.70 -7.30
N THR A 29 4.95 -2.71 -7.39
CA THR A 29 5.93 -2.78 -8.47
C THR A 29 5.24 -2.73 -9.83
N GLU A 30 4.15 -3.47 -9.97
CA GLU A 30 3.39 -3.51 -11.21
C GLU A 30 2.85 -2.13 -11.57
N VAL A 31 2.02 -1.58 -10.70
CA VAL A 31 1.43 -0.26 -10.93
C VAL A 31 2.50 0.77 -11.28
N CYS A 32 3.66 0.66 -10.63
CA CYS A 32 4.76 1.59 -10.88
C CYS A 32 5.16 1.57 -12.35
N LYS A 33 5.51 0.39 -12.85
CA LYS A 33 5.91 0.23 -14.25
C LYS A 33 4.78 0.64 -15.19
N SER A 34 3.57 0.20 -14.88
CA SER A 34 2.39 0.51 -15.69
C SER A 34 2.26 2.02 -15.88
N LEU A 35 2.73 2.78 -14.92
CA LEU A 35 2.67 4.24 -14.98
C LEU A 35 3.81 4.80 -15.81
N GLY A 36 4.94 4.09 -15.82
CA GLY A 36 6.08 4.54 -16.58
C GLY A 36 5.93 4.35 -18.08
N LYS A 37 5.02 3.46 -18.46
CA LYS A 37 4.78 3.19 -19.88
C LYS A 37 3.73 4.15 -20.45
N VAL A 38 2.85 4.65 -19.60
CA VAL A 38 1.81 5.57 -20.03
C VAL A 38 2.27 7.02 -19.92
N PHE A 39 3.17 7.28 -18.97
CA PHE A 39 3.69 8.63 -18.77
C PHE A 39 5.02 8.82 -19.50
N GLY A 40 5.75 7.72 -19.69
CA GLY A 40 7.02 7.79 -20.37
C GLY A 40 8.19 7.93 -19.41
N VAL A 41 8.01 7.43 -18.19
CA VAL A 41 9.06 7.49 -17.18
C VAL A 41 9.55 6.09 -16.80
N HIS A 42 10.77 6.01 -16.31
CA HIS A 42 11.35 4.73 -15.91
C HIS A 42 10.67 4.19 -14.65
N TYR A 43 10.83 2.90 -14.41
CA TYR A 43 10.23 2.26 -13.24
C TYR A 43 10.67 2.96 -11.95
N PHE A 44 11.97 3.06 -11.74
CA PHE A 44 12.51 3.71 -10.55
C PHE A 44 12.04 5.15 -10.46
N ASN A 45 11.69 5.73 -11.61
CA ASN A 45 11.23 7.12 -11.64
C ASN A 45 10.00 7.31 -10.75
N ILE A 46 9.21 6.26 -10.60
CA ILE A 46 8.01 6.32 -9.78
C ILE A 46 8.37 6.33 -8.29
N PHE A 47 8.92 5.22 -7.82
CA PHE A 47 9.31 5.11 -6.41
C PHE A 47 10.64 4.39 -6.27
N ASN A 48 11.24 4.48 -5.09
CA ASN A 48 12.52 3.83 -4.82
C ASN A 48 12.35 2.64 -3.88
N THR A 49 13.38 1.81 -3.81
CA THR A 49 13.34 0.62 -2.95
C THR A 49 12.88 0.99 -1.53
N VAL A 50 13.36 2.12 -1.03
CA VAL A 50 13.02 2.57 0.31
C VAL A 50 11.53 2.94 0.38
N THR A 51 10.98 3.37 -0.75
CA THR A 51 9.57 3.76 -0.81
C THR A 51 8.66 2.53 -0.73
N LEU A 52 8.87 1.58 -1.65
CA LEU A 52 8.07 0.37 -1.69
C LEU A 52 8.09 -0.36 -0.35
N LYS A 53 9.29 -0.55 0.19
CA LYS A 53 9.45 -1.23 1.46
C LYS A 53 8.68 -0.51 2.56
N LYS A 54 8.52 0.80 2.40
CA LYS A 54 7.80 1.62 3.37
C LYS A 54 6.29 1.37 3.26
N LEU A 55 5.73 1.64 2.08
CA LEU A 55 4.32 1.45 1.85
C LEU A 55 3.90 0.00 2.11
N ALA A 56 4.86 -0.91 2.07
CA ALA A 56 4.58 -2.32 2.31
C ALA A 56 4.49 -2.61 3.81
N GLU A 57 5.48 -2.14 4.56
CA GLU A 57 5.50 -2.34 6.01
C GLU A 57 4.22 -1.85 6.66
N SER A 58 3.80 -0.64 6.28
CA SER A 58 2.58 -0.05 6.83
C SER A 58 1.33 -0.73 6.26
N LEU A 59 1.31 -0.90 4.94
CA LEU A 59 0.18 -1.54 4.27
C LEU A 59 -1.09 -0.71 4.44
N SER A 60 -1.00 0.58 4.13
CA SER A 60 -2.14 1.48 4.24
C SER A 60 -2.19 2.44 3.05
N SER A 61 -3.40 2.80 2.63
CA SER A 61 -3.56 3.71 1.50
C SER A 61 -3.94 5.11 1.97
N ASP A 62 -2.92 5.90 2.32
CA ASP A 62 -3.14 7.27 2.77
C ASP A 62 -2.30 8.24 1.94
N PRO A 63 -2.71 9.52 1.87
CA PRO A 63 -1.99 10.54 1.10
C PRO A 63 -0.80 11.12 1.86
N GLU A 64 -1.04 11.56 3.09
CA GLU A 64 0.01 12.15 3.92
C GLU A 64 1.01 11.09 4.36
N VAL A 65 0.51 9.91 4.74
CA VAL A 65 1.36 8.82 5.19
C VAL A 65 2.45 8.50 4.17
N LEU A 66 2.17 8.79 2.91
CA LEU A 66 3.11 8.53 1.83
C LEU A 66 4.06 9.71 1.62
N LEU A 67 3.61 10.90 2.00
CA LEU A 67 4.43 12.10 1.85
C LEU A 67 5.68 12.03 2.72
N GLN A 68 5.52 11.47 3.92
CA GLN A 68 6.63 11.34 4.86
C GLN A 68 7.58 10.22 4.44
N ILE A 69 7.13 9.35 3.55
CA ILE A 69 7.96 8.24 3.08
C ILE A 69 9.18 8.75 2.33
N ASP A 70 10.26 7.98 2.38
CA ASP A 70 11.50 8.35 1.70
C ASP A 70 11.37 8.16 0.19
N GLY A 71 11.68 9.22 -0.55
CA GLY A 71 11.60 9.17 -2.00
C GLY A 71 10.28 9.71 -2.53
N VAL A 72 9.22 9.56 -1.74
CA VAL A 72 7.90 10.04 -2.13
C VAL A 72 7.78 11.54 -1.90
N THR A 73 7.07 12.22 -2.79
CA THR A 73 6.88 13.67 -2.68
C THR A 73 5.43 14.05 -2.99
N GLU A 74 5.16 15.34 -2.98
CA GLU A 74 3.82 15.85 -3.27
C GLU A 74 3.44 15.60 -4.72
N ASP A 75 4.44 15.64 -5.59
CA ASP A 75 4.22 15.41 -7.02
C ASP A 75 3.94 13.94 -7.30
N LYS A 76 4.67 13.06 -6.62
CA LYS A 76 4.49 11.62 -6.80
C LYS A 76 3.15 11.17 -6.25
N LEU A 77 2.73 11.77 -5.15
CA LEU A 77 1.46 11.42 -4.52
C LEU A 77 0.29 12.13 -5.21
N GLU A 78 0.60 13.15 -6.01
CA GLU A 78 -0.43 13.89 -6.74
C GLU A 78 -0.69 13.28 -8.11
N LYS A 79 0.37 12.78 -8.73
CA LYS A 79 0.25 12.17 -10.06
C LYS A 79 0.11 10.66 -9.97
N TYR A 80 1.10 10.02 -9.35
CA TYR A 80 1.09 8.57 -9.20
C TYR A 80 0.18 8.13 -8.06
N GLY A 81 -0.06 9.03 -7.11
CA GLY A 81 -0.92 8.70 -5.98
C GLY A 81 -2.24 8.09 -6.40
N ALA A 82 -2.69 8.43 -7.61
CA ALA A 82 -3.94 7.90 -8.14
C ALA A 82 -3.80 6.44 -8.54
N GLU A 83 -2.57 6.03 -8.86
CA GLU A 83 -2.31 4.66 -9.26
C GLU A 83 -1.82 3.83 -8.09
N VAL A 84 -0.72 4.24 -7.47
CA VAL A 84 -0.16 3.53 -6.32
C VAL A 84 -1.22 3.26 -5.26
N ILE A 85 -1.90 4.31 -4.82
CA ILE A 85 -2.95 4.17 -3.81
C ILE A 85 -4.07 3.24 -4.29
N SER A 86 -4.24 3.18 -5.61
CA SER A 86 -5.28 2.31 -6.19
C SER A 86 -5.04 0.87 -5.78
N VAL A 87 -3.77 0.50 -5.61
CA VAL A 87 -3.41 -0.85 -5.22
C VAL A 87 -3.33 -0.99 -3.71
N LEU A 88 -3.19 0.13 -3.01
CA LEU A 88 -3.08 0.13 -1.56
C LEU A 88 -4.45 0.13 -0.89
N GLN A 89 -5.48 0.57 -1.62
CA GLN A 89 -6.84 0.61 -1.09
C GLN A 89 -7.23 -0.72 -0.46
N LYS A 90 -6.74 -1.81 -1.04
CA LYS A 90 -7.04 -3.15 -0.55
C LYS A 90 -6.47 -3.35 0.85
N TYR A 91 -5.24 -2.87 1.06
CA TYR A 91 -4.57 -3.01 2.36
C TYR A 91 -5.42 -2.39 3.47
N SER A 92 -5.86 -1.15 3.25
CA SER A 92 -6.66 -0.45 4.25
C SER A 92 -7.89 -1.26 4.62
N GLU A 93 -8.41 -2.05 3.67
CA GLU A 93 -9.58 -2.87 3.90
C GLU A 93 -9.25 -4.04 4.84
N TRP A 94 -7.99 -4.46 4.84
CA TRP A 94 -7.55 -5.56 5.69
C TRP A 94 -6.78 -5.04 6.90
N THR A 95 -6.33 -3.79 6.84
CA THR A 95 -5.57 -3.19 7.93
C THR A 95 -6.45 -3.03 9.17
N SER A 96 -7.74 -2.83 8.95
CA SER A 96 -8.68 -2.66 10.05
C SER A 96 -9.85 -3.63 9.92
N PRO A 97 -10.37 -4.13 11.06
CA PRO A 97 -11.49 -5.08 11.06
C PRO A 97 -12.79 -4.42 10.61
N ALA A 98 -12.90 -3.12 10.83
CA ALA A 98 -14.08 -2.37 10.43
C ALA A 98 -13.71 -1.05 9.76
N GLU A 99 -14.72 -0.30 9.33
CA GLU A 99 -14.50 0.98 8.67
C GLU A 99 -14.54 2.13 9.68
N ASP A 100 -13.55 3.01 9.61
CA ASP A 100 -13.47 4.15 10.51
C ASP A 100 -14.37 5.29 10.03
N SER A 101 -14.08 5.78 8.83
CA SER A 101 -14.85 6.87 8.25
C SER A 101 -14.58 7.00 6.75
N GLY A 1 -23.07 6.24 28.46
CA GLY A 1 -21.65 6.03 28.04
C GLY A 1 -21.40 4.64 27.49
N ILE A 2 -20.32 4.48 26.74
CA ILE A 2 -19.97 3.19 26.15
C ILE A 2 -18.51 2.84 26.42
N PRO A 3 -18.25 2.12 27.53
CA PRO A 3 -16.89 1.72 27.90
C PRO A 3 -16.15 1.05 26.74
N GLU A 4 -16.68 -0.07 26.27
CA GLU A 4 -16.07 -0.80 25.17
C GLU A 4 -17.12 -1.26 24.17
N PHE A 5 -18.18 -0.48 24.03
CA PHE A 5 -19.26 -0.80 23.10
C PHE A 5 -19.13 -0.03 21.81
N LYS A 6 -20.11 -0.17 20.92
CA LYS A 6 -20.10 0.52 19.64
C LYS A 6 -18.91 0.07 18.79
N GLN A 7 -18.89 0.51 17.54
CA GLN A 7 -17.81 0.15 16.62
C GLN A 7 -17.76 -1.35 16.39
N LYS A 8 -17.26 -1.76 15.23
CA LYS A 8 -17.17 -3.17 14.89
C LYS A 8 -15.71 -3.57 14.66
N ALA A 9 -15.17 -4.38 15.55
CA ALA A 9 -13.79 -4.84 15.45
C ALA A 9 -13.62 -6.24 16.04
N LEU A 10 -12.38 -6.72 16.05
CA LEU A 10 -12.09 -8.05 16.59
C LEU A 10 -10.62 -8.15 16.97
N VAL A 11 -10.37 -8.60 18.21
CA VAL A 11 -8.99 -8.75 18.69
C VAL A 11 -8.42 -10.10 18.29
N ALA A 12 -7.46 -10.08 17.38
CA ALA A 12 -6.82 -11.31 16.91
C ALA A 12 -5.35 -11.07 16.59
N LYS A 13 -4.47 -11.75 17.33
CA LYS A 13 -3.03 -11.61 17.12
C LYS A 13 -2.54 -12.61 16.08
N VAL A 14 -2.54 -12.19 14.82
CA VAL A 14 -2.09 -13.04 13.73
C VAL A 14 -0.87 -12.44 13.02
N SER A 15 -0.04 -13.31 12.44
CA SER A 15 1.16 -12.86 11.74
C SER A 15 0.92 -12.80 10.24
N GLN A 16 -0.31 -12.43 9.85
CA GLN A 16 -0.67 -12.33 8.45
C GLN A 16 -0.17 -11.01 7.85
N ARG A 17 -0.01 -10.01 8.70
CA ARG A 17 0.46 -8.70 8.25
C ARG A 17 1.79 -8.81 7.50
N GLU A 18 2.63 -9.76 7.93
CA GLU A 18 3.92 -9.97 7.29
C GLU A 18 3.76 -10.35 5.82
N GLU A 19 2.83 -11.26 5.55
CA GLU A 19 2.57 -11.71 4.19
C GLU A 19 1.83 -10.64 3.39
N MET A 20 1.10 -9.78 4.09
CA MET A 20 0.34 -8.72 3.44
C MET A 20 1.26 -7.61 2.94
N VAL A 21 2.13 -7.13 3.82
CA VAL A 21 3.06 -6.06 3.46
C VAL A 21 3.94 -6.46 2.28
N LYS A 22 4.39 -7.72 2.29
CA LYS A 22 5.24 -8.21 1.22
C LYS A 22 4.52 -8.14 -0.13
N LYS A 23 3.25 -8.55 -0.12
CA LYS A 23 2.44 -8.53 -1.34
C LYS A 23 2.35 -7.11 -1.90
N CYS A 24 2.35 -6.13 -1.00
CA CYS A 24 2.28 -4.73 -1.41
C CYS A 24 3.50 -4.34 -2.25
N LEU A 25 4.66 -4.88 -1.87
CA LEU A 25 5.90 -4.59 -2.58
C LEU A 25 5.81 -5.08 -4.01
N GLY A 26 5.13 -6.21 -4.21
CA GLY A 26 4.97 -6.76 -5.55
C GLY A 26 3.92 -6.03 -6.37
N GLU A 27 2.72 -5.94 -5.83
CA GLU A 27 1.62 -5.26 -6.51
C GLU A 27 1.99 -3.82 -6.86
N LEU A 28 2.79 -3.19 -6.00
CA LEU A 28 3.21 -1.82 -6.22
C LEU A 28 4.25 -1.76 -7.35
N THR A 29 4.90 -2.87 -7.60
CA THR A 29 5.92 -2.95 -8.66
C THR A 29 5.28 -2.81 -10.03
N GLU A 30 4.31 -3.67 -10.31
CA GLU A 30 3.62 -3.65 -11.60
C GLU A 30 3.01 -2.28 -11.88
N VAL A 31 2.28 -1.74 -10.89
CA VAL A 31 1.64 -0.43 -11.05
C VAL A 31 2.69 0.63 -11.39
N CYS A 32 3.83 0.57 -10.72
CA CYS A 32 4.91 1.52 -10.95
C CYS A 32 5.39 1.45 -12.41
N LYS A 33 5.63 0.24 -12.89
CA LYS A 33 6.08 0.04 -14.26
C LYS A 33 5.05 0.56 -15.25
N SER A 34 3.79 0.17 -15.05
CA SER A 34 2.71 0.60 -15.94
C SER A 34 2.65 2.12 -16.02
N LEU A 35 2.86 2.78 -14.89
CA LEU A 35 2.84 4.24 -14.84
C LEU A 35 3.93 4.83 -15.71
N GLY A 36 5.07 4.16 -15.75
CA GLY A 36 6.19 4.64 -16.55
C GLY A 36 5.95 4.48 -18.04
N LYS A 37 5.09 3.54 -18.40
CA LYS A 37 4.77 3.29 -19.81
C LYS A 37 3.78 4.33 -20.34
N VAL A 38 2.94 4.84 -19.46
CA VAL A 38 1.94 5.83 -19.85
C VAL A 38 2.48 7.25 -19.68
N PHE A 39 3.28 7.47 -18.65
CA PHE A 39 3.85 8.78 -18.38
C PHE A 39 5.14 8.99 -19.19
N GLY A 40 5.82 7.91 -19.50
CA GLY A 40 7.05 8.00 -20.25
C GLY A 40 8.28 8.08 -19.37
N VAL A 41 8.23 7.39 -18.23
CA VAL A 41 9.35 7.38 -17.30
C VAL A 41 9.80 5.95 -17.00
N HIS A 42 10.96 5.82 -16.37
CA HIS A 42 11.52 4.52 -16.04
C HIS A 42 10.86 3.95 -14.77
N TYR A 43 11.01 2.64 -14.59
CA TYR A 43 10.43 1.97 -13.43
C TYR A 43 11.02 2.52 -12.13
N PHE A 44 12.23 3.07 -12.22
CA PHE A 44 12.91 3.62 -11.06
C PHE A 44 12.61 5.11 -10.90
N ASN A 45 11.59 5.60 -11.60
CA ASN A 45 11.21 7.00 -11.53
C ASN A 45 10.01 7.20 -10.61
N ILE A 46 9.15 6.18 -10.53
CA ILE A 46 7.97 6.24 -9.70
C ILE A 46 8.34 6.20 -8.22
N PHE A 47 8.86 5.06 -7.78
CA PHE A 47 9.26 4.89 -6.39
C PHE A 47 10.57 4.10 -6.30
N ASN A 48 11.28 4.27 -5.21
CA ASN A 48 12.55 3.56 -5.00
C ASN A 48 12.34 2.30 -4.16
N THR A 49 13.34 1.43 -4.15
CA THR A 49 13.26 0.19 -3.39
C THR A 49 12.85 0.45 -1.95
N VAL A 50 13.38 1.53 -1.38
CA VAL A 50 13.07 1.90 0.00
C VAL A 50 11.65 2.46 0.10
N THR A 51 11.18 3.08 -0.98
CA THR A 51 9.85 3.66 -1.01
C THR A 51 8.78 2.57 -1.03
N LEU A 52 8.94 1.61 -1.92
CA LEU A 52 7.99 0.51 -2.05
C LEU A 52 7.81 -0.23 -0.72
N LYS A 53 8.93 -0.57 -0.08
CA LYS A 53 8.88 -1.28 1.20
C LYS A 53 8.11 -0.48 2.23
N LYS A 54 8.16 0.85 2.12
CA LYS A 54 7.44 1.72 3.04
C LYS A 54 5.94 1.51 2.91
N LEU A 55 5.41 1.67 1.71
CA LEU A 55 3.98 1.49 1.46
C LEU A 55 3.53 0.10 1.91
N ALA A 56 4.48 -0.83 1.97
CA ALA A 56 4.18 -2.21 2.38
C ALA A 56 4.12 -2.34 3.89
N GLU A 57 5.24 -2.09 4.56
CA GLU A 57 5.33 -2.18 6.01
C GLU A 57 4.15 -1.46 6.67
N SER A 58 3.65 -0.42 6.00
CA SER A 58 2.52 0.35 6.53
C SER A 58 1.20 -0.37 6.28
N LEU A 59 1.03 -0.88 5.06
CA LEU A 59 -0.18 -1.59 4.69
C LEU A 59 -1.40 -0.68 4.79
N SER A 60 -1.19 0.61 4.55
CA SER A 60 -2.27 1.58 4.60
C SER A 60 -2.15 2.59 3.47
N SER A 61 -3.24 2.76 2.71
CA SER A 61 -3.25 3.70 1.60
C SER A 61 -3.64 5.10 2.07
N ASP A 62 -2.67 5.86 2.54
CA ASP A 62 -2.91 7.21 3.02
C ASP A 62 -2.00 8.21 2.32
N PRO A 63 -2.50 9.43 2.06
CA PRO A 63 -1.72 10.48 1.40
C PRO A 63 -0.68 11.09 2.32
N GLU A 64 -1.13 11.58 3.47
CA GLU A 64 -0.24 12.17 4.45
C GLU A 64 0.82 11.18 4.89
N VAL A 65 0.41 9.92 5.05
CA VAL A 65 1.32 8.86 5.45
C VAL A 65 2.32 8.56 4.33
N LEU A 66 1.85 8.71 3.09
CA LEU A 66 2.69 8.46 1.92
C LEU A 66 3.67 9.60 1.69
N LEU A 67 3.28 10.81 2.11
CA LEU A 67 4.13 11.98 1.95
C LEU A 67 5.38 11.88 2.81
N GLN A 68 5.21 11.30 4.00
CA GLN A 68 6.33 11.13 4.92
C GLN A 68 7.30 10.05 4.44
N ILE A 69 6.89 9.30 3.41
CA ILE A 69 7.72 8.24 2.87
C ILE A 69 9.00 8.81 2.26
N ASP A 70 10.11 8.12 2.47
CA ASP A 70 11.40 8.55 1.94
C ASP A 70 11.43 8.45 0.42
N GLY A 71 11.43 9.61 -0.24
CA GLY A 71 11.45 9.62 -1.70
C GLY A 71 10.14 10.07 -2.29
N VAL A 72 9.04 9.82 -1.57
CA VAL A 72 7.72 10.22 -2.03
C VAL A 72 7.42 11.68 -1.72
N THR A 73 7.02 12.42 -2.74
CA THR A 73 6.69 13.84 -2.57
C THR A 73 5.26 14.12 -2.99
N GLU A 74 4.86 15.39 -2.90
CA GLU A 74 3.50 15.80 -3.26
C GLU A 74 3.23 15.48 -4.72
N ASP A 75 4.14 15.89 -5.60
CA ASP A 75 4.00 15.65 -7.03
C ASP A 75 3.87 14.16 -7.32
N LYS A 76 4.59 13.35 -6.56
CA LYS A 76 4.56 11.90 -6.76
C LYS A 76 3.26 11.31 -6.23
N LEU A 77 2.72 11.91 -5.17
CA LEU A 77 1.48 11.45 -4.57
C LEU A 77 0.26 12.06 -5.26
N GLU A 78 0.49 13.13 -6.03
CA GLU A 78 -0.59 13.79 -6.75
C GLU A 78 -0.77 13.20 -8.15
N LYS A 79 0.33 12.71 -8.72
CA LYS A 79 0.30 12.13 -10.05
C LYS A 79 0.17 10.61 -10.00
N TYR A 80 1.13 9.96 -9.33
CA TYR A 80 1.13 8.51 -9.21
C TYR A 80 0.22 8.04 -8.08
N GLY A 81 0.03 8.90 -7.08
CA GLY A 81 -0.81 8.55 -5.94
C GLY A 81 -2.14 7.95 -6.36
N ALA A 82 -2.61 8.32 -7.54
CA ALA A 82 -3.88 7.82 -8.05
C ALA A 82 -3.77 6.35 -8.45
N GLU A 83 -2.57 5.93 -8.83
CA GLU A 83 -2.35 4.55 -9.23
C GLU A 83 -1.80 3.71 -8.07
N VAL A 84 -0.65 4.12 -7.53
CA VAL A 84 -0.03 3.41 -6.42
C VAL A 84 -1.05 3.12 -5.30
N ILE A 85 -1.73 4.17 -4.84
CA ILE A 85 -2.72 4.04 -3.78
C ILE A 85 -3.89 3.16 -4.24
N SER A 86 -4.21 3.24 -5.53
CA SER A 86 -5.31 2.44 -6.07
C SER A 86 -5.10 0.97 -5.75
N VAL A 87 -3.84 0.56 -5.63
CA VAL A 87 -3.48 -0.82 -5.32
C VAL A 87 -3.36 -1.03 -3.81
N LEU A 88 -3.17 0.06 -3.07
CA LEU A 88 -3.03 -0.02 -1.63
C LEU A 88 -4.37 0.03 -0.90
N GLN A 89 -5.41 0.48 -1.59
CA GLN A 89 -6.73 0.56 -0.99
C GLN A 89 -7.13 -0.76 -0.35
N LYS A 90 -6.72 -1.86 -0.97
CA LYS A 90 -7.02 -3.19 -0.47
C LYS A 90 -6.38 -3.40 0.91
N TYR A 91 -5.11 -3.04 1.03
CA TYR A 91 -4.39 -3.18 2.29
C TYR A 91 -5.08 -2.38 3.39
N SER A 92 -5.58 -1.21 3.04
CA SER A 92 -6.26 -0.35 4.00
C SER A 92 -7.45 -1.08 4.63
N GLU A 93 -8.03 -2.02 3.89
CA GLU A 93 -9.16 -2.80 4.37
C GLU A 93 -8.69 -4.01 5.18
N TRP A 94 -7.47 -4.44 4.93
CA TRP A 94 -6.91 -5.59 5.63
C TRP A 94 -6.27 -5.18 6.95
N THR A 95 -5.64 -4.01 6.96
CA THR A 95 -4.99 -3.50 8.16
C THR A 95 -6.01 -3.18 9.26
N SER A 96 -7.19 -2.75 8.84
CA SER A 96 -8.26 -2.42 9.78
C SER A 96 -9.19 -3.60 9.99
N PRO A 97 -9.13 -4.26 11.18
CA PRO A 97 -9.98 -5.41 11.48
C PRO A 97 -11.43 -5.01 11.73
N ALA A 98 -12.21 -4.90 10.65
CA ALA A 98 -13.60 -4.53 10.74
C ALA A 98 -14.44 -5.27 9.70
N GLU A 99 -14.92 -6.45 10.06
CA GLU A 99 -15.72 -7.26 9.16
C GLU A 99 -16.31 -8.47 9.88
N ASP A 100 -17.28 -9.12 9.24
CA ASP A 100 -17.92 -10.30 9.83
C ASP A 100 -18.27 -11.31 8.76
N SER A 101 -17.66 -12.49 8.85
CA SER A 101 -17.92 -13.56 7.89
C SER A 101 -19.37 -14.00 7.92
N GLY A 1 3.79 -12.03 25.55
CA GLY A 1 3.25 -13.20 24.80
C GLY A 1 2.01 -12.85 23.99
N ILE A 2 1.70 -13.68 23.00
CA ILE A 2 0.54 -13.45 22.15
C ILE A 2 -0.71 -14.10 22.74
N PRO A 3 -1.89 -13.53 22.46
CA PRO A 3 -3.17 -14.06 22.97
C PRO A 3 -3.54 -15.38 22.33
N GLU A 4 -3.95 -16.34 23.15
CA GLU A 4 -4.34 -17.66 22.66
C GLU A 4 -5.83 -17.90 22.87
N PHE A 5 -6.64 -16.87 22.63
CA PHE A 5 -8.08 -16.97 22.80
C PHE A 5 -8.81 -16.47 21.55
N LYS A 6 -9.46 -17.39 20.85
CA LYS A 6 -10.20 -17.05 19.63
C LYS A 6 -11.66 -16.77 19.95
N GLN A 7 -12.23 -15.79 19.25
CA GLN A 7 -13.63 -15.42 19.46
C GLN A 7 -14.24 -14.87 18.18
N LYS A 8 -13.60 -13.84 17.61
CA LYS A 8 -14.09 -13.22 16.39
C LYS A 8 -13.07 -13.40 15.25
N ALA A 9 -13.41 -12.87 14.08
CA ALA A 9 -12.52 -12.96 12.93
C ALA A 9 -12.27 -14.43 12.55
N LEU A 10 -11.68 -14.64 11.38
CA LEU A 10 -11.38 -15.99 10.91
C LEU A 10 -9.95 -16.37 11.25
N VAL A 11 -8.99 -15.69 10.64
CA VAL A 11 -7.58 -15.97 10.89
C VAL A 11 -6.72 -14.75 10.58
N ALA A 12 -6.30 -14.05 11.62
CA ALA A 12 -5.47 -12.86 11.47
C ALA A 12 -4.91 -12.40 12.81
N LYS A 13 -3.72 -12.88 13.15
CA LYS A 13 -3.08 -12.51 14.40
C LYS A 13 -1.56 -12.56 14.27
N VAL A 14 -1.05 -13.63 13.67
CA VAL A 14 0.39 -13.79 13.49
C VAL A 14 0.72 -14.31 12.10
N SER A 15 1.79 -13.78 11.52
CA SER A 15 2.23 -14.18 10.18
C SER A 15 1.26 -13.69 9.10
N GLN A 16 0.30 -12.86 9.49
CA GLN A 16 -0.67 -12.33 8.54
C GLN A 16 -0.19 -11.00 7.96
N ARG A 17 0.26 -10.11 8.83
CA ARG A 17 0.75 -8.80 8.40
C ARG A 17 2.04 -8.94 7.60
N GLU A 18 2.86 -9.93 7.97
CA GLU A 18 4.13 -10.15 7.30
C GLU A 18 3.91 -10.41 5.80
N GLU A 19 2.90 -11.21 5.48
CA GLU A 19 2.59 -11.53 4.10
C GLU A 19 1.84 -10.39 3.43
N MET A 20 1.07 -9.64 4.23
CA MET A 20 0.29 -8.52 3.71
C MET A 20 1.21 -7.41 3.20
N VAL A 21 2.20 -7.05 4.01
CA VAL A 21 3.14 -6.00 3.63
C VAL A 21 3.97 -6.41 2.42
N LYS A 22 4.44 -7.66 2.42
CA LYS A 22 5.26 -8.16 1.32
C LYS A 22 4.49 -8.09 0.01
N LYS A 23 3.20 -8.47 0.06
CA LYS A 23 2.35 -8.44 -1.12
C LYS A 23 2.30 -7.04 -1.72
N CYS A 24 2.44 -6.03 -0.87
CA CYS A 24 2.41 -4.64 -1.32
C CYS A 24 3.65 -4.31 -2.14
N LEU A 25 4.77 -4.92 -1.78
CA LEU A 25 6.01 -4.68 -2.49
C LEU A 25 5.91 -5.15 -3.93
N GLY A 26 5.24 -6.28 -4.14
CA GLY A 26 5.06 -6.81 -5.48
C GLY A 26 3.96 -6.12 -6.24
N GLU A 27 2.82 -5.90 -5.57
CA GLU A 27 1.68 -5.24 -6.19
C GLU A 27 2.05 -3.83 -6.66
N LEU A 28 2.64 -3.06 -5.76
CA LEU A 28 3.04 -1.69 -6.07
C LEU A 28 4.03 -1.67 -7.23
N THR A 29 4.86 -2.71 -7.34
CA THR A 29 5.83 -2.81 -8.41
C THR A 29 5.14 -2.78 -9.77
N GLU A 30 3.97 -3.39 -9.84
CA GLU A 30 3.20 -3.43 -11.08
C GLU A 30 2.69 -2.04 -11.45
N VAL A 31 1.87 -1.46 -10.57
CA VAL A 31 1.30 -0.14 -10.81
C VAL A 31 2.40 0.88 -11.12
N CYS A 32 3.56 0.71 -10.48
CA CYS A 32 4.68 1.61 -10.71
C CYS A 32 5.08 1.62 -12.18
N LYS A 33 5.24 0.43 -12.75
CA LYS A 33 5.61 0.30 -14.16
C LYS A 33 4.51 0.84 -15.07
N SER A 34 3.28 0.46 -14.77
CA SER A 34 2.13 0.90 -15.55
C SER A 34 2.06 2.42 -15.61
N LEU A 35 2.67 3.08 -14.63
CA LEU A 35 2.68 4.53 -14.57
C LEU A 35 3.86 5.10 -15.36
N GLY A 36 4.94 4.33 -15.43
CA GLY A 36 6.12 4.77 -16.16
C GLY A 36 5.96 4.65 -17.66
N LYS A 37 5.10 3.74 -18.09
CA LYS A 37 4.85 3.53 -19.52
C LYS A 37 3.91 4.58 -20.07
N VAL A 38 3.03 5.10 -19.21
CA VAL A 38 2.08 6.12 -19.62
C VAL A 38 2.68 7.52 -19.51
N PHE A 39 3.52 7.72 -18.50
CA PHE A 39 4.17 9.01 -18.29
C PHE A 39 5.47 9.12 -19.08
N GLY A 40 6.09 7.97 -19.35
CA GLY A 40 7.33 7.95 -20.10
C GLY A 40 8.55 7.95 -19.20
N VAL A 41 8.40 7.40 -18.01
CA VAL A 41 9.50 7.33 -17.05
C VAL A 41 9.84 5.88 -16.71
N HIS A 42 11.03 5.67 -16.14
CA HIS A 42 11.47 4.34 -15.77
C HIS A 42 10.82 3.87 -14.48
N TYR A 43 10.85 2.57 -14.25
CA TYR A 43 10.26 1.99 -13.04
C TYR A 43 10.88 2.59 -11.79
N PHE A 44 12.17 2.90 -11.86
CA PHE A 44 12.89 3.48 -10.73
C PHE A 44 12.62 4.98 -10.61
N ASN A 45 11.85 5.53 -11.54
CA ASN A 45 11.53 6.96 -11.52
C ASN A 45 10.32 7.24 -10.64
N ILE A 46 9.42 6.27 -10.56
CA ILE A 46 8.21 6.42 -9.74
C ILE A 46 8.56 6.44 -8.26
N PHE A 47 9.04 5.30 -7.75
CA PHE A 47 9.42 5.19 -6.35
C PHE A 47 10.72 4.40 -6.21
N ASN A 48 11.41 4.62 -5.09
CA ASN A 48 12.68 3.93 -4.84
C ASN A 48 12.44 2.62 -4.08
N THR A 49 13.45 1.77 -4.05
CA THR A 49 13.36 0.49 -3.37
C THR A 49 12.98 0.67 -1.91
N VAL A 50 13.51 1.72 -1.28
CA VAL A 50 13.23 2.01 0.11
C VAL A 50 11.81 2.53 0.29
N THR A 51 11.26 3.13 -0.76
CA THR A 51 9.90 3.66 -0.73
C THR A 51 8.87 2.54 -0.75
N LEU A 52 9.08 1.56 -1.62
CA LEU A 52 8.17 0.43 -1.74
C LEU A 52 8.06 -0.33 -0.43
N LYS A 53 9.21 -0.62 0.18
CA LYS A 53 9.25 -1.35 1.45
C LYS A 53 8.50 -0.58 2.53
N LYS A 54 8.52 0.75 2.43
CA LYS A 54 7.84 1.60 3.40
C LYS A 54 6.32 1.46 3.28
N LEU A 55 5.79 1.79 2.10
CA LEU A 55 4.36 1.69 1.87
C LEU A 55 3.84 0.28 2.16
N ALA A 56 4.74 -0.70 2.11
CA ALA A 56 4.37 -2.09 2.38
C ALA A 56 4.32 -2.36 3.88
N GLU A 57 5.34 -1.92 4.60
CA GLU A 57 5.41 -2.11 6.04
C GLU A 57 4.18 -1.53 6.72
N SER A 58 3.62 -0.48 6.13
CA SER A 58 2.44 0.17 6.68
C SER A 58 1.16 -0.53 6.21
N LEU A 59 1.06 -0.74 4.90
CA LEU A 59 -0.10 -1.40 4.33
C LEU A 59 -1.37 -0.58 4.57
N SER A 60 -1.30 0.71 4.30
CA SER A 60 -2.44 1.60 4.49
C SER A 60 -2.55 2.59 3.33
N SER A 61 -3.71 2.62 2.69
CA SER A 61 -3.93 3.53 1.56
C SER A 61 -4.12 4.97 2.04
N ASP A 62 -3.00 5.65 2.24
CA ASP A 62 -3.04 7.05 2.69
C ASP A 62 -2.22 7.92 1.73
N PRO A 63 -2.53 9.23 1.67
CA PRO A 63 -1.83 10.16 0.80
C PRO A 63 -0.59 10.77 1.44
N GLU A 64 -0.73 11.25 2.67
CA GLU A 64 0.40 11.86 3.39
C GLU A 64 1.35 10.81 3.93
N VAL A 65 0.81 9.65 4.32
CA VAL A 65 1.62 8.57 4.85
C VAL A 65 2.70 8.15 3.87
N LEU A 66 2.48 8.42 2.59
CA LEU A 66 3.44 8.07 1.55
C LEU A 66 4.41 9.21 1.30
N LEU A 67 3.87 10.44 1.24
CA LEU A 67 4.69 11.62 1.01
C LEU A 67 5.88 11.67 1.95
N GLN A 68 5.67 11.25 3.19
CA GLN A 68 6.73 11.25 4.19
C GLN A 68 7.76 10.16 3.89
N ILE A 69 7.36 9.18 3.10
CA ILE A 69 8.23 8.08 2.72
C ILE A 69 9.39 8.58 1.86
N ASP A 70 10.59 8.13 2.19
CA ASP A 70 11.78 8.54 1.44
C ASP A 70 11.62 8.29 -0.05
N GLY A 71 11.51 9.37 -0.83
CA GLY A 71 11.34 9.25 -2.26
C GLY A 71 10.04 9.84 -2.76
N VAL A 72 9.03 9.87 -1.88
CA VAL A 72 7.72 10.40 -2.24
C VAL A 72 7.68 11.91 -2.04
N THR A 73 6.89 12.60 -2.86
CA THR A 73 6.77 14.05 -2.78
C THR A 73 5.34 14.48 -3.08
N GLU A 74 5.11 15.79 -3.08
CA GLU A 74 3.78 16.33 -3.35
C GLU A 74 3.37 16.10 -4.80
N ASP A 75 4.34 15.81 -5.66
CA ASP A 75 4.07 15.57 -7.07
C ASP A 75 3.79 14.09 -7.33
N LYS A 76 4.66 13.24 -6.80
CA LYS A 76 4.53 11.79 -6.98
C LYS A 76 3.17 11.30 -6.48
N LEU A 77 2.74 11.83 -5.35
CA LEU A 77 1.46 11.44 -4.76
C LEU A 77 0.29 12.10 -5.50
N GLU A 78 0.60 13.06 -6.35
CA GLU A 78 -0.44 13.77 -7.10
C GLU A 78 -0.79 13.04 -8.40
N LYS A 79 0.25 12.63 -9.14
CA LYS A 79 0.04 11.93 -10.40
C LYS A 79 -0.01 10.42 -10.21
N TYR A 80 0.93 9.87 -9.45
CA TYR A 80 0.99 8.44 -9.20
C TYR A 80 0.04 8.04 -8.08
N GLY A 81 -0.26 8.99 -7.19
CA GLY A 81 -1.15 8.70 -6.07
C GLY A 81 -2.42 7.99 -6.50
N ALA A 82 -3.06 8.50 -7.56
CA ALA A 82 -4.29 7.91 -8.07
C ALA A 82 -4.07 6.46 -8.47
N GLU A 83 -2.82 6.10 -8.78
CA GLU A 83 -2.49 4.74 -9.17
C GLU A 83 -2.00 3.92 -7.99
N VAL A 84 -0.90 4.33 -7.37
CA VAL A 84 -0.35 3.63 -6.22
C VAL A 84 -1.43 3.32 -5.20
N ILE A 85 -2.08 4.36 -4.69
CA ILE A 85 -3.13 4.19 -3.70
C ILE A 85 -4.21 3.24 -4.20
N SER A 86 -4.39 3.19 -5.51
CA SER A 86 -5.40 2.31 -6.11
C SER A 86 -5.15 0.87 -5.70
N VAL A 87 -3.88 0.52 -5.54
CA VAL A 87 -3.48 -0.82 -5.14
C VAL A 87 -3.38 -0.96 -3.62
N LEU A 88 -3.25 0.18 -2.94
CA LEU A 88 -3.13 0.19 -1.48
C LEU A 88 -4.50 0.17 -0.80
N GLN A 89 -5.55 0.48 -1.56
CA GLN A 89 -6.90 0.50 -1.01
C GLN A 89 -7.26 -0.85 -0.39
N LYS A 90 -6.72 -1.92 -0.96
CA LYS A 90 -6.98 -3.27 -0.48
C LYS A 90 -6.37 -3.48 0.91
N TYR A 91 -5.34 -2.73 1.23
CA TYR A 91 -4.68 -2.85 2.54
C TYR A 91 -5.48 -2.16 3.63
N SER A 92 -6.07 -1.02 3.30
CA SER A 92 -6.86 -0.26 4.26
C SER A 92 -8.09 -1.04 4.69
N GLU A 93 -8.60 -1.90 3.81
CA GLU A 93 -9.77 -2.71 4.11
C GLU A 93 -9.38 -4.07 4.68
N TRP A 94 -8.12 -4.46 4.50
CA TRP A 94 -7.64 -5.75 4.98
C TRP A 94 -6.60 -5.58 6.09
N THR A 95 -6.50 -4.37 6.63
CA THR A 95 -5.54 -4.09 7.69
C THR A 95 -6.15 -4.38 9.06
N SER A 96 -7.45 -4.15 9.18
CA SER A 96 -8.15 -4.38 10.44
C SER A 96 -8.87 -5.73 10.41
N PRO A 97 -8.36 -6.72 11.18
CA PRO A 97 -8.97 -8.06 11.22
C PRO A 97 -10.30 -8.05 11.95
N ALA A 98 -10.36 -7.33 13.07
CA ALA A 98 -11.59 -7.25 13.87
C ALA A 98 -12.16 -5.84 13.83
N GLU A 99 -13.48 -5.75 13.93
CA GLU A 99 -14.17 -4.45 13.92
C GLU A 99 -14.14 -3.81 15.30
N ASP A 100 -14.09 -4.63 16.34
CA ASP A 100 -14.06 -4.14 17.71
C ASP A 100 -15.33 -3.36 18.04
N SER A 101 -16.36 -4.10 18.48
CA SER A 101 -17.64 -3.48 18.83
C SER A 101 -18.28 -2.83 17.61
N GLY A 1 4.75 -9.05 17.04
CA GLY A 1 4.45 -7.60 16.89
C GLY A 1 3.88 -6.98 18.15
N ILE A 2 3.51 -7.83 19.12
CA ILE A 2 2.94 -7.37 20.38
C ILE A 2 1.91 -6.25 20.16
N PRO A 3 0.92 -6.48 19.30
CA PRO A 3 -0.12 -5.49 19.01
C PRO A 3 -1.05 -5.26 20.19
N GLU A 4 -1.32 -3.99 20.49
CA GLU A 4 -2.19 -3.64 21.60
C GLU A 4 -2.96 -2.35 21.30
N PHE A 5 -4.28 -2.46 21.21
CA PHE A 5 -5.13 -1.30 20.92
C PHE A 5 -6.60 -1.68 20.97
N LYS A 6 -6.92 -2.84 20.39
CA LYS A 6 -8.30 -3.31 20.35
C LYS A 6 -9.19 -2.34 19.60
N GLN A 7 -10.30 -2.84 19.07
CA GLN A 7 -11.23 -2.02 18.31
C GLN A 7 -12.61 -2.69 18.24
N LYS A 8 -12.68 -3.80 17.50
CA LYS A 8 -13.92 -4.53 17.35
C LYS A 8 -13.67 -6.01 17.08
N ALA A 9 -12.82 -6.29 16.11
CA ALA A 9 -12.48 -7.67 15.76
C ALA A 9 -10.99 -7.93 15.92
N LEU A 10 -10.66 -8.87 16.81
CA LEU A 10 -9.26 -9.22 17.06
C LEU A 10 -9.17 -10.55 17.81
N VAL A 11 -9.15 -11.64 17.07
CA VAL A 11 -9.06 -12.97 17.67
C VAL A 11 -7.65 -13.54 17.55
N ALA A 12 -7.24 -13.82 16.32
CA ALA A 12 -5.92 -14.37 16.06
C ALA A 12 -5.31 -13.79 14.79
N LYS A 13 -4.04 -14.10 14.54
CA LYS A 13 -3.34 -13.61 13.36
C LYS A 13 -1.92 -14.15 13.30
N VAL A 14 -1.27 -14.22 14.46
CA VAL A 14 0.09 -14.71 14.54
C VAL A 14 1.08 -13.75 13.89
N SER A 15 0.99 -13.62 12.57
CA SER A 15 1.87 -12.72 11.84
C SER A 15 1.50 -12.68 10.36
N GLN A 16 0.20 -12.74 10.08
CA GLN A 16 -0.29 -12.71 8.71
C GLN A 16 0.07 -11.38 8.03
N ARG A 17 0.25 -10.34 8.84
CA ARG A 17 0.59 -9.03 8.31
C ARG A 17 1.88 -9.09 7.50
N GLU A 18 2.78 -9.98 7.89
CA GLU A 18 4.06 -10.13 7.19
C GLU A 18 3.84 -10.49 5.72
N GLU A 19 2.82 -11.30 5.46
CA GLU A 19 2.51 -11.72 4.10
C GLU A 19 1.81 -10.61 3.33
N MET A 20 1.07 -9.77 4.05
CA MET A 20 0.35 -8.66 3.43
C MET A 20 1.30 -7.56 2.99
N VAL A 21 2.19 -7.15 3.89
CA VAL A 21 3.16 -6.09 3.60
C VAL A 21 4.02 -6.46 2.40
N LYS A 22 4.45 -7.72 2.35
CA LYS A 22 5.28 -8.19 1.26
C LYS A 22 4.52 -8.12 -0.06
N LYS A 23 3.25 -8.49 -0.02
CA LYS A 23 2.41 -8.46 -1.21
C LYS A 23 2.31 -7.04 -1.76
N CYS A 24 2.40 -6.05 -0.88
CA CYS A 24 2.33 -4.66 -1.27
C CYS A 24 3.54 -4.28 -2.13
N LEU A 25 4.70 -4.82 -1.77
CA LEU A 25 5.93 -4.54 -2.49
C LEU A 25 5.82 -5.00 -3.94
N GLY A 26 5.25 -6.19 -4.14
CA GLY A 26 5.11 -6.73 -5.48
C GLY A 26 3.99 -6.07 -6.26
N GLU A 27 2.83 -5.93 -5.63
CA GLU A 27 1.68 -5.31 -6.28
C GLU A 27 2.00 -3.88 -6.72
N LEU A 28 2.51 -3.07 -5.80
CA LEU A 28 2.86 -1.69 -6.11
C LEU A 28 3.83 -1.61 -7.27
N THR A 29 4.70 -2.62 -7.39
CA THR A 29 5.68 -2.66 -8.47
C THR A 29 4.99 -2.65 -9.82
N GLU A 30 3.89 -3.40 -9.92
CA GLU A 30 3.12 -3.48 -11.15
C GLU A 30 2.58 -2.12 -11.55
N VAL A 31 1.78 -1.53 -10.66
CA VAL A 31 1.19 -0.21 -10.92
C VAL A 31 2.27 0.81 -11.25
N CYS A 32 3.42 0.68 -10.60
CA CYS A 32 4.53 1.60 -10.82
C CYS A 32 4.97 1.58 -12.29
N LYS A 33 5.28 0.39 -12.79
CA LYS A 33 5.71 0.23 -14.17
C LYS A 33 4.65 0.76 -15.14
N SER A 34 3.41 0.36 -14.92
CA SER A 34 2.30 0.80 -15.78
C SER A 34 2.23 2.33 -15.84
N LEU A 35 2.70 2.99 -14.78
CA LEU A 35 2.68 4.43 -14.72
C LEU A 35 3.87 5.03 -15.46
N GLY A 36 4.97 4.28 -15.51
CA GLY A 36 6.16 4.75 -16.19
C GLY A 36 6.05 4.63 -17.70
N LYS A 37 5.20 3.72 -18.16
CA LYS A 37 5.01 3.52 -19.60
C LYS A 37 4.11 4.60 -20.18
N VAL A 38 3.18 5.11 -19.37
CA VAL A 38 2.25 6.14 -19.81
C VAL A 38 2.91 7.52 -19.78
N PHE A 39 3.79 7.73 -18.81
CA PHE A 39 4.48 9.01 -18.67
C PHE A 39 5.80 9.00 -19.45
N GLY A 40 6.37 7.82 -19.62
CA GLY A 40 7.62 7.70 -20.35
C GLY A 40 8.82 7.71 -19.42
N VAL A 41 8.62 7.29 -18.18
CA VAL A 41 9.70 7.25 -17.20
C VAL A 41 10.07 5.81 -16.85
N HIS A 42 11.11 5.65 -16.04
CA HIS A 42 11.56 4.33 -15.63
C HIS A 42 10.82 3.86 -14.37
N TYR A 43 10.87 2.57 -14.12
CA TYR A 43 10.21 1.97 -12.96
C TYR A 43 10.72 2.63 -11.67
N PHE A 44 11.99 2.98 -11.65
CA PHE A 44 12.60 3.61 -10.48
C PHE A 44 12.13 5.06 -10.35
N ASN A 45 11.80 5.67 -11.48
CA ASN A 45 11.34 7.07 -11.49
C ASN A 45 10.10 7.24 -10.62
N ILE A 46 9.22 6.25 -10.65
CA ILE A 46 7.99 6.30 -9.86
C ILE A 46 8.30 6.26 -8.37
N PHE A 47 8.80 5.11 -7.93
CA PHE A 47 9.15 4.93 -6.52
C PHE A 47 10.46 4.15 -6.38
N ASN A 48 11.17 4.40 -5.29
CA ASN A 48 12.43 3.72 -5.04
C ASN A 48 12.24 2.54 -4.11
N THR A 49 13.24 1.66 -4.04
CA THR A 49 13.17 0.48 -3.19
C THR A 49 12.79 0.85 -1.76
N VAL A 50 13.17 2.05 -1.35
CA VAL A 50 12.86 2.53 0.00
C VAL A 50 11.38 2.85 0.14
N THR A 51 10.76 3.26 -0.96
CA THR A 51 9.34 3.60 -0.96
C THR A 51 8.47 2.35 -0.84
N LEU A 52 8.63 1.43 -1.78
CA LEU A 52 7.85 0.19 -1.78
C LEU A 52 7.93 -0.51 -0.43
N LYS A 53 9.14 -0.68 0.09
CA LYS A 53 9.35 -1.34 1.37
C LYS A 53 8.59 -0.61 2.47
N LYS A 54 8.54 0.72 2.38
CA LYS A 54 7.85 1.53 3.38
C LYS A 54 6.35 1.29 3.32
N LEU A 55 5.76 1.57 2.15
CA LEU A 55 4.32 1.38 1.95
C LEU A 55 3.90 -0.05 2.26
N ALA A 56 4.85 -0.97 2.18
CA ALA A 56 4.56 -2.38 2.45
C ALA A 56 4.38 -2.63 3.94
N GLU A 57 5.37 -2.21 4.73
CA GLU A 57 5.31 -2.39 6.18
C GLU A 57 4.07 -1.71 6.76
N SER A 58 3.82 -0.48 6.33
CA SER A 58 2.66 0.28 6.80
C SER A 58 1.36 -0.45 6.47
N LEU A 59 1.19 -0.79 5.21
CA LEU A 59 -0.02 -1.49 4.76
C LEU A 59 -1.26 -0.60 4.89
N SER A 60 -1.11 0.66 4.52
CA SER A 60 -2.22 1.61 4.59
C SER A 60 -2.24 2.51 3.37
N SER A 61 -3.44 2.77 2.85
CA SER A 61 -3.59 3.63 1.67
C SER A 61 -3.90 5.06 2.08
N ASP A 62 -2.85 5.82 2.37
CA ASP A 62 -3.00 7.22 2.78
C ASP A 62 -2.17 8.13 1.88
N PRO A 63 -2.53 9.42 1.78
CA PRO A 63 -1.83 10.39 0.96
C PRO A 63 -0.67 11.07 1.71
N GLU A 64 -0.96 11.55 2.92
CA GLU A 64 0.05 12.23 3.73
C GLU A 64 1.08 11.22 4.25
N VAL A 65 0.60 10.06 4.66
CA VAL A 65 1.47 9.01 5.18
C VAL A 65 2.56 8.67 4.18
N LEU A 66 2.29 8.89 2.91
CA LEU A 66 3.24 8.60 1.85
C LEU A 66 4.14 9.79 1.57
N LEU A 67 3.66 10.99 1.91
CA LEU A 67 4.43 12.21 1.70
C LEU A 67 5.72 12.17 2.51
N GLN A 68 5.65 11.59 3.71
CA GLN A 68 6.81 11.50 4.59
C GLN A 68 7.74 10.37 4.16
N ILE A 69 7.23 9.44 3.36
CA ILE A 69 8.02 8.31 2.89
C ILE A 69 9.18 8.79 2.02
N ASP A 70 10.31 8.10 2.13
CA ASP A 70 11.51 8.45 1.35
C ASP A 70 11.29 8.17 -0.13
N GLY A 71 11.55 9.17 -0.97
CA GLY A 71 11.39 9.01 -2.39
C GLY A 71 10.04 9.51 -2.89
N VAL A 72 9.06 9.51 -2.00
CA VAL A 72 7.71 9.97 -2.36
C VAL A 72 7.53 11.44 -2.02
N THR A 73 7.28 12.25 -3.04
CA THR A 73 7.08 13.68 -2.86
C THR A 73 5.60 14.05 -3.01
N GLU A 74 5.33 15.35 -3.04
CA GLU A 74 3.95 15.84 -3.19
C GLU A 74 3.43 15.56 -4.59
N ASP A 75 4.25 15.85 -5.60
CA ASP A 75 3.86 15.63 -6.99
C ASP A 75 3.69 14.14 -7.28
N LYS A 76 4.46 13.32 -6.58
CA LYS A 76 4.39 11.88 -6.76
C LYS A 76 3.07 11.32 -6.25
N LEU A 77 2.60 11.88 -5.13
CA LEU A 77 1.35 11.44 -4.52
C LEU A 77 0.15 12.09 -5.21
N GLU A 78 0.39 13.15 -5.97
CA GLU A 78 -0.68 13.84 -6.67
C GLU A 78 -0.88 13.27 -8.07
N LYS A 79 0.20 12.76 -8.65
CA LYS A 79 0.15 12.18 -9.99
C LYS A 79 0.01 10.66 -9.93
N TYR A 80 0.96 10.01 -9.27
CA TYR A 80 0.95 8.55 -9.15
C TYR A 80 -0.01 8.10 -8.04
N GLY A 81 -0.27 8.98 -7.08
CA GLY A 81 -1.18 8.63 -5.99
C GLY A 81 -2.47 8.01 -6.47
N ALA A 82 -2.93 8.45 -7.64
CA ALA A 82 -4.17 7.93 -8.21
C ALA A 82 -4.02 6.48 -8.63
N GLU A 83 -2.78 6.06 -8.89
CA GLU A 83 -2.50 4.70 -9.30
C GLU A 83 -2.08 3.84 -8.12
N VAL A 84 -0.97 4.21 -7.49
CA VAL A 84 -0.46 3.46 -6.33
C VAL A 84 -1.57 3.19 -5.32
N ILE A 85 -2.19 4.25 -4.83
CA ILE A 85 -3.27 4.12 -3.85
C ILE A 85 -4.37 3.19 -4.36
N SER A 86 -4.49 3.10 -5.68
CA SER A 86 -5.50 2.22 -6.29
C SER A 86 -5.25 0.78 -5.87
N VAL A 87 -3.98 0.42 -5.73
CA VAL A 87 -3.60 -0.93 -5.34
C VAL A 87 -3.47 -1.05 -3.82
N LEU A 88 -3.26 0.08 -3.15
CA LEU A 88 -3.11 0.09 -1.69
C LEU A 88 -4.46 0.00 -0.99
N GLN A 89 -5.51 0.49 -1.65
CA GLN A 89 -6.85 0.47 -1.08
C GLN A 89 -7.18 -0.90 -0.50
N LYS A 90 -6.61 -1.94 -1.08
CA LYS A 90 -6.83 -3.30 -0.61
C LYS A 90 -6.20 -3.51 0.75
N TYR A 91 -4.96 -3.07 0.90
CA TYR A 91 -4.24 -3.20 2.16
C TYR A 91 -4.98 -2.50 3.28
N SER A 92 -5.55 -1.33 2.97
CA SER A 92 -6.30 -0.56 3.96
C SER A 92 -7.49 -1.36 4.48
N GLU A 93 -7.99 -2.27 3.65
CA GLU A 93 -9.12 -3.11 4.04
C GLU A 93 -8.67 -4.29 4.88
N TRP A 94 -7.43 -4.72 4.67
CA TRP A 94 -6.87 -5.85 5.41
C TRP A 94 -6.26 -5.40 6.73
N THR A 95 -5.69 -4.20 6.73
CA THR A 95 -5.06 -3.64 7.92
C THR A 95 -6.11 -3.36 9.00
N SER A 96 -7.26 -2.85 8.58
CA SER A 96 -8.33 -2.53 9.52
C SER A 96 -9.42 -3.60 9.48
N PRO A 97 -9.53 -4.43 10.53
CA PRO A 97 -10.54 -5.49 10.60
C PRO A 97 -11.95 -4.93 10.80
N ALA A 98 -12.94 -5.81 10.65
CA ALA A 98 -14.34 -5.40 10.81
C ALA A 98 -15.25 -6.61 10.85
N GLU A 99 -15.04 -7.54 9.92
CA GLU A 99 -15.85 -8.75 9.85
C GLU A 99 -15.08 -9.89 9.18
N ASP A 100 -14.80 -10.94 9.94
CA ASP A 100 -14.07 -12.09 9.42
C ASP A 100 -14.96 -13.32 9.38
N SER A 101 -15.60 -13.62 10.51
CA SER A 101 -16.48 -14.78 10.60
C SER A 101 -17.15 -14.84 11.97
N GLY A 1 -20.26 -31.22 10.08
CA GLY A 1 -19.41 -30.29 10.87
C GLY A 1 -19.93 -28.86 10.83
N ILE A 2 -19.29 -27.99 11.61
CA ILE A 2 -19.69 -26.60 11.67
C ILE A 2 -18.58 -25.68 11.15
N PRO A 3 -18.57 -25.39 9.84
CA PRO A 3 -17.55 -24.53 9.23
C PRO A 3 -17.69 -23.08 9.66
N GLU A 4 -16.68 -22.57 10.35
CA GLU A 4 -16.69 -21.19 10.83
C GLU A 4 -15.33 -20.53 10.62
N PHE A 5 -15.28 -19.21 10.75
CA PHE A 5 -14.05 -18.46 10.59
C PHE A 5 -13.87 -17.43 11.70
N LYS A 6 -12.65 -16.94 11.85
CA LYS A 6 -12.34 -15.95 12.87
C LYS A 6 -12.50 -14.53 12.32
N GLN A 7 -13.41 -13.76 12.92
CA GLN A 7 -13.66 -12.40 12.49
C GLN A 7 -13.33 -11.41 13.61
N LYS A 8 -12.33 -11.75 14.42
CA LYS A 8 -11.92 -10.88 15.52
C LYS A 8 -10.40 -10.96 15.74
N ALA A 9 -9.68 -11.39 14.71
CA ALA A 9 -8.23 -11.50 14.79
C ALA A 9 -7.80 -12.26 16.05
N LEU A 10 -8.31 -13.47 16.21
CA LEU A 10 -7.98 -14.30 17.36
C LEU A 10 -6.61 -14.94 17.20
N VAL A 11 -6.01 -15.33 18.32
CA VAL A 11 -4.69 -15.96 18.30
C VAL A 11 -3.63 -15.00 17.78
N ALA A 12 -2.42 -15.11 18.32
CA ALA A 12 -1.32 -14.25 17.91
C ALA A 12 -0.06 -15.07 17.63
N LYS A 13 -0.11 -15.89 16.59
CA LYS A 13 1.02 -16.73 16.22
C LYS A 13 1.02 -17.01 14.72
N VAL A 14 0.57 -16.04 13.94
CA VAL A 14 0.51 -16.18 12.49
C VAL A 14 1.05 -14.95 11.78
N SER A 15 1.69 -15.15 10.65
CA SER A 15 2.26 -14.06 9.88
C SER A 15 1.24 -13.50 8.88
N GLN A 16 0.27 -12.76 9.38
CA GLN A 16 -0.77 -12.18 8.54
C GLN A 16 -0.34 -10.82 8.02
N ARG A 17 0.35 -10.05 8.86
CA ARG A 17 0.82 -8.73 8.48
C ARG A 17 2.11 -8.82 7.67
N GLU A 18 2.97 -9.77 8.03
CA GLU A 18 4.23 -9.96 7.34
C GLU A 18 4.00 -10.28 5.87
N GLU A 19 2.99 -11.09 5.59
CA GLU A 19 2.67 -11.47 4.22
C GLU A 19 1.99 -10.32 3.48
N MET A 20 1.24 -9.52 4.23
CA MET A 20 0.54 -8.37 3.65
C MET A 20 1.53 -7.38 3.05
N VAL A 21 2.50 -6.96 3.86
CA VAL A 21 3.51 -6.00 3.40
C VAL A 21 4.34 -6.58 2.27
N LYS A 22 4.59 -7.88 2.32
CA LYS A 22 5.37 -8.55 1.30
C LYS A 22 4.66 -8.45 -0.06
N LYS A 23 3.43 -8.95 -0.11
CA LYS A 23 2.64 -8.92 -1.34
C LYS A 23 2.48 -7.50 -1.83
N CYS A 24 2.51 -6.54 -0.91
CA CYS A 24 2.37 -5.13 -1.26
C CYS A 24 3.55 -4.67 -2.11
N LEU A 25 4.75 -5.06 -1.71
CA LEU A 25 5.95 -4.68 -2.45
C LEU A 25 5.88 -5.18 -3.88
N GLY A 26 5.25 -6.34 -4.07
CA GLY A 26 5.13 -6.91 -5.40
C GLY A 26 4.04 -6.24 -6.22
N GLU A 27 2.86 -6.06 -5.62
CA GLU A 27 1.74 -5.42 -6.30
C GLU A 27 2.09 -4.01 -6.73
N LEU A 28 2.60 -3.21 -5.79
CA LEU A 28 2.97 -1.83 -6.08
C LEU A 28 3.99 -1.77 -7.22
N THR A 29 4.85 -2.78 -7.29
CA THR A 29 5.87 -2.84 -8.34
C THR A 29 5.21 -2.86 -9.72
N GLU A 30 4.03 -3.47 -9.78
CA GLU A 30 3.29 -3.56 -11.04
C GLU A 30 2.78 -2.19 -11.47
N VAL A 31 1.99 -1.56 -10.60
CA VAL A 31 1.44 -0.23 -10.89
C VAL A 31 2.55 0.76 -11.20
N CYS A 32 3.70 0.58 -10.53
CA CYS A 32 4.84 1.46 -10.73
C CYS A 32 5.26 1.47 -12.20
N LYS A 33 5.39 0.28 -12.78
CA LYS A 33 5.78 0.15 -14.18
C LYS A 33 4.69 0.69 -15.10
N SER A 34 3.44 0.37 -14.77
CA SER A 34 2.31 0.83 -15.57
C SER A 34 2.29 2.35 -15.65
N LEU A 35 2.77 3.01 -14.61
CA LEU A 35 2.81 4.46 -14.57
C LEU A 35 3.96 4.99 -15.42
N GLY A 36 5.01 4.20 -15.56
CA GLY A 36 6.16 4.61 -16.35
C GLY A 36 5.88 4.57 -17.85
N LYS A 37 4.86 3.81 -18.25
CA LYS A 37 4.51 3.70 -19.65
C LYS A 37 3.50 4.77 -20.06
N VAL A 38 2.66 5.18 -19.11
CA VAL A 38 1.65 6.20 -19.38
C VAL A 38 2.21 7.61 -19.21
N PHE A 39 3.21 7.74 -18.34
CA PHE A 39 3.84 9.03 -18.09
C PHE A 39 5.11 9.19 -18.91
N GLY A 40 5.74 8.07 -19.24
CA GLY A 40 6.96 8.11 -20.03
C GLY A 40 8.20 8.10 -19.17
N VAL A 41 8.14 7.39 -18.05
CA VAL A 41 9.28 7.30 -17.14
C VAL A 41 9.64 5.84 -16.85
N HIS A 42 10.87 5.63 -16.40
CA HIS A 42 11.36 4.28 -16.09
C HIS A 42 10.79 3.79 -14.76
N TYR A 43 10.85 2.48 -14.55
CA TYR A 43 10.35 1.88 -13.32
C TYR A 43 11.09 2.44 -12.11
N PHE A 44 12.31 2.92 -12.32
CA PHE A 44 13.11 3.48 -11.24
C PHE A 44 12.88 4.99 -11.11
N ASN A 45 11.83 5.50 -11.73
CA ASN A 45 11.51 6.92 -11.67
C ASN A 45 10.34 7.18 -10.74
N ILE A 46 9.46 6.19 -10.61
CA ILE A 46 8.29 6.32 -9.75
C ILE A 46 8.68 6.31 -8.28
N PHE A 47 9.17 5.16 -7.80
CA PHE A 47 9.59 5.02 -6.42
C PHE A 47 10.90 4.24 -6.32
N ASN A 48 11.53 4.29 -5.15
CA ASN A 48 12.78 3.58 -4.93
C ASN A 48 12.55 2.27 -4.18
N THR A 49 13.55 1.41 -4.17
CA THR A 49 13.46 0.13 -3.49
C THR A 49 13.05 0.31 -2.02
N VAL A 50 13.70 1.26 -1.36
CA VAL A 50 13.41 1.54 0.04
C VAL A 50 12.04 2.22 0.20
N THR A 51 11.60 2.91 -0.86
CA THR A 51 10.32 3.60 -0.83
C THR A 51 9.16 2.61 -0.89
N LEU A 52 9.23 1.68 -1.85
CA LEU A 52 8.17 0.68 -2.01
C LEU A 52 7.98 -0.12 -0.71
N LYS A 53 9.07 -0.58 -0.14
CA LYS A 53 9.01 -1.35 1.09
C LYS A 53 8.34 -0.56 2.21
N LYS A 54 8.42 0.77 2.11
CA LYS A 54 7.80 1.64 3.11
C LYS A 54 6.28 1.51 3.07
N LEU A 55 5.69 1.79 1.91
CA LEU A 55 4.24 1.69 1.75
C LEU A 55 3.73 0.32 2.19
N ALA A 56 4.59 -0.68 2.12
CA ALA A 56 4.21 -2.04 2.51
C ALA A 56 4.31 -2.24 4.02
N GLU A 57 5.45 -1.87 4.60
CA GLU A 57 5.65 -2.01 6.03
C GLU A 57 4.46 -1.46 6.81
N SER A 58 3.77 -0.48 6.23
CA SER A 58 2.61 0.13 6.86
C SER A 58 1.33 -0.58 6.44
N LEU A 59 1.20 -0.84 5.14
CA LEU A 59 0.03 -1.52 4.59
C LEU A 59 -1.22 -0.66 4.75
N SER A 60 -1.10 0.62 4.40
CA SER A 60 -2.22 1.54 4.49
C SER A 60 -2.26 2.47 3.28
N SER A 61 -3.45 2.68 2.74
CA SER A 61 -3.61 3.55 1.57
C SER A 61 -4.04 4.95 1.98
N ASP A 62 -3.06 5.78 2.34
CA ASP A 62 -3.33 7.15 2.74
C ASP A 62 -2.48 8.12 1.90
N PRO A 63 -2.94 9.37 1.74
CA PRO A 63 -2.22 10.38 0.96
C PRO A 63 -1.07 11.00 1.74
N GLU A 64 -1.33 11.39 2.99
CA GLU A 64 -0.32 12.01 3.84
C GLU A 64 0.75 11.01 4.26
N VAL A 65 0.34 9.77 4.50
CA VAL A 65 1.27 8.73 4.90
C VAL A 65 2.42 8.57 3.91
N LEU A 66 2.09 8.28 2.66
CA LEU A 66 3.09 8.11 1.62
C LEU A 66 3.95 9.36 1.47
N LEU A 67 3.38 10.51 1.80
CA LEU A 67 4.09 11.77 1.70
C LEU A 67 5.35 11.76 2.57
N GLN A 68 5.22 11.22 3.77
CA GLN A 68 6.34 11.15 4.70
C GLN A 68 7.38 10.12 4.24
N ILE A 69 6.98 9.22 3.35
CA ILE A 69 7.87 8.19 2.85
C ILE A 69 9.03 8.81 2.07
N ASP A 70 10.24 8.35 2.34
CA ASP A 70 11.43 8.85 1.67
C ASP A 70 11.35 8.62 0.16
N GLY A 71 11.54 9.69 -0.60
CA GLY A 71 11.49 9.57 -2.05
C GLY A 71 10.15 10.02 -2.62
N VAL A 72 9.10 9.88 -1.82
CA VAL A 72 7.77 10.27 -2.24
C VAL A 72 7.46 11.72 -1.86
N THR A 73 7.25 12.56 -2.87
CA THR A 73 6.96 13.96 -2.63
C THR A 73 5.48 14.26 -2.91
N GLU A 74 5.10 15.53 -2.77
CA GLU A 74 3.73 15.95 -3.00
C GLU A 74 3.32 15.69 -4.44
N ASP A 75 4.29 15.76 -5.35
CA ASP A 75 4.03 15.53 -6.77
C ASP A 75 3.91 14.04 -7.08
N LYS A 76 4.66 13.23 -6.36
CA LYS A 76 4.64 11.78 -6.56
C LYS A 76 3.30 11.20 -6.10
N LEU A 77 2.71 11.81 -5.08
CA LEU A 77 1.44 11.35 -4.55
C LEU A 77 0.26 12.00 -5.28
N GLU A 78 0.53 13.08 -6.00
CA GLU A 78 -0.50 13.78 -6.75
C GLU A 78 -0.62 13.23 -8.17
N LYS A 79 0.49 12.74 -8.70
CA LYS A 79 0.51 12.19 -10.05
C LYS A 79 0.36 10.67 -10.04
N TYR A 80 1.19 9.99 -9.26
CA TYR A 80 1.15 8.54 -9.17
C TYR A 80 0.17 8.06 -8.09
N GLY A 81 -0.09 8.92 -7.10
CA GLY A 81 -1.00 8.56 -6.03
C GLY A 81 -2.30 7.96 -6.54
N ALA A 82 -2.71 8.39 -7.72
CA ALA A 82 -3.96 7.89 -8.32
C ALA A 82 -3.81 6.43 -8.73
N GLU A 83 -2.59 6.02 -9.05
CA GLU A 83 -2.33 4.65 -9.46
C GLU A 83 -1.90 3.79 -8.27
N VAL A 84 -0.80 4.18 -7.62
CA VAL A 84 -0.31 3.44 -6.47
C VAL A 84 -1.42 3.16 -5.47
N ILE A 85 -1.99 4.22 -4.90
CA ILE A 85 -3.07 4.09 -3.93
C ILE A 85 -4.18 3.18 -4.46
N SER A 86 -4.31 3.11 -5.79
CA SER A 86 -5.34 2.27 -6.41
C SER A 86 -5.12 0.81 -6.02
N VAL A 87 -3.85 0.44 -5.86
CA VAL A 87 -3.50 -0.93 -5.49
C VAL A 87 -3.42 -1.09 -3.97
N LEU A 88 -3.27 0.04 -3.27
CA LEU A 88 -3.17 0.01 -1.81
C LEU A 88 -4.54 0.08 -1.14
N GLN A 89 -5.57 0.41 -1.91
CA GLN A 89 -6.93 0.51 -1.37
C GLN A 89 -7.33 -0.78 -0.65
N LYS A 90 -6.84 -1.91 -1.17
CA LYS A 90 -7.16 -3.21 -0.57
C LYS A 90 -6.52 -3.35 0.80
N TYR A 91 -5.36 -2.71 0.99
CA TYR A 91 -4.65 -2.77 2.25
C TYR A 91 -5.44 -2.08 3.37
N SER A 92 -5.84 -0.84 3.13
CA SER A 92 -6.61 -0.09 4.10
C SER A 92 -7.86 -0.86 4.53
N GLU A 93 -8.39 -1.66 3.62
CA GLU A 93 -9.58 -2.44 3.90
C GLU A 93 -9.25 -3.65 4.76
N TRP A 94 -8.02 -4.15 4.61
CA TRP A 94 -7.57 -5.31 5.38
C TRP A 94 -6.62 -4.89 6.51
N THR A 95 -6.58 -3.60 6.80
CA THR A 95 -5.72 -3.09 7.86
C THR A 95 -6.31 -3.38 9.23
N SER A 96 -7.64 -3.40 9.31
CA SER A 96 -8.34 -3.66 10.56
C SER A 96 -9.09 -4.98 10.49
N PRO A 97 -8.70 -5.97 11.33
CA PRO A 97 -9.35 -7.28 11.36
C PRO A 97 -10.78 -7.21 11.90
N ALA A 98 -10.95 -6.51 13.01
CA ALA A 98 -12.26 -6.36 13.62
C ALA A 98 -13.16 -5.46 12.79
N GLU A 99 -14.15 -6.07 12.14
CA GLU A 99 -15.08 -5.32 11.29
C GLU A 99 -16.33 -4.93 12.08
N ASP A 100 -16.34 -3.70 12.60
CA ASP A 100 -17.47 -3.21 13.38
C ASP A 100 -17.41 -1.69 13.51
N SER A 101 -16.24 -1.17 13.85
CA SER A 101 -16.05 0.26 14.01
C SER A 101 -15.76 0.92 12.67
N GLY A 1 -22.94 -10.37 -6.59
CA GLY A 1 -22.17 -11.38 -7.37
C GLY A 1 -22.46 -12.80 -6.90
N ILE A 2 -21.59 -13.33 -6.06
CA ILE A 2 -21.74 -14.68 -5.54
C ILE A 2 -22.02 -14.67 -4.04
N PRO A 3 -23.31 -14.58 -3.65
CA PRO A 3 -23.70 -14.56 -2.24
C PRO A 3 -23.11 -15.73 -1.45
N GLU A 4 -22.26 -15.41 -0.48
CA GLU A 4 -21.62 -16.42 0.34
C GLU A 4 -21.44 -15.94 1.77
N PHE A 5 -21.76 -16.80 2.73
CA PHE A 5 -21.63 -16.46 4.14
C PHE A 5 -20.16 -16.44 4.57
N LYS A 6 -19.50 -15.31 4.35
CA LYS A 6 -18.09 -15.17 4.71
C LYS A 6 -17.79 -13.75 5.17
N GLN A 7 -17.95 -13.51 6.48
CA GLN A 7 -17.69 -12.20 7.05
C GLN A 7 -17.07 -12.31 8.43
N LYS A 8 -16.23 -13.32 8.60
CA LYS A 8 -15.57 -13.56 9.88
C LYS A 8 -14.07 -13.79 9.69
N ALA A 9 -13.26 -13.09 10.47
CA ALA A 9 -11.81 -13.22 10.38
C ALA A 9 -11.16 -13.06 11.75
N LEU A 10 -9.87 -13.36 11.82
CA LEU A 10 -9.12 -13.24 13.07
C LEU A 10 -7.83 -12.46 12.87
N VAL A 11 -7.33 -11.86 13.95
CA VAL A 11 -6.10 -11.08 13.90
C VAL A 11 -5.15 -11.48 15.02
N ALA A 12 -5.68 -11.62 16.22
CA ALA A 12 -4.88 -11.99 17.38
C ALA A 12 -4.74 -13.50 17.48
N LYS A 13 -3.89 -14.08 16.63
CA LYS A 13 -3.66 -15.52 16.63
C LYS A 13 -2.59 -15.89 15.61
N VAL A 14 -2.63 -15.25 14.45
CA VAL A 14 -1.65 -15.53 13.41
C VAL A 14 -1.00 -14.24 12.92
N SER A 15 0.17 -14.37 12.30
CA SER A 15 0.91 -13.22 11.79
C SER A 15 0.79 -13.13 10.27
N GLN A 16 -0.29 -12.51 9.80
CA GLN A 16 -0.52 -12.35 8.37
C GLN A 16 0.07 -11.05 7.84
N ARG A 17 0.38 -10.12 8.75
CA ARG A 17 0.95 -8.83 8.37
C ARG A 17 2.23 -9.01 7.57
N GLU A 18 3.00 -10.05 7.90
CA GLU A 18 4.26 -10.31 7.20
C GLU A 18 4.02 -10.54 5.71
N GLU A 19 2.95 -11.26 5.38
CA GLU A 19 2.62 -11.55 4.00
C GLU A 19 1.88 -10.38 3.36
N MET A 20 1.13 -9.63 4.18
CA MET A 20 0.38 -8.49 3.69
C MET A 20 1.30 -7.38 3.22
N VAL A 21 2.35 -7.10 4.01
CA VAL A 21 3.31 -6.07 3.66
C VAL A 21 4.13 -6.46 2.45
N LYS A 22 4.59 -7.70 2.43
CA LYS A 22 5.41 -8.20 1.33
C LYS A 22 4.63 -8.13 0.02
N LYS A 23 3.36 -8.54 0.06
CA LYS A 23 2.51 -8.52 -1.11
C LYS A 23 2.43 -7.12 -1.70
N CYS A 24 2.55 -6.11 -0.84
CA CYS A 24 2.50 -4.72 -1.27
C CYS A 24 3.74 -4.37 -2.08
N LEU A 25 4.86 -5.00 -1.75
CA LEU A 25 6.10 -4.74 -2.46
C LEU A 25 5.99 -5.15 -3.92
N GLY A 26 5.39 -6.32 -4.15
CA GLY A 26 5.22 -6.81 -5.51
C GLY A 26 4.09 -6.12 -6.24
N GLU A 27 2.96 -5.95 -5.55
CA GLU A 27 1.79 -5.30 -6.14
C GLU A 27 2.12 -3.88 -6.56
N LEU A 28 2.73 -3.12 -5.66
CA LEU A 28 3.09 -1.73 -5.95
C LEU A 28 4.05 -1.67 -7.14
N THR A 29 4.85 -2.72 -7.30
CA THR A 29 5.80 -2.77 -8.40
C THR A 29 5.07 -2.68 -9.74
N GLU A 30 3.90 -3.33 -9.80
CA GLU A 30 3.09 -3.33 -11.01
C GLU A 30 2.59 -1.92 -11.31
N VAL A 31 1.82 -1.35 -10.38
CA VAL A 31 1.27 -0.01 -10.54
C VAL A 31 2.37 0.98 -10.94
N CYS A 32 3.55 0.80 -10.36
CA CYS A 32 4.69 1.66 -10.65
C CYS A 32 5.04 1.61 -12.13
N LYS A 33 5.20 0.39 -12.65
CA LYS A 33 5.54 0.19 -14.05
C LYS A 33 4.45 0.76 -14.95
N SER A 34 3.20 0.37 -14.68
CA SER A 34 2.07 0.84 -15.47
C SER A 34 2.06 2.37 -15.55
N LEU A 35 2.59 3.01 -14.52
CA LEU A 35 2.64 4.46 -14.47
C LEU A 35 3.78 4.99 -15.33
N GLY A 36 4.79 4.17 -15.56
CA GLY A 36 5.93 4.57 -16.36
C GLY A 36 5.66 4.47 -17.85
N LYS A 37 4.76 3.57 -18.24
CA LYS A 37 4.42 3.39 -19.64
C LYS A 37 3.40 4.42 -20.10
N VAL A 38 2.53 4.83 -19.18
CA VAL A 38 1.50 5.82 -19.50
C VAL A 38 2.07 7.23 -19.51
N PHE A 39 3.04 7.48 -18.62
CA PHE A 39 3.66 8.80 -18.52
C PHE A 39 4.95 8.84 -19.33
N GLY A 40 5.59 7.69 -19.50
CA GLY A 40 6.82 7.63 -20.25
C GLY A 40 8.05 7.73 -19.37
N VAL A 41 7.92 7.32 -18.11
CA VAL A 41 9.02 7.37 -17.17
C VAL A 41 9.48 5.97 -16.77
N HIS A 42 10.71 5.87 -16.29
CA HIS A 42 11.26 4.58 -15.89
C HIS A 42 10.61 4.08 -14.61
N TYR A 43 10.75 2.79 -14.34
CA TYR A 43 10.18 2.18 -13.14
C TYR A 43 10.75 2.81 -11.89
N PHE A 44 12.07 2.94 -11.83
CA PHE A 44 12.75 3.52 -10.69
C PHE A 44 12.36 4.99 -10.50
N ASN A 45 12.02 5.65 -11.61
CA ASN A 45 11.63 7.06 -11.56
C ASN A 45 10.39 7.25 -10.69
N ILE A 46 9.53 6.23 -10.65
CA ILE A 46 8.31 6.30 -9.85
C ILE A 46 8.63 6.32 -8.37
N PHE A 47 9.16 5.22 -7.86
CA PHE A 47 9.51 5.12 -6.44
C PHE A 47 10.86 4.44 -6.26
N ASN A 48 11.30 4.35 -5.01
CA ASN A 48 12.58 3.72 -4.69
C ASN A 48 12.38 2.55 -3.73
N THR A 49 13.41 1.71 -3.61
CA THR A 49 13.34 0.55 -2.72
C THR A 49 12.88 0.94 -1.32
N VAL A 50 13.27 2.14 -0.89
CA VAL A 50 12.89 2.64 0.43
C VAL A 50 11.40 3.00 0.48
N THR A 51 10.86 3.38 -0.68
CA THR A 51 9.46 3.75 -0.76
C THR A 51 8.55 2.52 -0.68
N LEU A 52 8.79 1.56 -1.57
CA LEU A 52 8.00 0.33 -1.60
C LEU A 52 8.00 -0.36 -0.23
N LYS A 53 9.18 -0.52 0.34
CA LYS A 53 9.31 -1.18 1.64
C LYS A 53 8.51 -0.44 2.70
N LYS A 54 8.47 0.89 2.61
CA LYS A 54 7.73 1.71 3.57
C LYS A 54 6.23 1.52 3.40
N LEU A 55 5.71 1.83 2.21
CA LEU A 55 4.28 1.69 1.94
C LEU A 55 3.81 0.26 2.22
N ALA A 56 4.74 -0.69 2.17
CA ALA A 56 4.40 -2.08 2.42
C ALA A 56 4.44 -2.41 3.92
N GLU A 57 5.49 -1.97 4.59
CA GLU A 57 5.64 -2.21 6.03
C GLU A 57 4.41 -1.70 6.80
N SER A 58 3.77 -0.67 6.27
CA SER A 58 2.60 -0.09 6.90
C SER A 58 1.32 -0.75 6.39
N LEU A 59 1.22 -0.90 5.06
CA LEU A 59 0.06 -1.52 4.44
C LEU A 59 -1.18 -0.68 4.68
N SER A 60 -1.10 0.61 4.35
CA SER A 60 -2.23 1.52 4.52
C SER A 60 -2.34 2.46 3.32
N SER A 61 -3.56 2.67 2.84
CA SER A 61 -3.78 3.55 1.70
C SER A 61 -3.99 4.99 2.15
N ASP A 62 -2.90 5.71 2.36
CA ASP A 62 -2.97 7.10 2.77
C ASP A 62 -2.14 7.97 1.83
N PRO A 63 -2.64 9.17 1.47
CA PRO A 63 -1.93 10.08 0.57
C PRO A 63 -0.78 10.81 1.25
N GLU A 64 -1.06 11.37 2.43
CA GLU A 64 -0.05 12.11 3.18
C GLU A 64 1.02 11.17 3.73
N VAL A 65 0.61 9.99 4.16
CA VAL A 65 1.54 9.00 4.71
C VAL A 65 2.70 8.74 3.77
N LEU A 66 2.40 8.55 2.49
CA LEU A 66 3.42 8.28 1.49
C LEU A 66 4.39 9.46 1.39
N LEU A 67 3.85 10.67 1.56
CA LEU A 67 4.65 11.89 1.48
C LEU A 67 5.83 11.83 2.45
N GLN A 68 5.59 11.30 3.65
CA GLN A 68 6.64 11.18 4.66
C GLN A 68 7.65 10.10 4.28
N ILE A 69 7.25 9.21 3.37
CA ILE A 69 8.12 8.13 2.93
C ILE A 69 9.28 8.66 2.11
N ASP A 70 10.48 8.15 2.38
CA ASP A 70 11.68 8.58 1.67
C ASP A 70 11.57 8.28 0.18
N GLY A 71 11.81 9.30 -0.64
CA GLY A 71 11.73 9.13 -2.08
C GLY A 71 10.43 9.66 -2.66
N VAL A 72 9.39 9.67 -1.85
CA VAL A 72 8.08 10.15 -2.30
C VAL A 72 7.93 11.64 -2.04
N THR A 73 7.33 12.34 -3.00
CA THR A 73 7.12 13.78 -2.88
C THR A 73 5.69 14.16 -3.23
N GLU A 74 5.37 15.44 -3.14
CA GLU A 74 4.04 15.93 -3.45
C GLU A 74 3.69 15.65 -4.90
N ASP A 75 4.66 15.79 -5.78
CA ASP A 75 4.45 15.56 -7.21
C ASP A 75 4.21 14.09 -7.49
N LYS A 76 5.06 13.23 -6.93
CA LYS A 76 4.94 11.80 -7.11
C LYS A 76 3.64 11.27 -6.52
N LEU A 77 3.18 11.92 -5.45
CA LEU A 77 1.95 11.53 -4.78
C LEU A 77 0.74 12.15 -5.45
N GLU A 78 0.95 13.25 -6.17
CA GLU A 78 -0.14 13.93 -6.87
C GLU A 78 -0.41 13.31 -8.23
N LYS A 79 0.62 12.74 -8.84
CA LYS A 79 0.48 12.11 -10.15
C LYS A 79 0.25 10.61 -10.03
N TYR A 80 1.12 9.95 -9.27
CA TYR A 80 1.02 8.50 -9.08
C TYR A 80 0.02 8.15 -7.97
N GLY A 81 -0.39 9.15 -7.19
CA GLY A 81 -1.33 8.93 -6.11
C GLY A 81 -2.60 8.23 -6.58
N ALA A 82 -3.07 8.59 -7.76
CA ALA A 82 -4.27 8.00 -8.32
C ALA A 82 -4.08 6.52 -8.61
N GLU A 83 -2.84 6.12 -8.90
CA GLU A 83 -2.53 4.73 -9.21
C GLU A 83 -2.02 3.99 -7.98
N VAL A 84 -0.94 4.50 -7.39
CA VAL A 84 -0.34 3.87 -6.20
C VAL A 84 -1.40 3.54 -5.16
N ILE A 85 -2.31 4.48 -4.91
CA ILE A 85 -3.37 4.31 -3.94
C ILE A 85 -4.39 3.28 -4.42
N SER A 86 -4.50 3.13 -5.73
CA SER A 86 -5.45 2.18 -6.30
C SER A 86 -5.14 0.77 -5.83
N VAL A 87 -3.86 0.50 -5.62
CA VAL A 87 -3.42 -0.82 -5.16
C VAL A 87 -3.38 -0.89 -3.63
N LEU A 88 -3.14 0.27 -2.99
CA LEU A 88 -3.07 0.34 -1.54
C LEU A 88 -4.45 0.22 -0.91
N GLN A 89 -5.49 0.54 -1.68
CA GLN A 89 -6.86 0.46 -1.18
C GLN A 89 -7.17 -0.92 -0.62
N LYS A 90 -6.45 -1.93 -1.09
CA LYS A 90 -6.64 -3.30 -0.63
C LYS A 90 -6.11 -3.50 0.78
N TYR A 91 -5.07 -2.73 1.13
CA TYR A 91 -4.46 -2.82 2.45
C TYR A 91 -5.36 -2.23 3.51
N SER A 92 -5.79 -0.98 3.29
CA SER A 92 -6.65 -0.29 4.25
C SER A 92 -7.95 -1.06 4.47
N GLU A 93 -8.32 -1.91 3.52
CA GLU A 93 -9.54 -2.70 3.63
C GLU A 93 -9.25 -4.09 4.19
N TRP A 94 -7.98 -4.50 4.16
CA TRP A 94 -7.59 -5.81 4.66
C TRP A 94 -6.87 -5.70 6.00
N THR A 95 -6.46 -4.49 6.36
CA THR A 95 -5.76 -4.27 7.62
C THR A 95 -6.68 -4.53 8.82
N SER A 96 -7.97 -4.25 8.64
CA SER A 96 -8.94 -4.45 9.71
C SER A 96 -9.60 -5.83 9.58
N PRO A 97 -9.59 -6.62 10.67
CA PRO A 97 -10.19 -7.96 10.67
C PRO A 97 -11.71 -7.91 10.72
N ALA A 98 -12.36 -8.75 9.92
CA ALA A 98 -13.81 -8.80 9.87
C ALA A 98 -14.37 -9.32 11.18
N GLU A 99 -14.61 -8.42 12.13
CA GLU A 99 -15.14 -8.79 13.44
C GLU A 99 -16.43 -8.02 13.74
N ASP A 100 -16.39 -6.70 13.51
CA ASP A 100 -17.54 -5.85 13.75
C ASP A 100 -17.43 -4.55 12.98
N SER A 101 -18.51 -4.17 12.31
CA SER A 101 -18.53 -2.93 11.53
C SER A 101 -18.87 -1.74 12.40
N GLY A 1 -19.74 3.60 14.81
CA GLY A 1 -18.32 3.92 14.52
C GLY A 1 -17.60 2.77 13.84
N ILE A 2 -17.12 1.82 14.64
CA ILE A 2 -16.42 0.66 14.11
C ILE A 2 -16.72 -0.60 14.92
N PRO A 3 -16.87 -1.75 14.24
CA PRO A 3 -17.16 -3.02 14.92
C PRO A 3 -16.15 -3.34 16.01
N GLU A 4 -14.92 -2.90 15.82
CA GLU A 4 -13.85 -3.14 16.79
C GLU A 4 -14.18 -2.48 18.13
N PHE A 5 -13.64 -3.02 19.21
CA PHE A 5 -13.86 -2.49 20.54
C PHE A 5 -13.05 -3.25 21.58
N LYS A 6 -13.39 -4.52 21.76
CA LYS A 6 -12.69 -5.36 22.73
C LYS A 6 -11.67 -6.26 22.04
N GLN A 7 -12.16 -7.15 21.18
CA GLN A 7 -11.29 -8.08 20.46
C GLN A 7 -11.63 -8.07 18.97
N LYS A 8 -10.95 -8.93 18.21
CA LYS A 8 -11.18 -9.03 16.77
C LYS A 8 -12.11 -10.19 16.45
N ALA A 9 -12.34 -10.42 15.17
CA ALA A 9 -13.22 -11.50 14.72
C ALA A 9 -12.42 -12.61 14.05
N LEU A 10 -11.24 -12.88 14.60
CA LEU A 10 -10.37 -13.93 14.06
C LEU A 10 -9.38 -14.41 15.11
N VAL A 11 -9.29 -15.73 15.28
CA VAL A 11 -8.38 -16.32 16.26
C VAL A 11 -7.43 -17.31 15.59
N ALA A 12 -6.98 -16.97 14.39
CA ALA A 12 -6.06 -17.83 13.65
C ALA A 12 -4.99 -17.01 12.93
N LYS A 13 -4.09 -17.69 12.23
CA LYS A 13 -3.02 -17.03 11.51
C LYS A 13 -2.11 -16.26 12.46
N VAL A 14 -0.83 -16.17 12.10
CA VAL A 14 0.14 -15.46 12.93
C VAL A 14 1.04 -14.58 12.08
N SER A 15 1.53 -15.12 10.97
CA SER A 15 2.40 -14.38 10.07
C SER A 15 1.62 -13.84 8.87
N GLN A 16 0.35 -13.53 9.10
CA GLN A 16 -0.51 -13.01 8.03
C GLN A 16 -0.15 -11.56 7.70
N ARG A 17 0.27 -10.82 8.73
CA ARG A 17 0.64 -9.42 8.55
C ARG A 17 1.95 -9.30 7.77
N GLU A 18 2.88 -10.20 8.05
CA GLU A 18 4.18 -10.19 7.38
C GLU A 18 4.02 -10.43 5.88
N GLU A 19 3.04 -11.25 5.52
CA GLU A 19 2.78 -11.56 4.12
C GLU A 19 2.13 -10.37 3.41
N MET A 20 1.35 -9.61 4.16
CA MET A 20 0.68 -8.43 3.61
C MET A 20 1.67 -7.44 3.05
N VAL A 21 2.60 -6.98 3.89
CA VAL A 21 3.61 -6.02 3.46
C VAL A 21 4.44 -6.56 2.31
N LYS A 22 4.69 -7.87 2.32
CA LYS A 22 5.47 -8.51 1.28
C LYS A 22 4.76 -8.42 -0.06
N LYS A 23 3.57 -9.01 -0.14
CA LYS A 23 2.78 -8.98 -1.35
C LYS A 23 2.56 -7.55 -1.84
N CYS A 24 2.56 -6.61 -0.89
CA CYS A 24 2.39 -5.20 -1.21
C CYS A 24 3.54 -4.70 -2.07
N LEU A 25 4.76 -5.07 -1.69
CA LEU A 25 5.95 -4.67 -2.42
C LEU A 25 5.85 -5.11 -3.88
N GLY A 26 5.28 -6.29 -4.09
CA GLY A 26 5.12 -6.80 -5.45
C GLY A 26 3.99 -6.13 -6.21
N GLU A 27 2.88 -5.90 -5.52
CA GLU A 27 1.72 -5.27 -6.15
C GLU A 27 2.06 -3.85 -6.60
N LEU A 28 2.56 -3.05 -5.68
CA LEU A 28 2.92 -1.66 -6.01
C LEU A 28 3.94 -1.61 -7.14
N THR A 29 4.75 -2.66 -7.26
CA THR A 29 5.75 -2.72 -8.32
C THR A 29 5.08 -2.68 -9.68
N GLU A 30 4.00 -3.43 -9.83
CA GLU A 30 3.26 -3.49 -11.07
C GLU A 30 2.72 -2.11 -11.45
N VAL A 31 1.91 -1.53 -10.56
CA VAL A 31 1.34 -0.21 -10.80
C VAL A 31 2.43 0.81 -11.11
N CYS A 32 3.56 0.69 -10.42
CA CYS A 32 4.68 1.59 -10.62
C CYS A 32 5.15 1.56 -12.07
N LYS A 33 5.36 0.36 -12.60
CA LYS A 33 5.81 0.19 -13.97
C LYS A 33 4.76 0.70 -14.96
N SER A 34 3.50 0.33 -14.71
CA SER A 34 2.40 0.76 -15.57
C SER A 34 2.35 2.28 -15.69
N LEU A 35 2.72 2.96 -14.61
CA LEU A 35 2.72 4.42 -14.60
C LEU A 35 3.88 4.98 -15.42
N GLY A 36 4.93 4.17 -15.58
CA GLY A 36 6.08 4.61 -16.34
C GLY A 36 5.83 4.63 -17.83
N LYS A 37 5.21 3.58 -18.35
CA LYS A 37 4.91 3.48 -19.77
C LYS A 37 3.92 4.57 -20.21
N VAL A 38 3.16 5.08 -19.26
CA VAL A 38 2.17 6.11 -19.55
C VAL A 38 2.75 7.52 -19.37
N PHE A 39 3.63 7.67 -18.39
CA PHE A 39 4.24 8.95 -18.11
C PHE A 39 5.66 9.02 -18.68
N GLY A 40 5.97 8.13 -19.61
CA GLY A 40 7.29 8.11 -20.23
C GLY A 40 8.42 8.12 -19.21
N VAL A 41 8.14 7.64 -18.00
CA VAL A 41 9.15 7.60 -16.96
C VAL A 41 9.54 6.16 -16.62
N HIS A 42 10.78 5.96 -16.19
CA HIS A 42 11.28 4.64 -15.84
C HIS A 42 10.65 4.14 -14.55
N TYR A 43 10.73 2.84 -14.32
CA TYR A 43 10.19 2.22 -13.11
C TYR A 43 10.75 2.89 -11.86
N PHE A 44 12.07 2.96 -11.77
CA PHE A 44 12.72 3.58 -10.61
C PHE A 44 12.30 5.04 -10.46
N ASN A 45 11.89 5.65 -11.57
CA ASN A 45 11.46 7.05 -11.55
C ASN A 45 10.28 7.24 -10.59
N ILE A 46 9.33 6.31 -10.64
CA ILE A 46 8.16 6.39 -9.77
C ILE A 46 8.56 6.36 -8.30
N PHE A 47 9.07 5.23 -7.85
CA PHE A 47 9.49 5.07 -6.47
C PHE A 47 10.82 4.33 -6.38
N ASN A 48 11.31 4.13 -5.17
CA ASN A 48 12.57 3.42 -4.94
C ASN A 48 12.34 2.16 -4.13
N THR A 49 13.34 1.28 -4.12
CA THR A 49 13.25 0.02 -3.39
C THR A 49 12.91 0.27 -1.92
N VAL A 50 13.53 1.28 -1.33
CA VAL A 50 13.29 1.62 0.07
C VAL A 50 11.92 2.27 0.25
N THR A 51 11.43 2.91 -0.80
CA THR A 51 10.14 3.58 -0.75
C THR A 51 8.99 2.57 -0.78
N LEU A 52 9.07 1.63 -1.72
CA LEU A 52 8.04 0.60 -1.84
C LEU A 52 7.87 -0.18 -0.55
N LYS A 53 8.99 -0.57 0.05
CA LYS A 53 8.97 -1.33 1.29
C LYS A 53 8.28 -0.53 2.40
N LYS A 54 8.38 0.80 2.31
CA LYS A 54 7.77 1.67 3.30
C LYS A 54 6.25 1.53 3.30
N LEU A 55 5.65 1.76 2.14
CA LEU A 55 4.20 1.64 2.00
C LEU A 55 3.71 0.25 2.39
N ALA A 56 4.60 -0.73 2.27
CA ALA A 56 4.24 -2.11 2.61
C ALA A 56 4.33 -2.34 4.12
N GLU A 57 5.47 -1.94 4.71
CA GLU A 57 5.67 -2.11 6.14
C GLU A 57 4.47 -1.59 6.93
N SER A 58 3.77 -0.61 6.36
CA SER A 58 2.59 -0.03 7.00
C SER A 58 1.32 -0.73 6.53
N LEU A 59 1.22 -0.97 5.22
CA LEU A 59 0.06 -1.63 4.64
C LEU A 59 -1.19 -0.77 4.78
N SER A 60 -1.07 0.50 4.39
CA SER A 60 -2.20 1.44 4.46
C SER A 60 -2.24 2.33 3.22
N SER A 61 -3.44 2.73 2.83
CA SER A 61 -3.61 3.58 1.65
C SER A 61 -3.87 5.02 2.06
N ASP A 62 -2.80 5.77 2.32
CA ASP A 62 -2.90 7.17 2.70
C ASP A 62 -2.07 8.06 1.79
N PRO A 63 -2.43 9.35 1.66
CA PRO A 63 -1.73 10.29 0.81
C PRO A 63 -0.59 11.01 1.54
N GLU A 64 -0.90 11.58 2.71
CA GLU A 64 0.10 12.30 3.50
C GLU A 64 1.15 11.32 4.08
N VAL A 65 0.68 10.17 4.53
CA VAL A 65 1.57 9.16 5.10
C VAL A 65 2.71 8.85 4.15
N LEU A 66 2.46 9.05 2.86
CA LEU A 66 3.46 8.79 1.82
C LEU A 66 4.37 10.00 1.63
N LEU A 67 3.83 11.19 1.88
CA LEU A 67 4.60 12.42 1.73
C LEU A 67 5.86 12.35 2.58
N GLN A 68 5.75 11.71 3.74
CA GLN A 68 6.88 11.57 4.65
C GLN A 68 7.81 10.44 4.20
N ILE A 69 7.28 9.53 3.39
CA ILE A 69 8.07 8.41 2.88
C ILE A 69 9.21 8.88 1.99
N ASP A 70 10.39 8.33 2.21
CA ASP A 70 11.57 8.72 1.44
C ASP A 70 11.41 8.31 -0.03
N GLY A 71 11.38 9.30 -0.91
CA GLY A 71 11.23 9.03 -2.33
C GLY A 71 9.92 9.53 -2.89
N VAL A 72 8.91 9.62 -2.03
CA VAL A 72 7.59 10.09 -2.45
C VAL A 72 7.40 11.56 -2.11
N THR A 73 7.12 12.36 -3.13
CA THR A 73 6.91 13.80 -2.93
C THR A 73 5.46 14.17 -3.22
N GLU A 74 5.16 15.46 -3.12
CA GLU A 74 3.81 15.95 -3.35
C GLU A 74 3.40 15.76 -4.82
N ASP A 75 4.39 15.80 -5.71
CA ASP A 75 4.13 15.63 -7.13
C ASP A 75 3.93 14.15 -7.48
N LYS A 76 4.65 13.28 -6.79
CA LYS A 76 4.54 11.85 -7.02
C LYS A 76 3.20 11.30 -6.52
N LEU A 77 2.74 11.85 -5.39
CA LEU A 77 1.48 11.42 -4.80
C LEU A 77 0.29 12.12 -5.46
N GLU A 78 0.57 13.14 -6.25
CA GLU A 78 -0.48 13.88 -6.94
C GLU A 78 -0.76 13.29 -8.32
N LYS A 79 0.29 12.77 -8.94
CA LYS A 79 0.17 12.17 -10.27
C LYS A 79 0.00 10.65 -10.19
N TYR A 80 0.86 10.01 -9.40
CA TYR A 80 0.82 8.56 -9.24
C TYR A 80 -0.14 8.15 -8.13
N GLY A 81 -0.39 9.05 -7.19
CA GLY A 81 -1.29 8.75 -6.08
C GLY A 81 -2.60 8.12 -6.53
N ALA A 82 -3.00 8.41 -7.76
CA ALA A 82 -4.24 7.88 -8.31
C ALA A 82 -4.09 6.41 -8.68
N GLU A 83 -2.85 5.99 -8.97
CA GLU A 83 -2.57 4.62 -9.34
C GLU A 83 -2.10 3.80 -8.14
N VAL A 84 -1.01 4.24 -7.52
CA VAL A 84 -0.46 3.55 -6.36
C VAL A 84 -1.54 3.24 -5.32
N ILE A 85 -2.26 4.27 -4.90
CA ILE A 85 -3.31 4.10 -3.91
C ILE A 85 -4.39 3.15 -4.41
N SER A 86 -4.53 3.06 -5.73
CA SER A 86 -5.53 2.17 -6.32
C SER A 86 -5.27 0.73 -5.91
N VAL A 87 -3.99 0.39 -5.74
CA VAL A 87 -3.60 -0.96 -5.35
C VAL A 87 -3.49 -1.08 -3.83
N LEU A 88 -3.37 0.05 -3.14
CA LEU A 88 -3.25 0.06 -1.68
C LEU A 88 -4.62 0.03 -1.00
N GLN A 89 -5.66 0.44 -1.73
CA GLN A 89 -7.01 0.46 -1.18
C GLN A 89 -7.37 -0.89 -0.56
N LYS A 90 -6.82 -1.96 -1.14
CA LYS A 90 -7.08 -3.31 -0.63
C LYS A 90 -6.47 -3.51 0.74
N TYR A 91 -5.35 -2.82 0.99
CA TYR A 91 -4.66 -2.92 2.27
C TYR A 91 -5.49 -2.33 3.40
N SER A 92 -5.93 -1.09 3.21
CA SER A 92 -6.73 -0.40 4.23
C SER A 92 -7.96 -1.23 4.59
N GLU A 93 -8.45 -2.01 3.64
CA GLU A 93 -9.62 -2.85 3.87
C GLU A 93 -9.27 -4.05 4.74
N TRP A 94 -8.00 -4.48 4.67
CA TRP A 94 -7.54 -5.61 5.45
C TRP A 94 -6.80 -5.16 6.72
N THR A 95 -6.41 -3.89 6.74
CA THR A 95 -5.69 -3.34 7.88
C THR A 95 -6.58 -3.29 9.12
N SER A 96 -7.89 -3.13 8.89
CA SER A 96 -8.85 -3.08 9.98
C SER A 96 -9.26 -4.48 10.42
N PRO A 97 -8.98 -4.85 11.68
CA PRO A 97 -9.33 -6.18 12.21
C PRO A 97 -10.83 -6.33 12.48
N ALA A 98 -11.57 -5.24 12.34
CA ALA A 98 -13.00 -5.25 12.57
C ALA A 98 -13.77 -5.32 11.25
N GLU A 99 -13.47 -4.39 10.35
CA GLU A 99 -14.13 -4.35 9.05
C GLU A 99 -13.26 -4.98 7.97
N ASP A 100 -13.58 -6.22 7.61
CA ASP A 100 -12.82 -6.94 6.59
C ASP A 100 -13.61 -7.00 5.28
N SER A 101 -14.80 -7.59 5.33
CA SER A 101 -15.64 -7.72 4.15
C SER A 101 -14.93 -8.51 3.06
N GLY A 1 -30.41 -10.78 6.53
CA GLY A 1 -29.36 -11.73 6.98
C GLY A 1 -29.68 -12.35 8.33
N ILE A 2 -30.47 -13.41 8.33
CA ILE A 2 -30.85 -14.08 9.56
C ILE A 2 -29.77 -15.09 10.01
N PRO A 3 -29.26 -15.91 9.07
CA PRO A 3 -28.23 -16.89 9.39
C PRO A 3 -26.96 -16.26 9.96
N GLU A 4 -26.49 -16.79 11.08
CA GLU A 4 -25.29 -16.25 11.72
C GLU A 4 -24.39 -17.39 12.21
N PHE A 5 -23.36 -17.70 11.43
CA PHE A 5 -22.43 -18.75 11.78
C PHE A 5 -20.99 -18.24 11.79
N LYS A 6 -20.83 -16.96 12.09
CA LYS A 6 -19.52 -16.34 12.13
C LYS A 6 -19.62 -14.86 12.53
N GLN A 7 -18.57 -14.35 13.14
CA GLN A 7 -18.53 -12.96 13.58
C GLN A 7 -17.12 -12.38 13.47
N LYS A 8 -16.17 -13.05 14.10
CA LYS A 8 -14.78 -12.62 14.08
C LYS A 8 -13.83 -13.78 14.36
N ALA A 9 -13.05 -14.16 13.36
CA ALA A 9 -12.11 -15.25 13.49
C ALA A 9 -10.73 -14.87 12.94
N LEU A 10 -9.68 -15.23 13.67
CA LEU A 10 -8.32 -14.93 13.25
C LEU A 10 -7.60 -16.20 12.81
N VAL A 11 -7.19 -16.23 11.55
CA VAL A 11 -6.49 -17.39 11.00
C VAL A 11 -5.10 -17.52 11.61
N ALA A 12 -4.23 -16.57 11.30
CA ALA A 12 -2.87 -16.57 11.81
C ALA A 12 -2.12 -17.83 11.40
N LYS A 13 -2.30 -18.23 10.14
CA LYS A 13 -1.65 -19.42 9.62
C LYS A 13 -0.13 -19.30 9.71
N VAL A 14 0.44 -18.40 8.92
CA VAL A 14 1.88 -18.19 8.92
C VAL A 14 2.22 -16.71 8.73
N SER A 15 2.05 -15.93 9.78
CA SER A 15 2.34 -14.50 9.73
C SER A 15 1.50 -13.81 8.65
N GLN A 16 0.27 -13.45 9.00
CA GLN A 16 -0.63 -12.78 8.08
C GLN A 16 -0.22 -11.34 7.86
N ARG A 17 0.34 -10.73 8.90
CA ARG A 17 0.78 -9.33 8.82
C ARG A 17 2.00 -9.19 7.91
N GLU A 18 2.89 -10.18 7.96
CA GLU A 18 4.10 -10.17 7.14
C GLU A 18 3.77 -10.49 5.67
N GLU A 19 2.71 -11.27 5.47
CA GLU A 19 2.29 -11.65 4.13
C GLU A 19 1.58 -10.49 3.42
N MET A 20 1.06 -9.56 4.20
CA MET A 20 0.36 -8.41 3.65
C MET A 20 1.32 -7.31 3.24
N VAL A 21 2.43 -7.19 3.97
CA VAL A 21 3.43 -6.16 3.68
C VAL A 21 4.24 -6.50 2.42
N LYS A 22 4.70 -7.75 2.34
CA LYS A 22 5.48 -8.17 1.19
C LYS A 22 4.63 -8.16 -0.07
N LYS A 23 3.38 -8.58 0.05
CA LYS A 23 2.46 -8.60 -1.09
C LYS A 23 2.32 -7.20 -1.68
N CYS A 24 2.44 -6.19 -0.82
CA CYS A 24 2.33 -4.80 -1.26
C CYS A 24 3.53 -4.42 -2.11
N LEU A 25 4.70 -4.97 -1.77
CA LEU A 25 5.91 -4.66 -2.52
C LEU A 25 5.78 -5.08 -3.98
N GLY A 26 5.15 -6.23 -4.21
CA GLY A 26 4.97 -6.72 -5.57
C GLY A 26 3.84 -6.01 -6.29
N GLU A 27 2.74 -5.80 -5.59
CA GLU A 27 1.58 -5.12 -6.17
C GLU A 27 1.94 -3.71 -6.61
N LEU A 28 2.54 -2.94 -5.70
CA LEU A 28 2.93 -1.58 -5.99
C LEU A 28 3.91 -1.52 -7.16
N THR A 29 4.66 -2.60 -7.34
CA THR A 29 5.62 -2.67 -8.44
C THR A 29 4.91 -2.58 -9.79
N GLU A 30 3.81 -3.32 -9.91
CA GLU A 30 3.03 -3.33 -11.14
C GLU A 30 2.51 -1.93 -11.46
N VAL A 31 1.75 -1.36 -10.53
CA VAL A 31 1.19 -0.03 -10.73
C VAL A 31 2.27 0.98 -11.14
N CYS A 32 3.42 0.89 -10.48
CA CYS A 32 4.54 1.78 -10.78
C CYS A 32 4.98 1.63 -12.23
N LYS A 33 5.20 0.39 -12.66
CA LYS A 33 5.62 0.11 -14.02
C LYS A 33 4.60 0.63 -15.02
N SER A 34 3.33 0.27 -14.83
CA SER A 34 2.26 0.69 -15.72
C SER A 34 2.22 2.21 -15.83
N LEU A 35 2.63 2.89 -14.77
CA LEU A 35 2.63 4.34 -14.74
C LEU A 35 3.81 4.89 -15.56
N GLY A 36 4.86 4.09 -15.68
CA GLY A 36 6.03 4.51 -16.43
C GLY A 36 5.87 4.32 -17.92
N LYS A 37 5.09 3.32 -18.31
CA LYS A 37 4.86 3.04 -19.72
C LYS A 37 3.88 4.05 -20.33
N VAL A 38 3.01 4.60 -19.49
CA VAL A 38 2.01 5.57 -19.93
C VAL A 38 2.59 6.99 -19.91
N PHE A 39 3.46 7.25 -18.94
CA PHE A 39 4.07 8.57 -18.82
C PHE A 39 5.41 8.62 -19.53
N GLY A 40 6.06 7.46 -19.66
CA GLY A 40 7.34 7.41 -20.33
C GLY A 40 8.52 7.51 -19.37
N VAL A 41 8.29 7.11 -18.12
CA VAL A 41 9.33 7.15 -17.11
C VAL A 41 9.75 5.75 -16.68
N HIS A 42 10.94 5.63 -16.12
CA HIS A 42 11.46 4.34 -15.67
C HIS A 42 10.71 3.85 -14.43
N TYR A 43 10.82 2.56 -14.16
CA TYR A 43 10.16 1.95 -13.01
C TYR A 43 10.65 2.58 -11.70
N PHE A 44 11.93 2.95 -11.68
CA PHE A 44 12.52 3.56 -10.50
C PHE A 44 12.11 5.02 -10.36
N ASN A 45 11.83 5.66 -11.50
CA ASN A 45 11.41 7.05 -11.50
C ASN A 45 10.16 7.26 -10.66
N ILE A 46 9.32 6.24 -10.61
CA ILE A 46 8.08 6.30 -9.83
C ILE A 46 8.37 6.30 -8.34
N PHE A 47 8.88 5.18 -7.84
CA PHE A 47 9.21 5.04 -6.43
C PHE A 47 10.53 4.31 -6.26
N ASN A 48 11.23 4.62 -5.16
CA ASN A 48 12.52 3.99 -4.88
C ASN A 48 12.34 2.78 -3.97
N THR A 49 13.36 1.95 -3.88
CA THR A 49 13.32 0.75 -3.03
C THR A 49 12.89 1.10 -1.62
N VAL A 50 13.29 2.28 -1.14
CA VAL A 50 12.94 2.73 0.19
C VAL A 50 11.45 3.06 0.30
N THR A 51 10.86 3.46 -0.83
CA THR A 51 9.45 3.81 -0.87
C THR A 51 8.57 2.56 -0.76
N LEU A 52 8.75 1.65 -1.70
CA LEU A 52 7.97 0.41 -1.72
C LEU A 52 8.01 -0.29 -0.36
N LYS A 53 9.20 -0.41 0.20
CA LYS A 53 9.37 -1.06 1.50
C LYS A 53 8.59 -0.31 2.58
N LYS A 54 8.53 1.01 2.45
CA LYS A 54 7.80 1.83 3.40
C LYS A 54 6.29 1.57 3.31
N LEU A 55 5.74 1.75 2.12
CA LEU A 55 4.32 1.53 1.90
C LEU A 55 3.93 0.07 2.20
N ALA A 56 4.92 -0.81 2.22
CA ALA A 56 4.66 -2.21 2.49
C ALA A 56 4.63 -2.50 3.99
N GLU A 57 5.70 -2.11 4.68
CA GLU A 57 5.79 -2.32 6.13
C GLU A 57 4.56 -1.77 6.85
N SER A 58 3.96 -0.73 6.27
CA SER A 58 2.78 -0.10 6.86
C SER A 58 1.51 -0.78 6.35
N LEU A 59 1.37 -0.86 5.04
CA LEU A 59 0.21 -1.49 4.41
C LEU A 59 -1.05 -0.66 4.69
N SER A 60 -0.98 0.63 4.37
CA SER A 60 -2.11 1.53 4.57
C SER A 60 -2.25 2.49 3.39
N SER A 61 -3.47 2.67 2.92
CA SER A 61 -3.72 3.56 1.79
C SER A 61 -4.00 4.98 2.26
N ASP A 62 -2.93 5.74 2.48
CA ASP A 62 -3.04 7.12 2.93
C ASP A 62 -2.27 8.06 2.01
N PRO A 63 -2.67 9.34 1.94
CA PRO A 63 -2.02 10.33 1.09
C PRO A 63 -0.85 11.03 1.77
N GLU A 64 -1.08 11.49 3.00
CA GLU A 64 -0.04 12.18 3.77
C GLU A 64 1.02 11.20 4.25
N VAL A 65 0.57 10.03 4.70
CA VAL A 65 1.48 9.00 5.18
C VAL A 65 2.56 8.68 4.16
N LEU A 66 2.24 8.92 2.88
CA LEU A 66 3.17 8.64 1.80
C LEU A 66 4.13 9.81 1.61
N LEU A 67 3.66 11.01 1.90
CA LEU A 67 4.49 12.21 1.76
C LEU A 67 5.74 12.12 2.62
N GLN A 68 5.59 11.53 3.81
CA GLN A 68 6.71 11.39 4.74
C GLN A 68 7.65 10.27 4.29
N ILE A 69 7.17 9.38 3.42
CA ILE A 69 7.98 8.28 2.93
C ILE A 69 9.16 8.79 2.12
N ASP A 70 10.33 8.19 2.33
CA ASP A 70 11.54 8.58 1.62
C ASP A 70 11.40 8.34 0.12
N GLY A 71 11.69 9.37 -0.67
CA GLY A 71 11.60 9.25 -2.11
C GLY A 71 10.26 9.75 -2.64
N VAL A 72 9.22 9.67 -1.81
CA VAL A 72 7.90 10.12 -2.22
C VAL A 72 7.73 11.62 -1.95
N THR A 73 7.20 12.33 -2.95
CA THR A 73 6.99 13.77 -2.83
C THR A 73 5.56 14.14 -3.21
N GLU A 74 5.26 15.43 -3.18
CA GLU A 74 3.93 15.92 -3.51
C GLU A 74 3.59 15.62 -4.97
N ASP A 75 4.61 15.61 -5.82
CA ASP A 75 4.42 15.34 -7.25
C ASP A 75 4.16 13.85 -7.48
N LYS A 76 4.83 13.00 -6.70
CA LYS A 76 4.67 11.56 -6.83
C LYS A 76 3.32 11.11 -6.26
N LEU A 77 2.85 11.81 -5.24
CA LEU A 77 1.58 11.48 -4.61
C LEU A 77 0.41 12.17 -5.34
N GLU A 78 0.71 13.21 -6.10
CA GLU A 78 -0.32 13.94 -6.84
C GLU A 78 -0.49 13.36 -8.24
N LYS A 79 0.59 12.82 -8.79
CA LYS A 79 0.54 12.24 -10.14
C LYS A 79 0.33 10.74 -10.09
N TYR A 80 1.23 10.03 -9.41
CA TYR A 80 1.14 8.58 -9.29
C TYR A 80 0.21 8.17 -8.15
N GLY A 81 -0.26 9.14 -7.37
CA GLY A 81 -1.16 8.84 -6.27
C GLY A 81 -2.41 8.13 -6.72
N ALA A 82 -3.05 8.65 -7.76
CA ALA A 82 -4.28 8.06 -8.29
C ALA A 82 -4.11 6.58 -8.62
N GLU A 83 -2.87 6.18 -8.92
CA GLU A 83 -2.58 4.79 -9.26
C GLU A 83 -2.08 4.01 -8.05
N VAL A 84 -0.95 4.44 -7.49
CA VAL A 84 -0.37 3.76 -6.33
C VAL A 84 -1.43 3.50 -5.25
N ILE A 85 -2.24 4.51 -4.98
CA ILE A 85 -3.29 4.40 -3.97
C ILE A 85 -4.35 3.40 -4.39
N SER A 86 -4.55 3.27 -5.70
CA SER A 86 -5.54 2.34 -6.23
C SER A 86 -5.26 0.92 -5.75
N VAL A 87 -3.96 0.62 -5.57
CA VAL A 87 -3.54 -0.70 -5.12
C VAL A 87 -3.45 -0.75 -3.59
N LEU A 88 -3.31 0.41 -2.97
CA LEU A 88 -3.20 0.49 -1.51
C LEU A 88 -4.57 0.36 -0.85
N GLN A 89 -5.61 0.78 -1.55
CA GLN A 89 -6.97 0.72 -1.02
C GLN A 89 -7.27 -0.67 -0.46
N LYS A 90 -6.60 -1.68 -1.03
CA LYS A 90 -6.80 -3.06 -0.60
C LYS A 90 -6.17 -3.30 0.77
N TYR A 91 -5.10 -2.57 1.06
CA TYR A 91 -4.40 -2.71 2.34
C TYR A 91 -5.21 -2.10 3.48
N SER A 92 -5.74 -0.91 3.24
CA SER A 92 -6.53 -0.22 4.26
C SER A 92 -7.79 -1.00 4.62
N GLU A 93 -8.25 -1.84 3.71
CA GLU A 93 -9.45 -2.64 3.95
C GLU A 93 -9.11 -4.03 4.46
N TRP A 94 -7.92 -4.51 4.11
CA TRP A 94 -7.49 -5.84 4.53
C TRP A 94 -6.57 -5.76 5.76
N THR A 95 -6.18 -4.55 6.14
CA THR A 95 -5.30 -4.36 7.29
C THR A 95 -6.01 -4.75 8.59
N SER A 96 -7.27 -4.35 8.71
CA SER A 96 -8.06 -4.65 9.90
C SER A 96 -9.10 -5.73 9.61
N PRO A 97 -9.22 -6.74 10.49
CA PRO A 97 -10.19 -7.83 10.32
C PRO A 97 -11.61 -7.39 10.63
N ALA A 98 -12.51 -8.36 10.76
CA ALA A 98 -13.92 -8.08 11.05
C ALA A 98 -14.56 -7.28 9.93
N GLU A 99 -15.62 -7.83 9.36
CA GLU A 99 -16.34 -7.17 8.28
C GLU A 99 -17.38 -6.19 8.82
N ASP A 100 -17.53 -5.06 8.14
CA ASP A 100 -18.48 -4.04 8.55
C ASP A 100 -18.81 -3.08 7.40
N SER A 101 -19.98 -2.49 7.46
CA SER A 101 -20.41 -1.55 6.43
C SER A 101 -21.04 -0.30 7.04
N GLY A 1 -10.97 9.50 20.17
CA GLY A 1 -10.06 9.49 19.00
C GLY A 1 -10.36 8.34 18.04
N ILE A 2 -10.38 7.13 18.58
CA ILE A 2 -10.66 5.94 17.77
C ILE A 2 -11.65 5.01 18.48
N PRO A 3 -12.89 5.49 18.69
CA PRO A 3 -13.93 4.71 19.36
C PRO A 3 -14.14 3.34 18.69
N GLU A 4 -14.50 3.37 17.42
CA GLU A 4 -14.73 2.14 16.67
C GLU A 4 -13.52 1.79 15.81
N PHE A 5 -13.00 0.58 16.00
CA PHE A 5 -11.85 0.13 15.23
C PHE A 5 -11.50 -1.31 15.60
N LYS A 6 -11.58 -1.63 16.88
CA LYS A 6 -11.27 -2.98 17.35
C LYS A 6 -12.50 -3.64 17.95
N GLN A 7 -13.12 -4.54 17.18
CA GLN A 7 -14.31 -5.24 17.64
C GLN A 7 -14.12 -6.76 17.52
N LYS A 8 -14.97 -7.50 18.23
CA LYS A 8 -14.89 -8.96 18.22
C LYS A 8 -15.37 -9.52 16.88
N ALA A 9 -14.55 -10.35 16.26
CA ALA A 9 -14.88 -10.95 14.97
C ALA A 9 -13.98 -12.16 14.68
N LEU A 10 -12.70 -11.89 14.47
CA LEU A 10 -11.74 -12.95 14.18
C LEU A 10 -10.47 -12.76 15.00
N VAL A 11 -9.65 -13.81 15.04
CA VAL A 11 -8.39 -13.76 15.78
C VAL A 11 -7.21 -14.15 14.91
N ALA A 12 -6.07 -13.50 15.13
CA ALA A 12 -4.87 -13.78 14.35
C ALA A 12 -3.95 -14.75 15.08
N LYS A 13 -3.70 -15.90 14.47
CA LYS A 13 -2.84 -16.92 15.06
C LYS A 13 -1.44 -16.86 14.48
N VAL A 14 -1.34 -16.45 13.21
CA VAL A 14 -0.06 -16.35 12.53
C VAL A 14 0.21 -14.92 12.06
N SER A 15 1.47 -14.60 11.85
CA SER A 15 1.85 -13.26 11.41
C SER A 15 1.33 -12.99 9.99
N GLN A 16 0.09 -12.55 9.91
CA GLN A 16 -0.54 -12.26 8.62
C GLN A 16 -0.01 -10.95 8.04
N ARG A 17 0.32 -10.01 8.94
CA ARG A 17 0.84 -8.71 8.52
C ARG A 17 2.13 -8.86 7.73
N GLU A 18 2.87 -9.92 8.01
CA GLU A 18 4.13 -10.18 7.32
C GLU A 18 3.89 -10.45 5.84
N GLU A 19 2.89 -11.27 5.54
CA GLU A 19 2.56 -11.62 4.16
C GLU A 19 1.82 -10.47 3.48
N MET A 20 1.15 -9.64 4.28
CA MET A 20 0.39 -8.52 3.76
C MET A 20 1.32 -7.43 3.22
N VAL A 21 2.37 -7.12 3.99
CA VAL A 21 3.32 -6.09 3.59
C VAL A 21 4.12 -6.52 2.36
N LYS A 22 4.48 -7.80 2.31
CA LYS A 22 5.24 -8.34 1.19
C LYS A 22 4.46 -8.23 -0.11
N LYS A 23 3.23 -8.71 -0.09
CA LYS A 23 2.37 -8.68 -1.27
C LYS A 23 2.25 -7.25 -1.82
N CYS A 24 2.40 -6.26 -0.95
CA CYS A 24 2.31 -4.87 -1.35
C CYS A 24 3.51 -4.46 -2.20
N LEU A 25 4.69 -4.96 -1.83
CA LEU A 25 5.91 -4.64 -2.56
C LEU A 25 5.81 -5.11 -4.00
N GLY A 26 5.19 -6.28 -4.20
CA GLY A 26 5.03 -6.81 -5.54
C GLY A 26 3.93 -6.13 -6.33
N GLU A 27 2.76 -6.00 -5.72
CA GLU A 27 1.62 -5.37 -6.37
C GLU A 27 1.95 -3.93 -6.79
N LEU A 28 2.55 -3.18 -5.86
CA LEU A 28 2.92 -1.80 -6.13
C LEU A 28 3.91 -1.71 -7.28
N THR A 29 4.73 -2.74 -7.44
CA THR A 29 5.73 -2.76 -8.51
C THR A 29 5.03 -2.69 -9.87
N GLU A 30 3.96 -3.46 -10.03
CA GLU A 30 3.21 -3.47 -11.27
C GLU A 30 2.67 -2.09 -11.59
N VAL A 31 1.84 -1.55 -10.70
CA VAL A 31 1.26 -0.23 -10.88
C VAL A 31 2.33 0.81 -11.18
N CYS A 32 3.47 0.68 -10.51
CA CYS A 32 4.59 1.60 -10.70
C CYS A 32 5.03 1.63 -12.16
N LYS A 33 5.33 0.45 -12.70
CA LYS A 33 5.76 0.33 -14.08
C LYS A 33 4.69 0.85 -15.04
N SER A 34 3.45 0.43 -14.80
CA SER A 34 2.33 0.85 -15.64
C SER A 34 2.25 2.38 -15.72
N LEU A 35 2.69 3.03 -14.65
CA LEU A 35 2.68 4.49 -14.60
C LEU A 35 3.87 5.09 -15.33
N GLY A 36 4.91 4.29 -15.52
CA GLY A 36 6.09 4.76 -16.21
C GLY A 36 5.98 4.65 -17.72
N LYS A 37 5.35 3.58 -18.19
CA LYS A 37 5.17 3.38 -19.62
C LYS A 37 4.12 4.32 -20.19
N VAL A 38 3.26 4.83 -19.33
CA VAL A 38 2.20 5.75 -19.76
C VAL A 38 2.67 7.20 -19.67
N PHE A 39 3.53 7.50 -18.71
CA PHE A 39 4.04 8.84 -18.51
C PHE A 39 5.40 9.01 -19.20
N GLY A 40 6.10 7.90 -19.42
CA GLY A 40 7.40 7.96 -20.07
C GLY A 40 8.54 8.00 -19.07
N VAL A 41 8.29 7.51 -17.87
CA VAL A 41 9.31 7.49 -16.82
C VAL A 41 9.69 6.06 -16.46
N HIS A 42 10.94 5.86 -16.05
CA HIS A 42 11.42 4.53 -15.67
C HIS A 42 10.71 4.03 -14.42
N TYR A 43 10.78 2.73 -14.19
CA TYR A 43 10.16 2.11 -13.03
C TYR A 43 10.66 2.74 -11.73
N PHE A 44 11.98 2.78 -11.58
CA PHE A 44 12.59 3.37 -10.38
C PHE A 44 12.20 4.83 -10.23
N ASN A 45 11.88 5.48 -11.36
CA ASN A 45 11.50 6.89 -11.35
C ASN A 45 10.28 7.11 -10.45
N ILE A 46 9.36 6.14 -10.45
CA ILE A 46 8.16 6.25 -9.63
C ILE A 46 8.50 6.20 -8.15
N PHE A 47 8.98 5.06 -7.68
CA PHE A 47 9.34 4.89 -6.28
C PHE A 47 10.66 4.14 -6.16
N ASN A 48 11.47 4.52 -5.17
CA ASN A 48 12.75 3.87 -4.93
C ASN A 48 12.57 2.58 -4.14
N THR A 49 13.62 1.75 -4.13
CA THR A 49 13.58 0.48 -3.40
C THR A 49 13.11 0.68 -1.96
N VAL A 50 13.70 1.67 -1.30
CA VAL A 50 13.35 1.98 0.09
C VAL A 50 11.95 2.59 0.18
N THR A 51 11.48 3.16 -0.92
CA THR A 51 10.16 3.78 -0.96
C THR A 51 9.06 2.73 -0.96
N LEU A 52 9.16 1.76 -1.86
CA LEU A 52 8.17 0.70 -1.97
C LEU A 52 8.06 -0.08 -0.66
N LYS A 53 9.20 -0.52 -0.14
CA LYS A 53 9.22 -1.28 1.11
C LYS A 53 8.53 -0.50 2.22
N LYS A 54 8.53 0.82 2.12
CA LYS A 54 7.89 1.67 3.11
C LYS A 54 6.38 1.48 3.09
N LEU A 55 5.77 1.73 1.93
CA LEU A 55 4.32 1.57 1.79
C LEU A 55 3.89 0.14 2.10
N ALA A 56 4.83 -0.79 2.02
CA ALA A 56 4.54 -2.19 2.29
C ALA A 56 4.52 -2.46 3.79
N GLU A 57 5.56 -2.01 4.48
CA GLU A 57 5.66 -2.20 5.92
C GLU A 57 4.44 -1.64 6.64
N SER A 58 3.89 -0.55 6.10
CA SER A 58 2.71 0.08 6.68
C SER A 58 1.44 -0.61 6.23
N LEU A 59 1.31 -0.80 4.92
CA LEU A 59 0.14 -1.44 4.34
C LEU A 59 -1.12 -0.62 4.59
N SER A 60 -1.05 0.67 4.31
CA SER A 60 -2.17 1.57 4.50
C SER A 60 -2.30 2.55 3.32
N SER A 61 -3.47 2.58 2.70
CA SER A 61 -3.71 3.46 1.57
C SER A 61 -4.00 4.89 2.03
N ASP A 62 -2.93 5.65 2.26
CA ASP A 62 -3.06 7.04 2.71
C ASP A 62 -2.30 7.97 1.77
N PRO A 63 -2.69 9.25 1.73
CA PRO A 63 -2.04 10.23 0.87
C PRO A 63 -0.86 10.94 1.56
N GLU A 64 -1.09 11.44 2.76
CA GLU A 64 -0.05 12.14 3.52
C GLU A 64 1.00 11.16 4.06
N VAL A 65 0.54 10.00 4.52
CA VAL A 65 1.43 8.99 5.05
C VAL A 65 2.56 8.66 4.06
N LEU A 66 2.28 8.89 2.78
CA LEU A 66 3.27 8.61 1.74
C LEU A 66 4.21 9.80 1.55
N LEU A 67 3.70 11.00 1.80
CA LEU A 67 4.50 12.21 1.67
C LEU A 67 5.74 12.14 2.55
N GLN A 68 5.58 11.54 3.73
CA GLN A 68 6.69 11.40 4.67
C GLN A 68 7.65 10.31 4.23
N ILE A 69 7.18 9.39 3.39
CA ILE A 69 7.99 8.30 2.90
C ILE A 69 9.15 8.82 2.05
N ASP A 70 10.31 8.18 2.18
CA ASP A 70 11.50 8.58 1.43
C ASP A 70 11.30 8.33 -0.06
N GLY A 71 11.61 9.35 -0.86
CA GLY A 71 11.47 9.24 -2.30
C GLY A 71 10.16 9.80 -2.79
N VAL A 72 9.11 9.64 -2.00
CA VAL A 72 7.79 10.14 -2.37
C VAL A 72 7.67 11.64 -2.12
N THR A 73 7.06 12.34 -3.05
CA THR A 73 6.88 13.79 -2.93
C THR A 73 5.45 14.19 -3.27
N GLU A 74 5.18 15.49 -3.24
CA GLU A 74 3.84 16.01 -3.53
C GLU A 74 3.50 15.81 -5.00
N ASP A 75 4.50 15.88 -5.87
CA ASP A 75 4.30 15.71 -7.30
C ASP A 75 4.12 14.24 -7.67
N LYS A 76 4.74 13.36 -6.88
CA LYS A 76 4.65 11.92 -7.13
C LYS A 76 3.41 11.34 -6.46
N LEU A 77 3.02 11.93 -5.34
CA LEU A 77 1.85 11.47 -4.60
C LEU A 77 0.56 12.02 -5.20
N GLU A 78 0.68 13.18 -5.86
CA GLU A 78 -0.48 13.81 -6.48
C GLU A 78 -0.70 13.27 -7.90
N LYS A 79 0.36 12.75 -8.51
CA LYS A 79 0.28 12.21 -9.86
C LYS A 79 0.08 10.69 -9.84
N TYR A 80 0.98 10.00 -9.15
CA TYR A 80 0.90 8.54 -9.07
C TYR A 80 -0.08 8.11 -7.98
N GLY A 81 -0.32 8.98 -7.01
CA GLY A 81 -1.25 8.64 -5.93
C GLY A 81 -2.55 8.04 -6.42
N ALA A 82 -2.96 8.41 -7.63
CA ALA A 82 -4.19 7.91 -8.22
C ALA A 82 -4.07 6.44 -8.59
N GLU A 83 -2.85 6.00 -8.89
CA GLU A 83 -2.60 4.61 -9.26
C GLU A 83 -2.15 3.79 -8.06
N VAL A 84 -1.03 4.18 -7.45
CA VAL A 84 -0.50 3.48 -6.30
C VAL A 84 -1.58 3.20 -5.26
N ILE A 85 -2.28 4.26 -4.83
CA ILE A 85 -3.33 4.12 -3.84
C ILE A 85 -4.41 3.16 -4.31
N SER A 86 -4.59 3.07 -5.63
CA SER A 86 -5.59 2.18 -6.20
C SER A 86 -5.33 0.74 -5.77
N VAL A 87 -4.05 0.41 -5.62
CA VAL A 87 -3.65 -0.93 -5.21
C VAL A 87 -3.52 -1.04 -3.69
N LEU A 88 -3.39 0.10 -3.02
CA LEU A 88 -3.26 0.13 -1.57
C LEU A 88 -4.61 0.10 -0.87
N GLN A 89 -5.66 0.46 -1.59
CA GLN A 89 -7.01 0.49 -1.03
C GLN A 89 -7.37 -0.86 -0.41
N LYS A 90 -6.79 -1.93 -0.95
CA LYS A 90 -7.05 -3.28 -0.47
C LYS A 90 -6.44 -3.50 0.91
N TYR A 91 -5.34 -2.80 1.19
CA TYR A 91 -4.66 -2.93 2.47
C TYR A 91 -5.48 -2.28 3.58
N SER A 92 -5.86 -1.03 3.38
CA SER A 92 -6.64 -0.29 4.38
C SER A 92 -7.92 -1.05 4.73
N GLU A 93 -8.40 -1.87 3.80
CA GLU A 93 -9.62 -2.65 4.02
C GLU A 93 -9.28 -4.02 4.62
N TRP A 94 -8.08 -4.50 4.36
CA TRP A 94 -7.64 -5.80 4.87
C TRP A 94 -6.64 -5.65 6.02
N THR A 95 -6.53 -4.44 6.56
CA THR A 95 -5.60 -4.18 7.65
C THR A 95 -6.32 -4.22 9.00
N SER A 96 -7.60 -3.83 8.99
CA SER A 96 -8.39 -3.83 10.21
C SER A 96 -9.22 -5.10 10.34
N PRO A 97 -8.85 -6.01 11.25
CA PRO A 97 -9.57 -7.27 11.45
C PRO A 97 -10.86 -7.07 12.22
N ALA A 98 -11.98 -7.11 11.49
CA ALA A 98 -13.30 -6.95 12.12
C ALA A 98 -14.40 -7.40 11.17
N GLU A 99 -14.63 -6.63 10.11
CA GLU A 99 -15.66 -6.96 9.13
C GLU A 99 -15.07 -7.68 7.92
N ASP A 100 -15.67 -8.80 7.56
CA ASP A 100 -15.21 -9.59 6.43
C ASP A 100 -13.78 -10.07 6.65
N SER A 101 -13.64 -11.33 7.04
CA SER A 101 -12.32 -11.91 7.29
C SER A 101 -12.02 -13.02 6.29
N GLY A 1 -22.39 -19.04 30.99
CA GLY A 1 -22.28 -18.03 29.91
C GLY A 1 -22.50 -18.61 28.53
N ILE A 2 -22.73 -17.75 27.56
CA ILE A 2 -22.96 -18.19 26.18
C ILE A 2 -22.41 -17.18 25.18
N PRO A 3 -21.71 -17.65 24.13
CA PRO A 3 -21.14 -16.77 23.10
C PRO A 3 -22.20 -16.24 22.15
N GLU A 4 -22.62 -14.99 22.38
CA GLU A 4 -23.62 -14.37 21.53
C GLU A 4 -23.29 -12.89 21.31
N PHE A 5 -23.85 -12.33 20.24
CA PHE A 5 -23.61 -10.92 19.91
C PHE A 5 -22.13 -10.66 19.67
N LYS A 6 -21.85 -9.56 18.97
CA LYS A 6 -20.46 -9.19 18.65
C LYS A 6 -19.79 -10.25 17.78
N GLN A 7 -19.32 -11.32 18.42
CA GLN A 7 -18.65 -12.40 17.70
C GLN A 7 -17.46 -11.88 16.90
N LYS A 8 -16.93 -10.73 17.31
CA LYS A 8 -15.79 -10.14 16.64
C LYS A 8 -16.04 -10.00 15.13
N ALA A 9 -15.04 -9.50 14.42
CA ALA A 9 -15.15 -9.33 12.97
C ALA A 9 -14.23 -10.29 12.23
N LEU A 10 -12.93 -10.15 12.46
CA LEU A 10 -11.95 -11.02 11.81
C LEU A 10 -10.54 -10.70 12.31
N VAL A 11 -9.97 -11.61 13.09
CA VAL A 11 -8.64 -11.44 13.63
C VAL A 11 -7.88 -12.76 13.70
N ALA A 12 -6.57 -12.70 13.51
CA ALA A 12 -5.73 -13.89 13.56
C ALA A 12 -4.25 -13.53 13.58
N LYS A 13 -3.81 -12.76 12.59
CA LYS A 13 -2.42 -12.34 12.51
C LYS A 13 -1.50 -13.55 12.41
N VAL A 14 -1.99 -14.63 11.81
CA VAL A 14 -1.21 -15.85 11.66
C VAL A 14 -0.43 -15.82 10.35
N SER A 15 0.66 -15.06 10.32
CA SER A 15 1.49 -14.94 9.13
C SER A 15 0.72 -14.30 7.97
N GLN A 16 -0.40 -13.67 8.29
CA GLN A 16 -1.22 -13.02 7.26
C GLN A 16 -0.81 -11.55 7.09
N ARG A 17 -0.38 -10.93 8.18
CA ARG A 17 0.04 -9.54 8.14
C ARG A 17 1.37 -9.38 7.41
N GLU A 18 2.38 -10.13 7.86
CA GLU A 18 3.70 -10.08 7.25
C GLU A 18 3.63 -10.44 5.76
N GLU A 19 2.66 -11.29 5.41
CA GLU A 19 2.48 -11.70 4.03
C GLU A 19 1.85 -10.59 3.19
N MET A 20 1.07 -9.73 3.85
CA MET A 20 0.40 -8.63 3.18
C MET A 20 1.38 -7.52 2.82
N VAL A 21 2.18 -7.09 3.81
CA VAL A 21 3.16 -6.04 3.58
C VAL A 21 4.11 -6.41 2.45
N LYS A 22 4.56 -7.66 2.45
CA LYS A 22 5.46 -8.14 1.42
C LYS A 22 4.77 -8.09 0.06
N LYS A 23 3.49 -8.46 0.04
CA LYS A 23 2.71 -8.45 -1.19
C LYS A 23 2.60 -7.04 -1.74
N CYS A 24 2.60 -6.06 -0.84
CA CYS A 24 2.52 -4.65 -1.24
C CYS A 24 3.73 -4.27 -2.08
N LEU A 25 4.89 -4.77 -1.70
CA LEU A 25 6.12 -4.48 -2.42
C LEU A 25 6.05 -5.01 -3.84
N GLY A 26 5.39 -6.15 -4.01
CA GLY A 26 5.25 -6.74 -5.33
C GLY A 26 4.19 -6.05 -6.18
N GLU A 27 2.97 -6.00 -5.67
CA GLU A 27 1.86 -5.36 -6.38
C GLU A 27 2.22 -3.93 -6.77
N LEU A 28 2.85 -3.22 -5.85
CA LEU A 28 3.24 -1.83 -6.09
C LEU A 28 4.25 -1.75 -7.23
N THR A 29 5.06 -2.78 -7.37
CA THR A 29 6.06 -2.83 -8.43
C THR A 29 5.40 -2.79 -9.79
N GLU A 30 4.21 -3.40 -9.88
CA GLU A 30 3.47 -3.43 -11.14
C GLU A 30 2.94 -2.04 -11.50
N VAL A 31 2.14 -1.46 -10.61
CA VAL A 31 1.58 -0.14 -10.83
C VAL A 31 2.67 0.87 -11.14
N CYS A 32 3.85 0.66 -10.57
CA CYS A 32 4.98 1.55 -10.80
C CYS A 32 5.41 1.51 -12.26
N LYS A 33 5.41 0.33 -12.85
CA LYS A 33 5.79 0.15 -14.25
C LYS A 33 4.70 0.66 -15.18
N SER A 34 3.45 0.30 -14.87
CA SER A 34 2.31 0.72 -15.67
C SER A 34 2.26 2.24 -15.79
N LEU A 35 2.70 2.92 -14.75
CA LEU A 35 2.72 4.38 -14.74
C LEU A 35 3.85 4.91 -15.63
N GLY A 36 4.91 4.12 -15.75
CA GLY A 36 6.04 4.53 -16.56
C GLY A 36 5.79 4.32 -18.04
N LYS A 37 5.07 3.26 -18.38
CA LYS A 37 4.77 2.96 -19.78
C LYS A 37 3.69 3.89 -20.31
N VAL A 38 2.83 4.37 -19.42
CA VAL A 38 1.75 5.27 -19.81
C VAL A 38 2.23 6.72 -19.87
N PHE A 39 2.97 7.14 -18.85
CA PHE A 39 3.49 8.50 -18.79
C PHE A 39 4.82 8.61 -19.54
N GLY A 40 5.54 7.50 -19.62
CA GLY A 40 6.82 7.51 -20.31
C GLY A 40 7.99 7.73 -19.37
N VAL A 41 7.80 7.38 -18.11
CA VAL A 41 8.85 7.53 -17.11
C VAL A 41 9.41 6.18 -16.67
N HIS A 42 10.67 6.16 -16.25
CA HIS A 42 11.32 4.94 -15.82
C HIS A 42 10.59 4.32 -14.63
N TYR A 43 10.83 3.03 -14.41
CA TYR A 43 10.20 2.31 -13.30
C TYR A 43 10.57 2.95 -11.96
N PHE A 44 11.86 3.16 -11.74
CA PHE A 44 12.35 3.76 -10.50
C PHE A 44 11.90 5.21 -10.39
N ASN A 45 11.49 5.80 -11.52
CA ASN A 45 11.03 7.18 -11.53
C ASN A 45 9.85 7.40 -10.59
N ILE A 46 9.05 6.35 -10.41
CA ILE A 46 7.88 6.43 -9.53
C ILE A 46 8.29 6.40 -8.06
N PHE A 47 8.80 5.25 -7.62
CA PHE A 47 9.23 5.08 -6.24
C PHE A 47 10.53 4.29 -6.16
N ASN A 48 11.24 4.44 -5.04
CA ASN A 48 12.49 3.74 -4.83
C ASN A 48 12.27 2.44 -4.06
N THR A 49 13.27 1.57 -4.08
CA THR A 49 13.19 0.29 -3.38
C THR A 49 12.85 0.49 -1.91
N VAL A 50 13.46 1.51 -1.31
CA VAL A 50 13.23 1.81 0.10
C VAL A 50 11.86 2.43 0.32
N THR A 51 11.32 3.07 -0.72
CA THR A 51 10.02 3.71 -0.64
C THR A 51 8.90 2.68 -0.65
N LEU A 52 8.96 1.73 -1.58
CA LEU A 52 7.96 0.69 -1.70
C LEU A 52 7.86 -0.13 -0.43
N LYS A 53 9.00 -0.52 0.11
CA LYS A 53 9.05 -1.32 1.34
C LYS A 53 8.38 -0.57 2.49
N LYS A 54 8.49 0.75 2.48
CA LYS A 54 7.88 1.58 3.52
C LYS A 54 6.36 1.45 3.52
N LEU A 55 5.75 1.77 2.39
CA LEU A 55 4.30 1.68 2.25
C LEU A 55 3.80 0.26 2.53
N ALA A 56 4.70 -0.71 2.40
CA ALA A 56 4.35 -2.11 2.63
C ALA A 56 4.24 -2.40 4.13
N GLU A 57 5.30 -2.10 4.86
CA GLU A 57 5.32 -2.34 6.30
C GLU A 57 4.13 -1.66 6.98
N SER A 58 3.71 -0.52 6.44
CA SER A 58 2.60 0.23 7.00
C SER A 58 1.27 -0.45 6.65
N LEU A 59 1.12 -0.84 5.39
CA LEU A 59 -0.09 -1.50 4.93
C LEU A 59 -1.31 -0.57 5.05
N SER A 60 -1.12 0.69 4.68
CA SER A 60 -2.19 1.68 4.74
C SER A 60 -2.17 2.58 3.52
N SER A 61 -3.33 2.82 2.94
CA SER A 61 -3.45 3.67 1.76
C SER A 61 -3.77 5.12 2.15
N ASP A 62 -2.73 5.87 2.46
CA ASP A 62 -2.88 7.26 2.85
C ASP A 62 -2.04 8.17 1.95
N PRO A 63 -2.42 9.46 1.84
CA PRO A 63 -1.70 10.42 1.01
C PRO A 63 -0.55 11.11 1.74
N GLU A 64 -0.82 11.59 2.96
CA GLU A 64 0.19 12.28 3.76
C GLU A 64 1.19 11.29 4.34
N VAL A 65 0.68 10.16 4.80
CA VAL A 65 1.51 9.11 5.38
C VAL A 65 2.70 8.79 4.47
N LEU A 66 2.52 9.01 3.18
CA LEU A 66 3.57 8.74 2.21
C LEU A 66 4.49 9.96 2.04
N LEU A 67 3.93 11.14 2.23
CA LEU A 67 4.69 12.38 2.11
C LEU A 67 5.94 12.32 2.98
N GLN A 68 5.81 11.70 4.16
CA GLN A 68 6.92 11.56 5.08
C GLN A 68 7.87 10.46 4.63
N ILE A 69 7.35 9.52 3.84
CA ILE A 69 8.15 8.41 3.35
C ILE A 69 9.26 8.91 2.43
N ASP A 70 10.47 8.37 2.60
CA ASP A 70 11.61 8.76 1.79
C ASP A 70 11.39 8.37 0.32
N GLY A 71 11.57 9.34 -0.57
CA GLY A 71 11.39 9.08 -1.99
C GLY A 71 10.08 9.63 -2.51
N VAL A 72 9.06 9.64 -1.67
CA VAL A 72 7.74 10.15 -2.06
C VAL A 72 7.69 11.67 -1.92
N THR A 73 7.07 12.32 -2.90
CA THR A 73 6.94 13.78 -2.89
C THR A 73 5.51 14.20 -3.23
N GLU A 74 5.29 15.51 -3.31
CA GLU A 74 3.98 16.04 -3.63
C GLU A 74 3.61 15.73 -5.08
N ASP A 75 4.61 15.67 -5.94
CA ASP A 75 4.39 15.39 -7.35
C ASP A 75 4.13 13.90 -7.58
N LYS A 76 4.80 13.06 -6.81
CA LYS A 76 4.64 11.62 -6.92
C LYS A 76 3.28 11.17 -6.40
N LEU A 77 2.84 11.79 -5.31
CA LEU A 77 1.55 11.45 -4.71
C LEU A 77 0.41 12.19 -5.41
N GLU A 78 0.75 13.17 -6.25
CA GLU A 78 -0.25 13.94 -6.97
C GLU A 78 -0.69 13.23 -8.24
N LYS A 79 0.28 12.65 -8.95
CA LYS A 79 0.01 11.94 -10.19
C LYS A 79 -0.20 10.45 -9.92
N TYR A 80 0.81 9.81 -9.35
CA TYR A 80 0.75 8.39 -9.03
C TYR A 80 -0.23 8.11 -7.89
N GLY A 81 -0.67 9.17 -7.22
CA GLY A 81 -1.59 9.01 -6.10
C GLY A 81 -2.91 8.37 -6.52
N ALA A 82 -3.17 8.32 -7.82
CA ALA A 82 -4.41 7.72 -8.31
C ALA A 82 -4.21 6.27 -8.76
N GLU A 83 -2.98 5.93 -9.12
CA GLU A 83 -2.67 4.58 -9.58
C GLU A 83 -2.11 3.71 -8.46
N VAL A 84 -0.88 4.02 -8.04
CA VAL A 84 -0.22 3.25 -6.97
C VAL A 84 -1.08 3.17 -5.73
N ILE A 85 -1.87 4.21 -5.46
CA ILE A 85 -2.73 4.22 -4.29
C ILE A 85 -3.91 3.26 -4.49
N SER A 86 -4.36 3.15 -5.73
CA SER A 86 -5.47 2.25 -6.05
C SER A 86 -5.13 0.82 -5.63
N VAL A 87 -3.85 0.50 -5.67
CA VAL A 87 -3.38 -0.82 -5.28
C VAL A 87 -3.24 -0.93 -3.77
N LEU A 88 -3.11 0.21 -3.11
CA LEU A 88 -2.97 0.24 -1.65
C LEU A 88 -4.32 0.19 -0.95
N GLN A 89 -5.36 0.64 -1.65
CA GLN A 89 -6.71 0.62 -1.08
C GLN A 89 -7.06 -0.75 -0.52
N LYS A 90 -6.52 -1.79 -1.14
CA LYS A 90 -6.75 -3.16 -0.71
C LYS A 90 -6.17 -3.39 0.68
N TYR A 91 -4.94 -2.93 0.89
CA TYR A 91 -4.27 -3.09 2.18
C TYR A 91 -5.07 -2.41 3.28
N SER A 92 -5.63 -1.25 2.96
CA SER A 92 -6.42 -0.48 3.92
C SER A 92 -7.59 -1.32 4.44
N GLU A 93 -8.09 -2.21 3.59
CA GLU A 93 -9.22 -3.07 3.96
C GLU A 93 -8.75 -4.25 4.80
N TRP A 94 -7.50 -4.67 4.57
CA TRP A 94 -6.94 -5.81 5.29
C TRP A 94 -6.43 -5.38 6.67
N THR A 95 -5.87 -4.18 6.74
CA THR A 95 -5.34 -3.65 7.99
C THR A 95 -6.46 -3.28 8.96
N SER A 96 -7.68 -3.16 8.43
CA SER A 96 -8.83 -2.80 9.26
C SER A 96 -9.43 -4.05 9.92
N PRO A 97 -9.79 -3.95 11.21
CA PRO A 97 -10.36 -5.07 11.95
C PRO A 97 -11.83 -5.30 11.62
N ALA A 98 -12.12 -5.59 10.35
CA ALA A 98 -13.48 -5.83 9.91
C ALA A 98 -13.51 -6.32 8.46
N GLU A 99 -14.47 -7.19 8.15
CA GLU A 99 -14.60 -7.73 6.81
C GLU A 99 -16.05 -8.11 6.52
N ASP A 100 -16.73 -7.28 5.74
CA ASP A 100 -18.12 -7.54 5.38
C ASP A 100 -18.23 -8.66 4.36
N SER A 101 -17.94 -9.88 4.81
CA SER A 101 -18.00 -11.05 3.93
C SER A 101 -17.68 -12.32 4.70
#